data_4Y5W
#
_entry.id   4Y5W
#
_cell.length_a   68.298
_cell.length_b   94.241
_cell.length_c   147.785
_cell.angle_alpha   99.85
_cell.angle_beta   101.73
_cell.angle_gamma   89.93
#
_symmetry.space_group_name_H-M   'P 1'
#
loop_
_entity.id
_entity.type
_entity.pdbx_description
1 polymer 'Signal transducer and activator of transcription 6'
2 polymer "DNA (5'-D(P*AP*TP*GP*GP*AP*TP*TP*TP*CP*CP*TP*AP*GP*GP*AP*AP*GP*AP*CP*AP*A)-3')"
3 polymer "DNA (5'-D(P*TP*TP*GP*TP*CP*TP*TP*CP*CP*TP*AP*GP*GP*AP*AP*AP*TP*CP*CP*AP*T)-3')"
4 water water
#
loop_
_entity_poly.entity_id
_entity_poly.type
_entity_poly.pdbx_seq_one_letter_code
_entity_poly.pdbx_strand_id
1 'polypeptide(L)'
;SNAQFRHLPMPFHWKQEELKFKTGLRRLQHRVGEIHLLREALQKGAEAGQVSLHSLIETPANGTGPSEALAMLLQETTGE
LEAAKALVLKRIQIWKRQQQLAGNGAPFEESLAPLQERCESLVDIYSQLQQEVGAAGGELEPKTRASLTGRLDEVLRTLV
TSCFLVEKQPPQVLKTQTKFQAGVRFLLGLRFLGAPAKPPLVRADMVTEKQARELSVPQGPGAGAESTGEIINNTVPLEN
SIPGNCCSALFKNLLLKKIKRCERKGTESVTEEKCAVLFSASFTLGPGKLPIQLQALSLPLVVIVHGNQDNNAKATILWD
NAFSEMDRVPFVVAERVPWEKMCETLNLKFMAEVGTNRGLLPEHFLFLAQKIFNDNSLSMEAFQHRSVSWSQFNKEILLG
RGFTFWQWFDGVLDLTKRCLRSYWSDRLIIGFISKQYVTSLLLNEPDGTFLLRFSDSEIGGITIAHVIRGQDGSPQIENI
QPFSAKDLSIRSLGDRIRDLAQLKNLYPKKPKDEAFRSHYKPEQMGKDGRG(PTR)VPATIKMTVERDQPLPT
;
A,B,D,C
2 'polydeoxyribonucleotide'
;(DA)(DT)(DG)(DG)(DA)(DT)(DT)(DT)(DC)(DC)(DT)(DA)(DG)(DG)(DA)(DA)(DG)(DA)(DC)(DA)
(DG)(DA)
;
E,M
3 'polydeoxyribonucleotide'
;(DT)(DC)(DT)(DG)(DT)(DC)(DT)(DT)(DC)(DC)(DT)(DA)(DG)(DG)(DA)(DA)(DA)(DT)(DC)(DC)
(DA)(DT)
;
F,N
#
# COMPACT_ATOMS: atom_id res chain seq x y z
N LYS A 20 19.29 24.25 -29.12
CA LYS A 20 18.87 25.26 -28.16
C LYS A 20 17.86 26.21 -28.80
N PHE A 21 17.29 27.09 -27.99
CA PHE A 21 16.20 27.95 -28.40
C PHE A 21 16.73 29.31 -28.87
N LYS A 22 17.98 29.59 -28.53
CA LYS A 22 18.58 30.87 -28.92
C LYS A 22 19.06 30.84 -30.35
N THR A 23 19.48 29.67 -30.83
CA THR A 23 19.89 29.53 -32.23
C THR A 23 18.67 29.90 -33.07
N GLY A 24 17.52 29.41 -32.60
CA GLY A 24 16.24 29.71 -33.18
C GLY A 24 15.92 31.18 -33.10
N LEU A 25 16.37 31.86 -32.04
CA LEU A 25 16.10 33.30 -31.95
C LEU A 25 16.93 34.13 -32.93
N ARG A 26 18.21 33.77 -33.08
CA ARG A 26 19.08 34.57 -33.92
C ARG A 26 18.92 34.17 -35.38
N ARG A 27 18.23 33.07 -35.63
CA ARG A 27 17.89 32.74 -37.01
C ARG A 27 16.72 33.62 -37.45
N LEU A 28 15.77 33.85 -36.55
CA LEU A 28 14.65 34.74 -36.82
C LEU A 28 15.20 36.14 -37.03
N GLN A 29 16.14 36.53 -36.18
CA GLN A 29 16.68 37.88 -36.24
C GLN A 29 17.57 38.08 -37.48
N HIS A 30 18.28 37.04 -37.89
CA HIS A 30 19.09 37.11 -39.11
C HIS A 30 18.16 37.24 -40.31
N ARG A 31 17.03 36.55 -40.24
CA ARG A 31 16.03 36.67 -41.28
C ARG A 31 15.49 38.10 -41.31
N VAL A 32 15.40 38.73 -40.15
CA VAL A 32 15.02 40.14 -40.09
C VAL A 32 16.02 41.02 -40.84
N GLY A 33 17.30 40.76 -40.62
CA GLY A 33 18.33 41.49 -41.36
C GLY A 33 18.18 41.34 -42.87
N GLU A 34 17.97 40.09 -43.28
CA GLU A 34 17.78 39.79 -44.71
C GLU A 34 16.57 40.55 -45.24
N ILE A 35 15.50 40.58 -44.46
CA ILE A 35 14.30 41.33 -44.82
C ILE A 35 14.63 42.79 -45.07
N HIS A 36 15.41 43.39 -44.17
CA HIS A 36 15.80 44.79 -44.30
C HIS A 36 16.54 45.02 -45.62
N LEU A 37 17.57 44.21 -45.86
CA LEU A 37 18.36 44.39 -47.08
C LEU A 37 17.54 44.18 -48.35
N LEU A 38 16.68 43.16 -48.35
CA LEU A 38 15.80 42.91 -49.49
C LEU A 38 14.87 44.08 -49.74
N ARG A 39 14.33 44.65 -48.66
CA ARG A 39 13.45 45.80 -48.81
C ARG A 39 14.19 46.96 -49.43
N GLU A 40 15.37 47.29 -48.90
CA GLU A 40 16.10 48.45 -49.46
C GLU A 40 16.69 48.15 -50.83
N ALA A 41 16.64 46.88 -51.23
CA ALA A 41 17.02 46.49 -52.58
C ALA A 41 15.88 46.77 -53.56
N LEU A 42 14.65 46.45 -53.13
CA LEU A 42 13.47 46.60 -53.98
C LEU A 42 12.90 48.03 -54.01
N GLN A 43 13.70 49.01 -53.62
CA GLN A 43 13.32 50.43 -53.72
C GLN A 43 14.22 51.13 -54.70
N LYS A 44 15.24 50.40 -55.16
CA LYS A 44 16.31 50.87 -56.05
C LYS A 44 16.49 52.38 -56.11
N ALA A 69 6.27 43.06 -55.34
CA ALA A 69 6.95 41.80 -55.58
C ALA A 69 7.37 41.13 -54.28
N LEU A 70 7.04 39.85 -54.15
CA LEU A 70 7.40 39.02 -53.00
C LEU A 70 8.90 38.68 -52.98
N ALA A 71 9.61 38.85 -51.85
CA ALA A 71 9.13 39.23 -50.50
C ALA A 71 8.01 38.34 -49.94
N MET A 72 8.08 37.04 -50.23
CA MET A 72 7.15 36.10 -49.61
C MET A 72 7.80 35.58 -48.34
N LEU A 73 9.06 35.95 -48.17
CA LEU A 73 9.88 35.47 -47.07
C LEU A 73 9.31 35.96 -45.75
N LEU A 74 8.55 37.05 -45.81
CA LEU A 74 7.96 37.59 -44.60
C LEU A 74 7.02 36.57 -44.00
N GLN A 75 6.22 35.92 -44.84
CA GLN A 75 5.30 34.92 -44.29
C GLN A 75 6.12 33.83 -43.66
N GLU A 76 7.19 33.45 -44.37
CA GLU A 76 8.10 32.44 -43.86
C GLU A 76 8.54 32.85 -42.48
N THR A 77 9.07 34.07 -42.37
CA THR A 77 9.60 34.52 -41.09
C THR A 77 8.49 34.55 -40.05
N THR A 78 7.31 35.03 -40.47
CA THR A 78 6.17 35.09 -39.56
C THR A 78 5.83 33.69 -39.07
N GLY A 79 5.89 32.75 -40.01
CA GLY A 79 5.61 31.36 -39.68
C GLY A 79 6.58 30.86 -38.62
N GLU A 80 7.83 31.25 -38.74
CA GLU A 80 8.82 30.82 -37.77
C GLU A 80 8.66 31.54 -36.44
N LEU A 81 8.08 32.73 -36.47
CA LEU A 81 7.83 33.44 -35.22
C LEU A 81 6.72 32.78 -34.41
N GLU A 82 5.60 32.48 -35.08
CA GLU A 82 4.47 31.87 -34.41
C GLU A 82 4.83 30.49 -33.86
N ALA A 83 5.72 29.80 -34.54
CA ALA A 83 6.25 28.55 -34.01
C ALA A 83 6.95 28.83 -32.69
N ALA A 84 7.92 29.76 -32.75
CA ALA A 84 8.71 30.10 -31.57
C ALA A 84 7.82 30.51 -30.42
N LYS A 85 6.85 31.36 -30.71
CA LYS A 85 5.93 31.86 -29.70
C LYS A 85 5.23 30.69 -29.04
N ALA A 86 4.77 29.74 -29.83
CA ALA A 86 4.06 28.58 -29.29
C ALA A 86 4.95 27.85 -28.30
N LEU A 87 6.21 27.68 -28.67
CA LEU A 87 7.14 26.97 -27.80
C LEU A 87 7.28 27.71 -26.50
N VAL A 88 7.43 29.03 -26.59
CA VAL A 88 7.61 29.82 -25.39
C VAL A 88 6.37 29.69 -24.53
N LEU A 89 5.22 29.62 -25.20
CA LEU A 89 3.96 29.54 -24.47
C LEU A 89 3.94 28.24 -23.72
N LYS A 90 4.46 27.19 -24.35
CA LYS A 90 4.38 25.89 -23.77
C LYS A 90 5.34 25.82 -22.61
N ARG A 91 6.43 26.58 -22.69
CA ARG A 91 7.39 26.57 -21.60
C ARG A 91 6.77 27.29 -20.41
N ILE A 92 5.93 28.27 -20.71
CA ILE A 92 5.21 28.97 -19.66
C ILE A 92 4.34 27.95 -18.96
N GLN A 93 3.65 27.13 -19.76
CA GLN A 93 2.72 26.15 -19.22
C GLN A 93 3.47 25.15 -18.38
N ILE A 94 4.74 24.92 -18.72
CA ILE A 94 5.56 24.06 -17.88
C ILE A 94 5.78 24.67 -16.51
N TRP A 95 6.20 25.94 -16.49
CA TRP A 95 6.49 26.63 -15.23
C TRP A 95 5.33 26.59 -14.25
N LYS A 96 4.13 26.86 -14.76
CA LYS A 96 2.94 26.86 -13.92
C LYS A 96 2.77 25.50 -13.28
N ARG A 97 3.01 24.46 -14.06
CA ARG A 97 2.78 23.11 -13.56
C ARG A 97 3.80 22.80 -12.50
N GLN A 98 5.03 23.27 -12.70
CA GLN A 98 6.03 23.06 -11.68
C GLN A 98 5.61 23.78 -10.41
N GLN A 99 5.07 24.98 -10.59
CA GLN A 99 4.58 25.74 -9.46
C GLN A 99 3.48 24.96 -8.78
N GLN A 100 2.64 24.33 -9.60
CA GLN A 100 1.54 23.53 -9.09
C GLN A 100 2.12 22.45 -8.20
N LEU A 101 3.16 21.78 -8.70
CA LEU A 101 3.78 20.71 -7.94
C LEU A 101 4.51 21.25 -6.72
N ALA A 102 5.02 22.47 -6.86
CA ALA A 102 5.81 23.09 -5.80
C ALA A 102 5.01 23.23 -4.51
N GLY A 103 3.72 23.52 -4.67
CA GLY A 103 2.83 23.70 -3.54
C GLY A 103 2.72 22.44 -2.69
N ASN A 104 2.93 21.29 -3.30
CA ASN A 104 2.87 20.04 -2.54
C ASN A 104 4.22 19.66 -1.98
N GLY A 105 5.28 20.27 -2.48
CA GLY A 105 6.60 19.85 -2.04
C GLY A 105 7.37 19.09 -3.10
N ALA A 106 7.87 19.85 -4.07
CA ALA A 106 8.70 19.31 -5.13
C ALA A 106 9.67 20.42 -5.54
N PRO A 107 10.82 20.03 -6.13
CA PRO A 107 11.77 21.09 -6.49
C PRO A 107 11.18 22.12 -7.43
N PHE A 108 11.61 23.36 -7.28
CA PHE A 108 11.12 24.45 -8.11
C PHE A 108 12.31 25.32 -8.48
N GLU A 109 12.26 25.94 -9.66
CA GLU A 109 13.30 26.88 -10.09
C GLU A 109 12.56 28.13 -10.49
N GLU A 110 12.60 29.13 -9.62
CA GLU A 110 11.44 30.00 -9.45
C GLU A 110 11.43 31.27 -10.29
N SER A 111 12.59 31.70 -10.78
CA SER A 111 12.68 33.01 -11.42
C SER A 111 11.94 32.98 -12.76
N LEU A 112 11.32 34.09 -13.13
CA LEU A 112 10.65 34.21 -14.43
C LEU A 112 11.52 34.99 -15.42
N ALA A 113 12.68 35.44 -14.94
CA ALA A 113 13.61 36.24 -15.74
C ALA A 113 14.02 35.60 -17.08
N PRO A 114 14.30 34.28 -17.10
CA PRO A 114 14.60 33.70 -18.43
C PRO A 114 13.40 33.78 -19.37
N LEU A 115 12.23 33.36 -18.89
CA LEU A 115 11.00 33.43 -19.68
C LEU A 115 10.75 34.87 -20.16
N GLN A 116 11.00 35.83 -19.27
CA GLN A 116 10.82 37.23 -19.59
C GLN A 116 11.77 37.66 -20.70
N GLU A 117 13.00 37.15 -20.64
CA GLU A 117 14.01 37.43 -21.65
C GLU A 117 13.55 36.91 -23.00
N ARG A 118 12.99 35.70 -22.97
CA ARG A 118 12.47 35.07 -24.18
C ARG A 118 11.36 35.89 -24.80
N CYS A 119 10.39 36.26 -23.98
CA CYS A 119 9.24 37.04 -24.43
C CYS A 119 9.64 38.42 -24.95
N GLU A 120 10.57 39.07 -24.26
CA GLU A 120 11.08 40.38 -24.69
C GLU A 120 11.75 40.29 -26.05
N SER A 121 12.61 39.30 -26.23
CA SER A 121 13.28 39.15 -27.51
C SER A 121 12.25 38.87 -28.60
N LEU A 122 11.25 38.07 -28.26
CA LEU A 122 10.22 37.70 -29.22
C LEU A 122 9.37 38.89 -29.67
N VAL A 123 8.97 39.74 -28.73
CA VAL A 123 8.19 40.92 -29.09
C VAL A 123 9.07 41.92 -29.82
N ASP A 124 10.37 41.90 -29.56
CA ASP A 124 11.30 42.71 -30.34
C ASP A 124 11.19 42.27 -31.80
N ILE A 125 11.26 40.96 -32.02
CA ILE A 125 11.14 40.42 -33.36
C ILE A 125 9.79 40.77 -34.00
N TYR A 126 8.72 40.69 -33.22
CA TYR A 126 7.40 41.09 -33.70
C TYR A 126 7.42 42.51 -34.21
N SER A 127 7.97 43.40 -33.38
CA SER A 127 8.03 44.82 -33.68
C SER A 127 8.79 45.05 -34.97
N GLN A 128 9.95 44.44 -35.11
CA GLN A 128 10.74 44.64 -36.32
C GLN A 128 10.04 44.10 -37.57
N LEU A 129 9.32 42.98 -37.44
CA LEU A 129 8.54 42.49 -38.58
C LEU A 129 7.45 43.48 -38.97
N GLN A 130 6.64 43.89 -37.99
CA GLN A 130 5.55 44.81 -38.23
C GLN A 130 6.06 46.11 -38.85
N GLN A 131 7.20 46.57 -38.36
CA GLN A 131 7.82 47.78 -38.89
C GLN A 131 8.28 47.59 -40.33
N GLU A 132 8.78 46.40 -40.66
CA GLU A 132 9.23 46.14 -42.02
C GLU A 132 8.04 45.94 -42.96
N VAL A 133 6.87 45.66 -42.39
CA VAL A 133 5.64 45.45 -43.15
C VAL A 133 5.21 46.75 -43.83
N GLY A 134 5.69 47.88 -43.34
CA GLY A 134 5.24 49.15 -43.86
C GLY A 134 5.99 49.61 -45.10
N ALA A 135 6.20 48.67 -46.01
CA ALA A 135 6.64 48.98 -47.36
C ALA A 135 5.49 48.58 -48.27
N ALA A 136 5.17 49.42 -49.27
CA ALA A 136 4.01 49.21 -50.13
C ALA A 136 4.41 48.66 -51.50
N GLY A 137 4.37 47.34 -51.69
CA GLY A 137 3.80 46.40 -50.73
C GLY A 137 3.35 45.11 -51.42
N GLY A 138 4.28 44.32 -51.92
CA GLY A 138 5.69 44.51 -51.62
C GLY A 138 6.50 45.16 -52.74
N GLU A 139 6.97 46.38 -52.51
CA GLU A 139 7.50 47.20 -53.59
C GLU A 139 8.38 48.33 -53.04
N THR A 144 -0.27 45.13 -49.58
CA THR A 144 -1.32 44.41 -50.27
C THR A 144 -1.92 43.32 -49.40
N ARG A 145 -1.08 42.70 -48.58
CA ARG A 145 -1.53 41.62 -47.72
C ARG A 145 -1.76 42.08 -46.29
N ALA A 146 -3.03 42.25 -45.94
CA ALA A 146 -3.45 42.62 -44.58
C ALA A 146 -3.27 41.42 -43.64
N SER A 147 -3.36 40.23 -44.20
CA SER A 147 -3.30 39.00 -43.41
C SER A 147 -2.00 38.85 -42.65
N LEU A 148 -0.90 39.29 -43.25
CA LEU A 148 0.42 39.23 -42.63
C LEU A 148 0.46 39.96 -41.27
N THR A 149 0.08 41.23 -41.29
CA THR A 149 0.06 42.03 -40.06
C THR A 149 -1.01 41.45 -39.15
N GLY A 150 -2.07 40.91 -39.76
CA GLY A 150 -3.15 40.31 -39.01
C GLY A 150 -2.67 39.15 -38.15
N ARG A 151 -1.75 38.35 -38.67
CA ARG A 151 -1.18 37.25 -37.91
C ARG A 151 -0.21 37.78 -36.85
N LEU A 152 0.56 38.80 -37.25
CA LEU A 152 1.53 39.40 -36.33
C LEU A 152 0.85 39.92 -35.07
N ASP A 153 -0.33 40.53 -35.24
CA ASP A 153 -1.06 41.13 -34.13
C ASP A 153 -1.58 40.07 -33.16
N GLU A 154 -1.89 38.88 -33.67
CA GLU A 154 -2.38 37.83 -32.79
C GLU A 154 -1.20 37.17 -32.09
N VAL A 155 -0.04 37.17 -32.75
CA VAL A 155 1.19 36.73 -32.08
C VAL A 155 1.42 37.63 -30.87
N LEU A 156 1.28 38.93 -31.12
CA LEU A 156 1.48 39.92 -30.07
C LEU A 156 0.50 39.72 -28.94
N ARG A 157 -0.78 39.59 -29.28
CA ARG A 157 -1.82 39.61 -28.26
C ARG A 157 -1.79 38.33 -27.42
N THR A 158 -1.57 37.18 -28.06
CA THR A 158 -1.47 35.94 -27.30
C THR A 158 -0.24 35.93 -26.40
N LEU A 159 0.87 36.45 -26.90
CA LEU A 159 2.07 36.51 -26.09
C LEU A 159 1.85 37.40 -24.87
N VAL A 160 1.27 38.58 -25.10
CA VAL A 160 1.02 39.55 -24.04
C VAL A 160 0.07 39.00 -22.98
N THR A 161 -1.08 38.50 -23.42
CA THR A 161 -2.09 37.97 -22.49
C THR A 161 -1.56 36.76 -21.73
N SER A 162 -0.63 36.03 -22.34
CA SER A 162 -0.06 34.87 -21.67
C SER A 162 1.11 35.26 -20.77
N CYS A 163 1.56 36.51 -20.90
CA CYS A 163 2.66 37.00 -20.06
C CYS A 163 2.20 37.53 -18.70
N PHE A 164 0.92 37.34 -18.40
CA PHE A 164 0.36 37.78 -17.12
C PHE A 164 0.21 36.60 -16.17
N LEU A 165 1.12 36.48 -15.21
CA LEU A 165 1.20 35.29 -14.38
C LEU A 165 1.06 35.61 -12.89
N VAL A 166 0.65 34.60 -12.12
CA VAL A 166 0.63 34.72 -10.67
C VAL A 166 1.92 34.17 -10.07
N GLU A 167 2.89 35.05 -9.88
CA GLU A 167 4.20 34.64 -9.40
C GLU A 167 4.16 34.13 -7.95
N LYS A 168 3.62 34.95 -7.05
CA LYS A 168 3.46 34.54 -5.67
C LYS A 168 2.03 34.11 -5.44
N GLN A 169 1.84 32.83 -5.17
CA GLN A 169 0.51 32.28 -4.99
C GLN A 169 0.00 32.54 -3.58
N PRO A 170 -1.30 32.80 -3.44
CA PRO A 170 -1.93 32.91 -2.12
C PRO A 170 -1.94 31.56 -1.41
N PRO A 171 -2.20 31.54 -0.09
CA PRO A 171 -2.29 30.24 0.58
C PRO A 171 -3.41 29.39 -0.02
N GLN A 172 -3.10 28.14 -0.34
CA GLN A 172 -4.08 27.27 -0.99
C GLN A 172 -5.08 26.78 0.04
N VAL A 173 -4.75 26.95 1.32
CA VAL A 173 -5.72 26.80 2.38
C VAL A 173 -5.85 28.17 3.03
N LEU A 174 -7.04 28.75 2.96
CA LEU A 174 -7.23 30.15 3.32
C LEU A 174 -8.28 30.31 4.41
N LYS A 175 -7.89 30.95 5.51
CA LYS A 175 -8.81 31.20 6.61
C LYS A 175 -9.43 32.58 6.49
N THR A 176 -10.75 32.64 6.69
CA THR A 176 -11.47 33.90 6.64
C THR A 176 -10.99 34.81 7.76
N GLN A 177 -11.05 36.12 7.51
CA GLN A 177 -10.61 37.12 8.47
C GLN A 177 -9.17 36.83 8.95
N THR A 178 -8.34 36.43 8.01
CA THR A 178 -6.91 36.25 8.23
C THR A 178 -6.17 36.90 7.06
N LYS A 179 -5.02 37.50 7.35
CA LYS A 179 -4.32 38.30 6.34
C LYS A 179 -3.36 37.44 5.52
N PHE A 180 -3.42 37.64 4.20
CA PHE A 180 -2.59 36.86 3.28
C PHE A 180 -2.07 37.75 2.16
N GLN A 181 -1.10 37.24 1.41
CA GLN A 181 -0.51 38.02 0.33
C GLN A 181 -0.56 37.29 -1.00
N ALA A 182 -0.51 38.05 -2.09
CA ALA A 182 -0.49 37.48 -3.43
C ALA A 182 0.38 38.33 -4.35
N GLY A 183 0.97 37.73 -5.38
CA GLY A 183 1.84 38.46 -6.27
C GLY A 183 1.60 38.15 -7.72
N VAL A 184 1.40 39.20 -8.52
CA VAL A 184 1.14 39.03 -9.95
C VAL A 184 2.26 39.66 -10.79
N ARG A 185 2.58 39.03 -11.91
CA ARG A 185 3.70 39.45 -12.74
C ARG A 185 3.34 39.59 -14.21
N PHE A 186 3.81 40.67 -14.82
CA PHE A 186 3.68 40.87 -16.26
C PHE A 186 5.08 40.89 -16.86
N LEU A 187 5.35 39.97 -17.79
CA LEU A 187 6.70 39.80 -18.31
C LEU A 187 7.09 40.86 -19.33
N LEU A 188 6.12 41.30 -20.13
CA LEU A 188 6.37 42.30 -21.15
C LEU A 188 6.15 43.68 -20.56
N GLY A 189 6.29 43.75 -19.24
CA GLY A 189 6.08 44.95 -18.48
C GLY A 189 7.12 46.04 -18.67
N LEU A 190 8.38 45.64 -18.84
CA LEU A 190 9.42 46.64 -18.97
C LEU A 190 9.46 47.17 -20.39
N ARG A 191 8.61 46.61 -21.24
CA ARG A 191 8.42 47.17 -22.57
C ARG A 191 7.31 48.22 -22.54
N PHE A 192 6.26 47.95 -21.75
CA PHE A 192 5.14 48.87 -21.55
C PHE A 192 4.95 49.29 -20.09
N LEU A 193 5.10 50.57 -19.73
CA LEU A 193 5.70 51.62 -20.53
C LEU A 193 7.19 51.69 -20.29
N GLY A 194 7.88 52.53 -21.06
CA GLY A 194 9.29 52.77 -20.85
C GLY A 194 9.59 53.75 -19.73
N PRO A 196 5.82 58.82 -17.63
CA PRO A 196 5.45 58.84 -19.04
C PRO A 196 4.15 58.06 -19.30
N ALA A 197 4.05 56.88 -18.71
CA ALA A 197 2.86 56.04 -18.87
C ALA A 197 2.18 55.79 -17.53
N LYS A 198 0.87 56.01 -17.49
CA LYS A 198 0.09 55.78 -16.28
C LYS A 198 0.00 54.29 -15.97
N PRO A 199 0.62 53.88 -14.87
CA PRO A 199 0.62 52.47 -14.46
C PRO A 199 -0.80 52.00 -14.15
N PRO A 200 -1.19 50.83 -14.67
CA PRO A 200 -2.50 50.23 -14.37
C PRO A 200 -2.61 49.68 -12.95
N LEU A 201 -3.84 49.48 -12.50
CA LEU A 201 -4.11 48.94 -11.17
C LEU A 201 -4.72 47.56 -11.31
N VAL A 202 -4.21 46.61 -10.54
CA VAL A 202 -4.68 45.24 -10.62
C VAL A 202 -5.70 44.94 -9.52
N ARG A 203 -6.85 44.42 -9.93
CA ARG A 203 -7.91 44.09 -9.00
C ARG A 203 -7.93 42.59 -8.73
N ALA A 204 -8.13 42.21 -7.47
CA ALA A 204 -8.18 40.80 -7.09
C ALA A 204 -9.56 40.45 -6.57
N ASP A 205 -10.19 39.45 -7.18
CA ASP A 205 -11.55 39.10 -6.79
C ASP A 205 -11.70 37.59 -6.56
N MET A 206 -12.45 37.21 -5.53
CA MET A 206 -12.66 35.81 -5.25
C MET A 206 -13.69 35.22 -6.23
N VAL A 207 -13.41 34.01 -6.72
CA VAL A 207 -14.32 33.33 -7.63
C VAL A 207 -14.48 31.86 -7.29
N THR A 208 -15.69 31.34 -7.51
CA THR A 208 -15.98 29.93 -7.32
C THR A 208 -15.43 29.10 -8.49
N GLU A 209 -15.49 27.78 -8.36
CA GLU A 209 -15.04 26.88 -9.42
C GLU A 209 -15.87 27.04 -10.70
N LYS A 210 -17.15 27.31 -10.55
CA LYS A 210 -18.04 27.49 -11.70
C LYS A 210 -17.69 28.76 -12.49
N GLN A 211 -17.48 29.86 -11.78
CA GLN A 211 -17.16 31.14 -12.43
C GLN A 211 -15.79 31.09 -13.11
N ALA A 212 -14.96 30.15 -12.69
CA ALA A 212 -13.65 29.95 -13.33
C ALA A 212 -13.84 29.45 -14.76
N ARG A 213 -14.96 28.77 -15.01
CA ARG A 213 -15.28 28.29 -16.34
C ARG A 213 -16.03 29.38 -17.11
N GLU A 214 -15.30 30.36 -17.66
CA GLU A 214 -15.94 31.42 -18.42
C GLU A 214 -15.14 31.77 -19.68
N THR A 228 -19.41 33.73 -3.13
CA THR A 228 -18.40 34.51 -3.83
C THR A 228 -17.94 35.73 -3.02
N GLY A 229 -17.42 35.44 -1.83
CA GLY A 229 -16.87 36.42 -0.90
C GLY A 229 -15.97 37.47 -1.51
N GLU A 230 -15.86 38.62 -0.87
CA GLU A 230 -15.09 39.72 -1.44
C GLU A 230 -13.91 40.07 -0.54
N ILE A 231 -12.86 40.61 -1.14
CA ILE A 231 -11.57 40.82 -0.47
C ILE A 231 -11.33 42.29 -0.17
N ILE A 232 -10.51 42.55 0.85
CA ILE A 232 -10.24 43.91 1.30
C ILE A 232 -8.83 44.31 0.88
N ASN A 233 -8.66 45.59 0.55
CA ASN A 233 -7.44 46.11 -0.05
C ASN A 233 -7.04 45.28 -1.27
N ASN A 234 -7.93 45.21 -2.25
CA ASN A 234 -7.74 44.37 -3.42
C ASN A 234 -7.11 45.11 -4.61
N THR A 235 -7.03 46.43 -4.52
CA THR A 235 -6.45 47.22 -5.61
C THR A 235 -4.99 47.57 -5.34
N VAL A 236 -4.13 47.19 -6.27
CA VAL A 236 -2.70 47.52 -6.21
C VAL A 236 -2.18 47.87 -7.59
N PRO A 237 -1.41 48.96 -7.69
CA PRO A 237 -0.87 49.36 -8.99
C PRO A 237 0.21 48.42 -9.49
N LEU A 238 0.16 48.10 -10.78
CA LEU A 238 1.14 47.24 -11.43
C LEU A 238 2.36 48.09 -11.78
N GLU A 239 3.45 47.87 -11.05
CA GLU A 239 4.60 48.78 -11.13
C GLU A 239 5.85 48.18 -11.75
N ASN A 240 6.55 49.03 -12.51
CA ASN A 240 7.86 48.70 -13.05
C ASN A 240 9.00 49.04 -12.10
N SER A 241 9.91 48.09 -11.94
CA SER A 241 11.11 48.27 -11.16
C SER A 241 12.35 48.09 -12.03
N ILE A 242 13.08 49.19 -12.20
CA ILE A 242 14.31 49.22 -12.97
C ILE A 242 15.39 48.36 -12.30
N PRO A 243 15.58 48.52 -10.97
CA PRO A 243 16.39 47.45 -10.39
C PRO A 243 15.57 46.18 -10.26
N GLY A 244 16.22 45.03 -10.38
CA GLY A 244 15.51 43.76 -10.34
C GLY A 244 14.90 43.42 -11.69
N ASN A 245 14.85 44.42 -12.56
CA ASN A 245 14.35 44.26 -13.94
C ASN A 245 12.98 43.60 -13.97
N CYS A 246 12.04 44.12 -13.18
CA CYS A 246 10.77 43.40 -13.06
C CYS A 246 9.55 44.30 -13.02
N CYS A 247 8.47 43.85 -13.64
CA CYS A 247 7.22 44.62 -13.64
C CYS A 247 6.10 43.89 -12.89
N SER A 248 6.06 44.07 -11.57
CA SER A 248 5.15 43.29 -10.74
C SER A 248 4.13 44.12 -9.97
N ALA A 249 3.10 43.44 -9.49
CA ALA A 249 2.16 44.03 -8.54
C ALA A 249 2.00 43.08 -7.35
N LEU A 250 2.30 43.59 -6.16
CA LEU A 250 2.25 42.79 -4.94
C LEU A 250 1.14 43.22 -3.99
N PHE A 251 0.18 42.33 -3.78
CA PHE A 251 -0.88 42.50 -2.80
C PHE A 251 -0.34 42.04 -1.45
N LYS A 252 -0.17 42.96 -0.51
CA LYS A 252 0.51 42.66 0.75
C LYS A 252 -0.40 42.71 1.96
N ASN A 253 -1.63 43.21 1.77
CA ASN A 253 -2.63 43.21 2.83
C ASN A 253 -3.99 42.79 2.33
N LEU A 254 -4.11 41.52 1.96
CA LEU A 254 -5.39 40.98 1.50
C LEU A 254 -6.15 40.35 2.66
N LEU A 255 -7.47 40.38 2.60
CA LEU A 255 -8.29 39.82 3.66
C LEU A 255 -9.64 39.36 3.12
N LEU A 256 -10.05 38.17 3.52
CA LEU A 256 -11.36 37.65 3.15
C LEU A 256 -12.31 37.76 4.34
N LYS A 257 -13.33 38.60 4.20
CA LYS A 257 -14.25 38.85 5.30
C LYS A 257 -15.21 37.69 5.50
N LYS A 258 -15.87 37.28 4.44
CA LYS A 258 -16.84 36.21 4.50
C LYS A 258 -16.74 35.39 3.25
N ILE A 259 -17.39 34.23 3.21
CA ILE A 259 -17.47 33.42 1.99
C ILE A 259 -18.83 32.74 1.89
N LYS A 260 -19.37 32.67 0.67
CA LYS A 260 -20.63 31.96 0.46
C LYS A 260 -20.38 30.69 -0.33
N ARG A 261 -20.84 29.76 0.43
CA ARG A 261 -20.49 28.44 -0.08
C ARG A 261 -21.48 27.86 -1.06
N CYS A 262 -20.98 27.58 -2.23
CA CYS A 262 -21.82 27.42 -3.38
C CYS A 262 -22.85 26.30 -3.46
N GLU A 263 -22.53 25.10 -3.04
CA GLU A 263 -23.26 23.96 -3.60
C GLU A 263 -23.89 22.87 -2.77
N ARG A 264 -24.54 21.97 -3.49
CA ARG A 264 -25.58 21.12 -3.00
C ARG A 264 -25.05 20.28 -1.90
N LYS A 265 -23.76 20.01 -1.93
CA LYS A 265 -23.09 19.31 -0.84
C LYS A 265 -23.58 17.92 -0.48
N GLY A 266 -23.91 17.11 -1.46
CA GLY A 266 -23.96 15.68 -1.22
C GLY A 266 -23.04 15.24 -2.31
N THR A 267 -22.02 14.44 -2.05
CA THR A 267 -21.55 14.01 -0.74
C THR A 267 -20.52 14.99 -0.23
N GLU A 268 -20.36 16.09 -0.92
CA GLU A 268 -19.25 16.93 -0.73
C GLU A 268 -19.36 17.48 0.62
N SER A 269 -18.29 18.14 0.98
CA SER A 269 -18.01 18.70 2.26
C SER A 269 -17.66 20.08 1.90
N VAL A 270 -17.82 20.99 2.81
CA VAL A 270 -17.53 22.37 2.51
C VAL A 270 -16.09 22.47 2.12
N THR A 271 -15.30 21.66 2.78
CA THR A 271 -13.88 21.76 2.76
C THR A 271 -13.32 21.10 1.54
N GLU A 272 -14.19 20.63 0.68
CA GLU A 272 -13.81 20.05 -0.58
C GLU A 272 -14.13 20.93 -1.73
N GLU A 273 -14.49 22.17 -1.50
CA GLU A 273 -14.89 23.02 -2.61
C GLU A 273 -13.80 23.99 -2.96
N LYS A 274 -13.43 24.06 -4.11
CA LYS A 274 -12.27 24.74 -4.67
C LYS A 274 -12.63 26.13 -5.21
N CYS A 275 -11.94 27.13 -4.68
CA CYS A 275 -12.12 28.51 -5.10
C CYS A 275 -10.79 29.07 -5.61
N ALA A 276 -10.82 30.26 -6.20
CA ALA A 276 -9.59 30.87 -6.70
C ALA A 276 -9.65 32.39 -6.66
N VAL A 277 -8.48 33.03 -6.71
CA VAL A 277 -8.41 34.48 -6.85
C VAL A 277 -8.15 34.87 -8.30
N LEU A 278 -8.93 35.81 -8.81
CA LEU A 278 -8.82 36.27 -10.18
C LEU A 278 -8.24 37.68 -10.23
N PHE A 279 -7.13 37.82 -10.94
CA PHE A 279 -6.41 39.08 -11.06
C PHE A 279 -6.69 39.75 -12.40
N SER A 280 -7.37 40.88 -12.37
CA SER A 280 -7.77 41.58 -13.59
C SER A 280 -7.10 42.96 -13.74
N ALA A 281 -6.82 43.33 -14.99
CA ALA A 281 -6.23 44.61 -15.32
C ALA A 281 -6.62 44.99 -16.76
N SER A 282 -6.46 46.26 -17.11
CA SER A 282 -6.67 46.72 -18.49
C SER A 282 -5.45 47.46 -19.02
N PHE A 283 -5.13 47.32 -20.31
CA PHE A 283 -3.91 47.95 -20.81
C PHE A 283 -4.14 48.90 -21.99
N THR A 284 -3.70 50.15 -21.81
CA THR A 284 -3.92 51.23 -22.77
C THR A 284 -2.76 51.50 -23.76
N LEU A 285 -2.59 50.66 -24.78
CA LEU A 285 -1.55 50.92 -25.77
C LEU A 285 -2.18 51.45 -27.06
N GLY A 286 -1.35 51.84 -28.02
CA GLY A 286 -1.85 52.38 -29.27
C GLY A 286 -0.74 52.83 -30.20
N LEU A 290 -5.18 46.95 -29.28
CA LEU A 290 -5.17 48.20 -28.52
C LEU A 290 -6.04 48.12 -27.25
N PRO A 291 -7.24 47.51 -27.33
CA PRO A 291 -7.98 47.29 -26.08
C PRO A 291 -7.77 45.89 -25.50
N ILE A 292 -6.68 45.65 -24.78
CA ILE A 292 -6.45 44.32 -24.25
C ILE A 292 -6.62 44.23 -22.73
N GLN A 293 -7.49 43.30 -22.35
CA GLN A 293 -7.82 43.00 -20.97
C GLN A 293 -6.98 41.83 -20.45
N LEU A 294 -6.33 42.05 -19.30
CA LEU A 294 -5.49 41.03 -18.69
C LEU A 294 -6.21 40.32 -17.57
N GLN A 295 -6.32 39.00 -17.65
CA GLN A 295 -6.85 38.21 -16.56
C GLN A 295 -5.92 37.06 -16.25
N ALA A 296 -5.73 36.78 -14.96
CA ALA A 296 -4.92 35.65 -14.53
C ALA A 296 -5.59 34.95 -13.38
N LEU A 297 -5.55 33.62 -13.39
CA LEU A 297 -6.20 32.85 -12.35
C LEU A 297 -5.16 32.12 -11.50
N SER A 298 -5.34 32.20 -10.19
CA SER A 298 -4.44 31.56 -9.25
C SER A 298 -4.67 30.07 -9.22
N LEU A 299 -3.86 29.37 -8.44
CA LEU A 299 -4.09 27.96 -8.18
C LEU A 299 -5.38 27.83 -7.36
N PRO A 300 -6.04 26.67 -7.44
CA PRO A 300 -7.24 26.46 -6.64
C PRO A 300 -6.93 26.56 -5.15
N LEU A 301 -7.83 27.13 -4.38
CA LEU A 301 -7.63 27.20 -2.94
C LEU A 301 -8.91 26.86 -2.21
N VAL A 302 -8.76 26.33 -1.00
CA VAL A 302 -9.92 25.98 -0.19
C VAL A 302 -10.01 26.95 0.98
N VAL A 303 -11.15 27.62 1.07
CA VAL A 303 -11.39 28.59 2.13
C VAL A 303 -11.90 27.87 3.37
N ILE A 304 -11.34 28.21 4.53
CA ILE A 304 -11.80 27.64 5.79
C ILE A 304 -12.13 28.75 6.78
N VAL A 305 -12.87 28.42 7.83
CA VAL A 305 -13.28 29.41 8.82
C VAL A 305 -12.85 29.02 10.24
N HIS A 306 -12.13 27.91 10.36
CA HIS A 306 -11.65 27.46 11.66
C HIS A 306 -10.55 26.41 11.45
N GLY A 307 -9.68 26.28 12.44
CA GLY A 307 -8.54 25.37 12.34
C GLY A 307 -8.88 23.92 12.10
N ASN A 308 -10.06 23.49 12.56
CA ASN A 308 -10.45 22.08 12.48
C ASN A 308 -10.54 21.62 11.03
N GLN A 309 -10.85 22.55 10.14
CA GLN A 309 -11.00 22.24 8.73
C GLN A 309 -9.66 22.08 8.02
N ASP A 310 -8.60 22.65 8.61
CA ASP A 310 -7.31 22.73 7.92
C ASP A 310 -6.83 21.37 7.45
N ASN A 311 -6.87 20.39 8.35
CA ASN A 311 -6.29 19.09 8.07
C ASN A 311 -7.05 18.38 6.95
N ASN A 312 -8.32 18.74 6.77
CA ASN A 312 -9.07 18.20 5.64
C ASN A 312 -8.82 19.02 4.37
N ALA A 313 -8.77 20.34 4.53
CA ALA A 313 -8.61 21.22 3.38
C ALA A 313 -7.34 20.86 2.65
N LYS A 314 -6.30 20.65 3.44
CA LYS A 314 -4.98 20.33 2.92
C LYS A 314 -5.05 19.14 1.98
N ALA A 315 -5.81 18.12 2.39
CA ALA A 315 -5.92 16.90 1.62
C ALA A 315 -6.38 17.22 0.21
N THR A 316 -7.44 18.03 0.13
CA THR A 316 -8.01 18.40 -1.15
C THR A 316 -6.92 19.02 -1.99
N ILE A 317 -6.23 20.00 -1.41
CA ILE A 317 -5.21 20.72 -2.14
C ILE A 317 -4.14 19.73 -2.57
N LEU A 318 -3.76 18.86 -1.65
CA LEU A 318 -2.73 17.87 -1.91
C LEU A 318 -3.15 17.05 -3.13
N TRP A 319 -4.41 16.63 -3.15
CA TRP A 319 -4.91 15.85 -4.26
C TRP A 319 -4.93 16.69 -5.53
N ASP A 320 -5.34 17.94 -5.41
CA ASP A 320 -5.54 18.78 -6.59
C ASP A 320 -4.24 19.27 -7.22
N ASN A 321 -3.25 19.60 -6.40
CA ASN A 321 -1.98 20.11 -6.91
C ASN A 321 -1.31 19.06 -7.79
N ALA A 322 -1.33 17.82 -7.32
CA ALA A 322 -0.93 16.69 -8.14
C ALA A 322 -2.15 16.21 -8.92
N PHE A 323 -2.00 15.12 -9.67
CA PHE A 323 -3.11 14.46 -10.35
C PHE A 323 -3.89 15.36 -11.30
N SER A 324 -3.40 16.58 -11.52
CA SER A 324 -4.09 17.54 -12.37
C SER A 324 -3.37 17.73 -13.70
N GLU A 325 -4.13 17.71 -14.78
CA GLU A 325 -3.58 17.84 -16.11
C GLU A 325 -3.02 19.26 -16.29
N MET A 326 -2.11 19.42 -17.25
CA MET A 326 -1.40 20.67 -17.40
C MET A 326 -2.34 21.76 -17.92
N ASP A 327 -3.19 21.40 -18.87
CA ASP A 327 -4.29 22.25 -19.29
C ASP A 327 -5.62 21.55 -19.00
N ARG A 328 -6.46 22.19 -18.20
CA ARG A 328 -7.67 21.56 -17.70
C ARG A 328 -8.80 22.55 -17.48
N VAL A 329 -10.02 22.03 -17.44
CA VAL A 329 -11.17 22.84 -17.08
C VAL A 329 -11.25 23.00 -15.57
N PRO A 330 -11.18 24.25 -15.09
CA PRO A 330 -11.14 24.55 -13.66
C PRO A 330 -12.41 24.10 -12.91
N PHE A 331 -12.25 23.26 -11.90
CA PHE A 331 -10.95 22.69 -11.55
C PHE A 331 -11.05 21.17 -11.47
N VAL A 332 -11.17 20.52 -12.63
CA VAL A 332 -11.41 19.09 -12.65
C VAL A 332 -10.13 18.29 -12.38
N VAL A 333 -10.27 17.24 -11.57
CA VAL A 333 -9.16 16.35 -11.27
C VAL A 333 -9.68 14.93 -11.24
N ALA A 334 -8.81 13.97 -11.55
CA ALA A 334 -9.20 12.57 -11.52
C ALA A 334 -9.64 12.19 -10.11
N GLU A 335 -10.67 11.37 -10.00
CA GLU A 335 -11.17 10.95 -8.71
C GLU A 335 -10.35 9.74 -8.26
N ARG A 336 -9.82 8.99 -9.22
CA ARG A 336 -8.96 7.85 -8.93
C ARG A 336 -7.67 7.93 -9.75
N VAL A 337 -6.57 7.48 -9.14
CA VAL A 337 -5.23 7.59 -9.73
C VAL A 337 -4.41 6.33 -9.43
N PRO A 338 -3.38 6.04 -10.25
CA PRO A 338 -2.50 4.90 -9.96
C PRO A 338 -1.88 4.96 -8.57
N TRP A 339 -1.75 3.81 -7.93
CA TRP A 339 -1.26 3.76 -6.56
C TRP A 339 0.17 4.23 -6.43
N GLU A 340 0.99 3.98 -7.45
CA GLU A 340 2.39 4.35 -7.38
C GLU A 340 2.57 5.86 -7.58
N LYS A 341 1.58 6.48 -8.21
CA LYS A 341 1.54 7.94 -8.32
C LYS A 341 1.28 8.52 -6.94
N MET A 342 0.37 7.86 -6.23
CA MET A 342 0.04 8.23 -4.87
C MET A 342 1.23 8.02 -3.97
N CYS A 343 2.02 7.00 -4.28
CA CYS A 343 3.24 6.72 -3.52
C CYS A 343 4.27 7.83 -3.75
N GLU A 344 4.36 8.31 -4.98
CA GLU A 344 5.33 9.35 -5.29
C GLU A 344 4.94 10.66 -4.64
N THR A 345 3.63 10.91 -4.62
CA THR A 345 3.08 12.12 -4.00
C THR A 345 3.25 12.08 -2.49
N LEU A 346 2.90 10.96 -1.89
CA LEU A 346 3.01 10.76 -0.46
C LEU A 346 4.45 10.87 0.01
N ASN A 347 5.36 10.27 -0.75
CA ASN A 347 6.77 10.34 -0.41
C ASN A 347 7.31 11.76 -0.51
N LEU A 348 6.95 12.45 -1.59
CA LEU A 348 7.41 13.82 -1.78
C LEU A 348 6.89 14.72 -0.66
N LYS A 349 5.59 14.65 -0.39
CA LYS A 349 5.00 15.44 0.69
C LYS A 349 5.65 15.12 2.03
N PHE A 350 5.91 13.84 2.29
CA PHE A 350 6.58 13.43 3.52
C PHE A 350 7.92 14.15 3.64
N MET A 351 8.74 14.02 2.61
CA MET A 351 10.08 14.59 2.61
C MET A 351 10.08 16.11 2.75
N ALA A 352 9.19 16.78 2.03
CA ALA A 352 9.10 18.23 2.06
C ALA A 352 8.57 18.77 3.39
N GLU A 353 7.50 18.16 3.88
CA GLU A 353 6.85 18.63 5.11
C GLU A 353 7.70 18.35 6.34
N VAL A 354 8.22 17.13 6.43
CA VAL A 354 9.08 16.78 7.56
C VAL A 354 10.41 17.52 7.46
N GLY A 355 10.97 17.58 6.26
CA GLY A 355 12.20 18.30 6.03
C GLY A 355 13.41 17.39 6.01
N THR A 356 13.27 16.25 5.34
CA THR A 356 14.37 15.31 5.19
C THR A 356 14.42 14.79 3.75
N ASN A 357 15.56 14.27 3.36
CA ASN A 357 15.72 13.66 2.04
C ASN A 357 15.55 12.15 2.17
N ARG A 358 15.37 11.70 3.40
CA ARG A 358 15.17 10.27 3.66
C ARG A 358 13.71 9.93 3.43
N GLY A 359 13.42 9.44 2.22
CA GLY A 359 12.05 9.18 1.85
C GLY A 359 11.59 7.81 2.30
N LEU A 360 10.42 7.40 1.80
CA LEU A 360 9.88 6.09 2.15
C LEU A 360 10.55 4.96 1.38
N LEU A 361 10.45 3.76 1.94
CA LEU A 361 11.04 2.57 1.36
C LEU A 361 9.92 1.64 0.93
N PRO A 362 10.22 0.64 0.07
CA PRO A 362 9.18 -0.26 -0.43
C PRO A 362 8.30 -0.89 0.64
N GLU A 363 8.88 -1.29 1.77
CA GLU A 363 8.10 -1.85 2.88
C GLU A 363 7.08 -0.85 3.42
N HIS A 364 7.50 0.40 3.55
CA HIS A 364 6.61 1.47 4.01
C HIS A 364 5.41 1.60 3.06
N PHE A 365 5.70 1.61 1.77
CA PHE A 365 4.67 1.70 0.74
C PHE A 365 3.74 0.49 0.79
N LEU A 366 4.31 -0.65 1.19
CA LEU A 366 3.52 -1.87 1.31
C LEU A 366 2.53 -1.76 2.45
N PHE A 367 3.00 -1.31 3.61
CA PHE A 367 2.11 -1.24 4.78
C PHE A 367 1.10 -0.12 4.64
N LEU A 368 1.47 0.93 3.90
CA LEU A 368 0.53 1.99 3.60
C LEU A 368 -0.55 1.46 2.65
N ALA A 369 -0.11 0.71 1.65
CA ALA A 369 -1.03 0.09 0.70
C ALA A 369 -2.03 -0.77 1.43
N GLN A 370 -1.53 -1.64 2.31
CA GLN A 370 -2.39 -2.49 3.13
C GLN A 370 -3.37 -1.66 3.96
N LYS A 371 -2.88 -0.55 4.50
CA LYS A 371 -3.72 0.30 5.34
C LYS A 371 -4.89 0.92 4.57
N ILE A 372 -4.59 1.58 3.46
CA ILE A 372 -5.61 2.31 2.70
C ILE A 372 -6.54 1.37 1.91
N PHE A 373 -6.01 0.23 1.48
CA PHE A 373 -6.77 -0.69 0.64
C PHE A 373 -7.49 -1.76 1.46
N ASN A 374 -7.13 -1.88 2.74
CA ASN A 374 -7.65 -2.93 3.61
C ASN A 374 -7.26 -4.28 3.04
N ASP A 375 -6.05 -4.35 2.50
CA ASP A 375 -5.55 -5.54 1.86
C ASP A 375 -4.43 -6.19 2.67
N ASN A 376 -4.69 -7.31 3.32
CA ASN A 376 -3.65 -7.98 4.09
C ASN A 376 -2.70 -8.79 3.19
N SER A 377 -2.39 -8.24 2.02
CA SER A 377 -1.42 -8.84 1.11
C SER A 377 0.01 -8.45 1.44
N LEU A 378 0.93 -9.41 1.29
CA LEU A 378 2.34 -9.19 1.62
C LEU A 378 3.22 -9.12 0.36
N SER A 379 2.60 -8.87 -0.79
CA SER A 379 3.34 -8.79 -2.03
C SER A 379 3.32 -7.38 -2.63
N MET A 380 4.51 -6.80 -2.79
CA MET A 380 4.63 -5.42 -3.23
C MET A 380 4.15 -5.27 -4.68
N GLU A 381 4.14 -6.37 -5.43
CA GLU A 381 3.86 -6.32 -6.86
C GLU A 381 2.35 -6.31 -7.13
N ALA A 382 1.58 -6.86 -6.21
CA ALA A 382 0.12 -6.88 -6.32
C ALA A 382 -0.47 -5.47 -6.30
N PHE A 383 -0.01 -4.67 -5.35
CA PHE A 383 -0.45 -3.29 -5.19
C PHE A 383 -0.03 -2.39 -6.35
N GLN A 384 1.04 -2.76 -7.04
CA GLN A 384 1.68 -1.89 -8.02
C GLN A 384 0.76 -1.45 -9.16
N HIS A 385 -0.10 -2.35 -9.63
CA HIS A 385 -1.03 -2.04 -10.71
C HIS A 385 -2.41 -1.62 -10.22
N ARG A 386 -2.52 -1.41 -8.91
CA ARG A 386 -3.78 -0.98 -8.33
C ARG A 386 -4.02 0.53 -8.45
N SER A 387 -5.28 0.93 -8.30
CA SER A 387 -5.63 2.35 -8.28
C SER A 387 -6.27 2.74 -6.96
N VAL A 388 -6.02 3.97 -6.53
CA VAL A 388 -6.57 4.52 -5.30
C VAL A 388 -7.51 5.67 -5.63
N SER A 389 -8.63 5.76 -4.91
CA SER A 389 -9.61 6.80 -5.17
C SER A 389 -9.58 7.87 -4.08
N TRP A 390 -10.15 9.02 -4.41
CA TRP A 390 -10.26 10.13 -3.47
C TRP A 390 -11.02 9.74 -2.20
N SER A 391 -12.04 8.91 -2.40
CA SER A 391 -12.89 8.42 -1.30
C SER A 391 -12.07 7.63 -0.29
N GLN A 392 -11.26 6.71 -0.80
CA GLN A 392 -10.35 5.93 0.02
C GLN A 392 -9.34 6.84 0.73
N PHE A 393 -8.91 7.87 0.01
CA PHE A 393 -7.87 8.76 0.52
C PHE A 393 -8.34 9.58 1.72
N ASN A 394 -9.42 10.33 1.57
CA ASN A 394 -9.83 11.22 2.65
C ASN A 394 -11.34 11.27 2.92
N LYS A 395 -12.09 10.35 2.33
CA LYS A 395 -13.53 10.34 2.53
C LYS A 395 -14.05 9.05 3.16
N GLU A 396 -13.18 8.08 3.33
CA GLU A 396 -13.60 6.83 3.97
C GLU A 396 -12.87 6.62 5.29
N ILE A 397 -13.63 6.24 6.30
CA ILE A 397 -13.09 6.04 7.63
C ILE A 397 -12.33 4.72 7.64
N LEU A 398 -11.16 4.71 8.26
CA LEU A 398 -10.35 3.50 8.31
C LEU A 398 -11.06 2.46 9.15
N LEU A 399 -10.85 1.18 8.83
CA LEU A 399 -11.58 0.13 9.50
C LEU A 399 -11.07 -0.07 10.92
N GLY A 400 -11.98 0.03 11.88
CA GLY A 400 -11.63 -0.18 13.27
C GLY A 400 -11.27 1.14 13.94
N ARG A 401 -11.26 2.21 13.15
CA ARG A 401 -10.76 3.49 13.60
C ARG A 401 -11.80 4.58 13.36
N GLY A 402 -11.50 5.79 13.83
CA GLY A 402 -12.44 6.88 13.74
C GLY A 402 -12.01 7.97 12.77
N PHE A 403 -10.96 7.70 12.00
CA PHE A 403 -10.39 8.69 11.09
C PHE A 403 -10.16 8.14 9.70
N THR A 404 -9.92 9.03 8.76
CA THR A 404 -9.59 8.65 7.39
C THR A 404 -8.11 8.29 7.29
N PHE A 405 -7.71 7.75 6.15
CA PHE A 405 -6.31 7.45 5.88
C PHE A 405 -5.47 8.73 5.99
N TRP A 406 -5.90 9.76 5.27
CA TRP A 406 -5.16 11.01 5.23
C TRP A 406 -5.00 11.65 6.60
N GLN A 407 -6.04 11.62 7.41
CA GLN A 407 -5.97 12.23 8.75
C GLN A 407 -4.88 11.55 9.59
N TRP A 408 -4.78 10.23 9.47
CA TRP A 408 -3.75 9.47 10.16
C TRP A 408 -2.38 9.86 9.62
N PHE A 409 -2.27 9.92 8.29
CA PHE A 409 -1.01 10.21 7.64
C PHE A 409 -0.49 11.59 8.02
N ASP A 410 -1.39 12.56 7.99
CA ASP A 410 -1.09 13.94 8.37
C ASP A 410 -0.72 14.01 9.84
N GLY A 411 -1.38 13.20 10.67
CA GLY A 411 -0.99 13.11 12.06
C GLY A 411 0.46 12.70 12.19
N VAL A 412 0.84 11.71 11.40
CA VAL A 412 2.22 11.24 11.37
C VAL A 412 3.17 12.33 10.85
N LEU A 413 2.73 13.05 9.83
CA LEU A 413 3.49 14.16 9.28
C LEU A 413 3.76 15.21 10.34
N ASP A 414 2.73 15.54 11.09
CA ASP A 414 2.81 16.54 12.14
C ASP A 414 3.81 16.09 13.20
N LEU A 415 3.61 14.87 13.70
CA LEU A 415 4.46 14.31 14.74
C LEU A 415 5.92 14.32 14.33
N THR A 416 6.19 13.81 13.13
CA THR A 416 7.53 13.73 12.57
C THR A 416 8.13 15.11 12.30
N LYS A 417 7.29 16.06 11.91
CA LYS A 417 7.77 17.41 11.69
C LYS A 417 8.23 18.06 12.99
N ARG A 418 7.35 18.06 13.99
CA ARG A 418 7.61 18.74 15.25
C ARG A 418 8.72 18.04 16.03
N CYS A 419 8.61 16.73 16.14
CA CYS A 419 9.55 15.91 16.88
C CYS A 419 10.04 14.84 15.92
N LEU A 420 10.94 13.97 16.37
CA LEU A 420 11.48 12.90 15.53
C LEU A 420 12.13 13.31 14.20
N ARG A 421 12.45 14.59 14.01
CA ARG A 421 12.96 15.00 12.70
C ARG A 421 14.38 14.50 12.50
N SER A 422 15.22 14.71 13.51
CA SER A 422 16.60 14.23 13.51
C SER A 422 16.63 12.71 13.59
N TYR A 423 15.75 12.16 14.42
CA TYR A 423 15.65 10.73 14.62
C TYR A 423 15.38 9.96 13.32
N TRP A 424 14.50 10.52 12.49
CA TRP A 424 14.13 9.86 11.23
C TRP A 424 15.32 9.81 10.29
N SER A 425 16.06 10.91 10.23
CA SER A 425 17.20 11.04 9.32
C SER A 425 18.33 10.08 9.70
N ASP A 426 18.47 9.82 11.00
CA ASP A 426 19.46 8.85 11.50
C ASP A 426 19.05 7.42 11.19
N ARG A 427 17.83 7.26 10.66
CA ARG A 427 17.29 5.96 10.25
C ARG A 427 16.98 5.09 11.45
N LEU A 428 16.68 5.73 12.57
CA LEU A 428 16.34 5.02 13.80
C LEU A 428 14.89 4.54 13.83
N ILE A 429 14.04 5.15 13.02
CA ILE A 429 12.61 4.86 13.05
C ILE A 429 12.14 4.07 11.83
N ILE A 430 11.63 2.86 12.04
CA ILE A 430 11.03 2.12 10.94
C ILE A 430 9.68 2.73 10.61
N GLY A 431 8.92 3.10 11.64
CA GLY A 431 7.70 3.87 11.45
C GLY A 431 6.52 3.09 10.88
N PHE A 432 6.57 2.83 9.58
CA PHE A 432 5.45 2.23 8.87
C PHE A 432 5.57 0.72 8.78
N ILE A 433 5.11 0.05 9.83
CA ILE A 433 5.22 -1.41 9.92
C ILE A 433 4.03 -2.01 10.67
N SER A 434 3.42 -3.04 10.09
CA SER A 434 2.37 -3.79 10.75
C SER A 434 2.89 -4.54 11.97
N LYS A 435 2.06 -4.68 13.01
CA LYS A 435 2.50 -5.36 14.23
C LYS A 435 2.71 -6.84 13.99
N GLN A 436 2.25 -7.33 12.85
CA GLN A 436 2.42 -8.72 12.47
C GLN A 436 3.84 -8.95 11.97
N TYR A 437 4.30 -8.05 11.11
CA TYR A 437 5.68 -8.09 10.64
C TYR A 437 6.62 -7.77 11.80
N VAL A 438 6.15 -6.90 12.71
CA VAL A 438 6.90 -6.60 13.93
C VAL A 438 7.09 -7.85 14.78
N THR A 439 6.00 -8.59 14.98
CA THR A 439 6.06 -9.85 15.71
C THR A 439 7.02 -10.81 15.04
N SER A 440 6.87 -10.94 13.72
CA SER A 440 7.75 -11.80 12.92
C SER A 440 9.22 -11.46 13.13
N LEU A 441 9.56 -10.18 13.05
CA LEU A 441 10.93 -9.72 13.20
C LEU A 441 11.49 -9.90 14.60
N LEU A 442 10.72 -9.47 15.58
CA LEU A 442 11.20 -9.31 16.95
C LEU A 442 11.26 -10.60 17.78
N LEU A 443 10.45 -11.60 17.45
CA LEU A 443 10.40 -12.84 18.22
C LEU A 443 11.75 -13.58 18.30
N ASN A 444 12.53 -13.50 17.22
CA ASN A 444 13.80 -14.22 17.15
C ASN A 444 14.97 -13.46 17.77
N GLU A 445 14.88 -12.13 17.76
CA GLU A 445 15.95 -11.29 18.29
C GLU A 445 16.11 -11.46 19.81
N PRO A 446 17.31 -11.16 20.35
CA PRO A 446 17.61 -11.28 21.77
C PRO A 446 16.71 -10.44 22.70
N ASP A 447 16.77 -10.76 23.98
CA ASP A 447 16.00 -10.06 25.00
C ASP A 447 16.39 -8.59 25.07
N GLY A 448 15.41 -7.71 24.95
CA GLY A 448 15.64 -6.28 25.06
C GLY A 448 15.79 -5.57 23.73
N THR A 449 15.63 -6.30 22.63
CA THR A 449 15.65 -5.72 21.30
C THR A 449 14.32 -4.99 21.02
N PHE A 450 14.41 -3.79 20.46
CA PHE A 450 13.21 -2.99 20.23
C PHE A 450 13.18 -2.26 18.89
N LEU A 451 12.00 -1.78 18.52
CA LEU A 451 11.85 -0.95 17.34
C LEU A 451 10.72 0.06 17.58
N LEU A 452 10.72 1.14 16.80
CA LEU A 452 9.75 2.21 17.00
C LEU A 452 8.79 2.30 15.82
N ARG A 453 7.49 2.26 16.11
CA ARG A 453 6.50 2.26 15.05
C ARG A 453 5.40 3.28 15.32
N PHE A 454 4.84 3.86 14.26
CA PHE A 454 3.74 4.79 14.43
C PHE A 454 2.46 4.06 14.80
N SER A 455 1.71 4.62 15.74
CA SER A 455 0.47 4.00 16.21
C SER A 455 -0.62 4.12 15.15
N ASP A 456 -1.31 3.01 14.89
CA ASP A 456 -2.38 3.00 13.90
C ASP A 456 -3.71 3.38 14.54
N SER A 457 -3.81 3.16 15.85
CA SER A 457 -5.02 3.47 16.60
C SER A 457 -5.16 4.97 16.85
N GLU A 458 -4.05 5.61 17.22
CA GLU A 458 -4.07 7.01 17.59
C GLU A 458 -3.44 7.90 16.51
N ILE A 459 -3.80 9.18 16.51
CA ILE A 459 -3.24 10.14 15.57
C ILE A 459 -2.03 10.88 16.15
N GLY A 460 -0.94 10.88 15.39
CA GLY A 460 0.26 11.60 15.79
C GLY A 460 0.91 11.01 17.03
N GLY A 461 1.13 9.70 17.02
CA GLY A 461 1.75 9.03 18.14
C GLY A 461 2.75 7.98 17.68
N ILE A 462 3.77 7.74 18.51
CA ILE A 462 4.78 6.74 18.19
C ILE A 462 5.04 5.85 19.40
N THR A 463 5.15 4.56 19.16
CA THR A 463 5.24 3.56 20.23
C THR A 463 6.48 2.69 20.11
N ILE A 464 7.02 2.34 21.28
CA ILE A 464 8.14 1.42 21.38
C ILE A 464 7.64 -0.02 21.52
N ALA A 465 8.08 -0.89 20.62
CA ALA A 465 7.76 -2.31 20.69
C ALA A 465 9.02 -3.11 20.96
N HIS A 466 9.04 -3.84 22.08
CA HIS A 466 10.24 -4.60 22.43
C HIS A 466 9.93 -5.99 22.93
N VAL A 467 10.93 -6.87 22.92
CA VAL A 467 10.71 -8.26 23.28
C VAL A 467 11.43 -8.74 24.53
N ILE A 468 10.69 -9.50 25.33
CA ILE A 468 11.26 -10.10 26.53
C ILE A 468 11.15 -11.62 26.44
N ARG A 469 12.30 -12.29 26.47
CA ARG A 469 12.37 -13.74 26.41
C ARG A 469 12.55 -14.33 27.79
N GLY A 470 13.51 -13.80 28.52
CA GLY A 470 13.83 -14.31 29.84
C GLY A 470 14.81 -15.46 29.71
N GLN A 471 14.97 -16.21 30.79
CA GLN A 471 15.88 -17.36 30.81
C GLN A 471 15.25 -18.65 30.30
N ASP A 472 13.92 -18.72 30.26
CA ASP A 472 13.23 -19.93 29.80
C ASP A 472 13.55 -20.39 28.35
N GLY A 473 13.57 -19.51 27.35
CA GLY A 473 13.15 -18.13 27.42
C GLY A 473 11.97 -17.87 26.52
N SER A 474 10.76 -17.84 27.09
CA SER A 474 9.54 -17.60 26.33
C SER A 474 9.47 -16.14 25.94
N PRO A 475 9.51 -15.86 24.62
CA PRO A 475 9.52 -14.45 24.23
C PRO A 475 8.16 -13.88 23.87
N GLN A 476 7.74 -12.85 24.61
CA GLN A 476 6.57 -12.10 24.21
C GLN A 476 6.97 -10.68 23.83
N ILE A 477 6.04 -9.96 23.20
CA ILE A 477 6.29 -8.58 22.80
C ILE A 477 5.46 -7.64 23.66
N GLU A 478 6.12 -6.58 24.12
CA GLU A 478 5.48 -5.58 24.94
C GLU A 478 5.43 -4.31 24.08
N ASN A 479 4.21 -3.77 23.96
CA ASN A 479 3.95 -2.56 23.23
C ASN A 479 3.66 -1.41 24.18
N ILE A 480 4.53 -0.41 24.19
CA ILE A 480 4.41 0.69 25.13
C ILE A 480 3.42 1.72 24.58
N GLN A 481 2.66 2.32 25.49
CA GLN A 481 1.69 3.35 25.13
C GLN A 481 2.34 4.41 24.25
N PRO A 482 1.67 4.77 23.14
CA PRO A 482 2.24 5.71 22.16
C PRO A 482 2.53 7.08 22.76
N PHE A 483 3.66 7.67 22.36
CA PHE A 483 4.04 9.00 22.80
C PHE A 483 3.41 10.05 21.89
N SER A 484 2.67 11.00 22.46
CA SER A 484 2.16 12.13 21.69
C SER A 484 3.26 13.18 21.54
N ALA A 485 3.05 14.16 20.68
CA ALA A 485 4.00 15.25 20.53
C ALA A 485 4.15 16.01 21.84
N LYS A 486 3.05 16.11 22.58
CA LYS A 486 3.02 16.69 23.91
C LYS A 486 3.93 15.92 24.85
N ASP A 487 3.79 14.60 24.84
CA ASP A 487 4.56 13.72 25.70
C ASP A 487 6.06 13.89 25.42
N LEU A 488 6.40 14.04 24.14
CA LEU A 488 7.78 14.23 23.74
C LEU A 488 8.27 15.62 24.07
N SER A 489 7.34 16.57 24.17
CA SER A 489 7.68 17.92 24.60
C SER A 489 8.05 17.89 26.07
N ILE A 490 7.37 17.03 26.82
CA ILE A 490 7.68 16.87 28.24
C ILE A 490 9.03 16.19 28.46
N ARG A 491 9.26 15.10 27.72
CA ARG A 491 10.55 14.42 27.74
C ARG A 491 10.84 13.80 26.37
N SER A 492 11.98 14.15 25.80
CA SER A 492 12.32 13.73 24.44
C SER A 492 12.35 12.22 24.27
N LEU A 493 12.16 11.77 23.04
CA LEU A 493 12.20 10.35 22.71
C LEU A 493 13.52 9.71 23.13
N GLY A 494 14.61 10.43 22.90
CA GLY A 494 15.94 9.97 23.25
C GLY A 494 16.05 9.69 24.73
N ASP A 495 15.70 10.69 25.53
CA ASP A 495 15.81 10.56 26.98
C ASP A 495 14.83 9.51 27.48
N ARG A 496 13.67 9.41 26.83
CA ARG A 496 12.68 8.40 27.17
C ARG A 496 13.24 7.00 27.00
N ILE A 497 13.91 6.77 25.86
CA ILE A 497 14.51 5.48 25.57
C ILE A 497 15.66 5.18 26.52
N ARG A 498 16.44 6.21 26.85
CA ARG A 498 17.55 6.04 27.80
C ARG A 498 17.05 5.67 29.20
N ASP A 499 15.90 6.22 29.56
CA ASP A 499 15.35 6.09 30.91
C ASP A 499 15.08 4.64 31.27
N LEU A 500 14.56 3.87 30.32
CA LEU A 500 14.27 2.47 30.58
C LEU A 500 15.56 1.65 30.48
N ALA A 501 15.87 0.93 31.56
CA ALA A 501 17.04 0.07 31.61
C ALA A 501 16.95 -1.07 30.61
N GLN A 502 15.75 -1.61 30.46
CA GLN A 502 15.53 -2.84 29.72
C GLN A 502 15.89 -2.77 28.23
N LEU A 503 15.59 -1.67 27.57
CA LEU A 503 15.80 -1.63 26.13
C LEU A 503 17.29 -1.70 25.85
N LYS A 504 17.74 -2.79 25.24
CA LYS A 504 19.17 -3.00 25.07
C LYS A 504 19.63 -2.77 23.63
N ASN A 505 18.82 -3.17 22.65
CA ASN A 505 19.23 -3.09 21.26
C ASN A 505 18.13 -2.60 20.33
N LEU A 506 18.51 -1.62 19.50
CA LEU A 506 17.73 -1.21 18.35
C LEU A 506 17.86 -2.27 17.28
N TYR A 507 16.84 -2.40 16.44
CA TYR A 507 16.86 -3.39 15.37
C TYR A 507 17.90 -3.09 14.27
N PRO A 508 18.52 -4.15 13.57
CA PRO A 508 18.35 -5.49 14.18
C PRO A 508 19.10 -5.67 15.50
N LYS A 509 20.35 -5.23 15.55
CA LYS A 509 21.18 -5.41 16.74
C LYS A 509 21.83 -4.14 17.31
N LYS A 510 21.75 -3.04 16.57
CA LYS A 510 22.43 -1.82 16.94
C LYS A 510 22.23 -1.50 18.42
N PRO A 511 23.34 -1.25 19.13
CA PRO A 511 23.33 -0.90 20.56
C PRO A 511 22.60 0.41 20.81
N LYS A 512 21.75 0.43 21.83
CA LYS A 512 20.92 1.60 22.11
C LYS A 512 21.73 2.83 22.48
N ASP A 513 22.86 2.63 23.15
CA ASP A 513 23.64 3.77 23.64
C ASP A 513 24.58 4.29 22.55
N GLU A 514 24.47 3.70 21.36
CA GLU A 514 25.24 4.15 20.22
C GLU A 514 24.34 4.87 19.23
N ALA A 515 23.15 4.30 19.01
CA ALA A 515 22.25 4.82 18.00
C ALA A 515 21.39 5.96 18.51
N PHE A 516 21.57 6.36 19.76
CA PHE A 516 20.78 7.44 20.33
C PHE A 516 21.65 8.39 21.13
N ARG A 517 22.97 8.22 21.02
CA ARG A 517 23.91 8.92 21.88
C ARG A 517 23.90 10.41 21.55
N SER A 518 23.61 10.75 20.29
CA SER A 518 23.57 12.14 19.85
C SER A 518 22.27 12.82 20.25
N HIS A 519 21.21 12.03 20.35
CA HIS A 519 19.88 12.51 20.70
C HIS A 519 19.69 12.69 22.21
N TYR A 520 20.48 11.95 23.00
CA TYR A 520 20.46 12.13 24.45
C TYR A 520 20.73 13.56 24.87
N LYS A 521 20.07 13.99 25.94
CA LYS A 521 20.36 15.28 26.54
C LYS A 521 21.10 15.06 27.85
N PRO A 522 22.15 15.86 28.10
CA PRO A 522 23.01 15.68 29.28
C PRO A 522 22.29 15.90 30.61
N GLU A 523 22.46 14.97 31.55
CA GLU A 523 21.84 15.09 32.86
C GLU A 523 22.48 16.21 33.67
N GLN A 524 21.67 16.99 34.38
CA GLN A 524 22.21 18.05 35.22
C GLN A 524 22.44 17.54 36.64
N MET A 525 23.67 17.68 37.12
CA MET A 525 24.03 17.22 38.46
C MET A 525 23.53 18.19 39.53
N GLY A 526 23.25 17.64 40.71
CA GLY A 526 22.70 18.41 41.81
C GLY A 526 23.63 19.42 42.45
N LYS A 527 24.29 20.25 41.62
CA LYS A 527 25.06 21.40 42.10
C LYS A 527 24.29 22.59 42.73
N ASP A 528 23.16 22.97 42.12
CA ASP A 528 22.33 24.13 42.52
C ASP A 528 22.70 25.44 41.77
N GLY A 529 21.73 26.31 41.52
CA GLY A 529 22.07 27.61 40.99
C GLY A 529 22.88 28.32 42.06
N ARG A 530 22.38 28.24 43.29
CA ARG A 530 20.99 28.48 43.62
C ARG A 530 20.81 29.17 44.97
N GLY A 531 21.08 28.46 46.07
CA GLY A 531 21.51 27.07 46.04
C GLY A 531 20.36 26.11 46.26
N VAL A 533 18.68 21.96 44.77
CA VAL A 533 18.93 20.70 44.09
C VAL A 533 17.85 20.47 43.05
N PRO A 534 18.24 20.18 41.81
CA PRO A 534 17.26 19.99 40.73
C PRO A 534 16.57 18.64 40.79
N ALA A 535 15.27 18.62 40.54
CA ALA A 535 14.52 17.38 40.43
C ALA A 535 14.13 17.14 38.98
N THR A 536 14.53 16.01 38.43
CA THR A 536 14.22 15.71 37.03
C THR A 536 13.21 14.56 36.99
N ILE A 537 12.47 14.45 35.89
CA ILE A 537 11.49 13.39 35.73
C ILE A 537 11.99 12.36 34.72
N LYS A 538 11.79 11.08 35.05
CA LYS A 538 12.19 9.99 34.17
C LYS A 538 11.01 9.08 33.85
N MET A 539 11.06 8.43 32.69
CA MET A 539 9.99 7.52 32.30
C MET A 539 10.22 6.11 32.83
N THR A 540 9.14 5.47 33.25
CA THR A 540 9.15 4.12 33.77
C THR A 540 7.91 3.38 33.31
N VAL A 541 7.99 2.05 33.23
CA VAL A 541 6.85 1.27 32.78
C VAL A 541 6.63 0.03 33.66
N GLU A 542 5.36 -0.22 33.94
CA GLU A 542 4.92 -1.36 34.75
C GLU A 542 3.41 -1.44 34.72
N LYS B 20 -9.03 -19.89 26.72
CA LYS B 20 -8.98 -18.63 27.46
C LYS B 20 -8.21 -18.79 28.77
N PHE B 21 -8.88 -19.31 29.78
CA PHE B 21 -8.33 -19.34 31.14
C PHE B 21 -7.54 -20.60 31.51
N LYS B 22 -6.36 -20.35 32.09
CA LYS B 22 -5.49 -21.36 32.64
C LYS B 22 -5.83 -21.65 34.10
N THR B 23 -6.74 -20.86 34.65
CA THR B 23 -7.12 -20.94 36.06
C THR B 23 -7.56 -22.31 36.56
N GLY B 24 -8.32 -23.04 35.74
CA GLY B 24 -8.72 -24.39 36.10
C GLY B 24 -7.53 -25.30 36.28
N LEU B 25 -6.47 -25.05 35.52
CA LEU B 25 -5.25 -25.85 35.60
C LEU B 25 -4.47 -25.55 36.87
N ARG B 26 -4.48 -24.30 37.30
CA ARG B 26 -3.71 -23.95 38.49
C ARG B 26 -4.54 -24.30 39.71
N ARG B 27 -5.83 -24.53 39.47
CA ARG B 27 -6.72 -25.03 40.49
C ARG B 27 -6.47 -26.52 40.66
N LEU B 28 -6.26 -27.19 39.54
CA LEU B 28 -5.94 -28.61 39.57
C LEU B 28 -4.62 -28.79 40.30
N GLN B 29 -3.68 -27.91 40.01
CA GLN B 29 -2.35 -28.03 40.56
C GLN B 29 -2.36 -27.70 42.06
N HIS B 30 -3.20 -26.74 42.44
CA HIS B 30 -3.36 -26.42 43.85
C HIS B 30 -3.99 -27.58 44.59
N ARG B 31 -4.94 -28.25 43.93
CA ARG B 31 -5.52 -29.43 44.54
C ARG B 31 -4.50 -30.56 44.67
N VAL B 32 -3.58 -30.64 43.73
CA VAL B 32 -2.48 -31.58 43.83
C VAL B 32 -1.66 -31.29 45.08
N GLY B 33 -1.37 -30.00 45.30
CA GLY B 33 -0.68 -29.61 46.51
C GLY B 33 -1.41 -30.01 47.78
N GLU B 34 -2.72 -29.75 47.80
CA GLU B 34 -3.56 -30.08 48.95
C GLU B 34 -3.54 -31.58 49.23
N ILE B 35 -3.69 -32.37 48.18
CA ILE B 35 -3.64 -33.82 48.29
C ILE B 35 -2.29 -34.25 48.87
N HIS B 36 -1.21 -33.63 48.39
CA HIS B 36 0.12 -33.92 48.91
C HIS B 36 0.19 -33.70 50.43
N LEU B 37 -0.24 -32.51 50.87
CA LEU B 37 -0.18 -32.20 52.30
C LEU B 37 -1.07 -33.11 53.14
N LEU B 38 -2.26 -33.43 52.64
CA LEU B 38 -3.15 -34.36 53.34
C LEU B 38 -2.50 -35.73 53.47
N ARG B 39 -1.82 -36.16 52.41
CA ARG B 39 -1.14 -37.44 52.43
C ARG B 39 -0.04 -37.45 53.48
N GLU B 40 0.81 -36.40 53.50
CA GLU B 40 1.87 -36.39 54.50
C GLU B 40 1.35 -36.06 55.91
N ALA B 41 0.08 -35.70 56.01
CA ALA B 41 -0.53 -35.51 57.32
C ALA B 41 -0.88 -36.86 57.96
N LEU B 42 -1.41 -37.77 57.13
CA LEU B 42 -1.79 -39.10 57.60
C LEU B 42 -0.63 -40.09 57.64
N GLN B 43 0.61 -39.57 57.63
CA GLN B 43 1.79 -40.43 57.74
C GLN B 43 2.25 -40.58 59.20
N LYS B 44 1.71 -39.74 60.09
CA LYS B 44 2.08 -39.75 61.51
C LYS B 44 1.75 -41.06 62.20
N ALA B 69 -7.88 -41.88 54.20
CA ALA B 69 -8.94 -41.96 55.20
C ALA B 69 -10.15 -41.12 54.78
N LEU B 70 -10.41 -41.08 53.48
CA LEU B 70 -11.54 -40.34 52.91
C LEU B 70 -11.56 -38.87 53.39
N ALA B 71 -10.70 -37.97 52.87
CA ALA B 71 -9.77 -38.13 51.74
C ALA B 71 -10.46 -38.59 50.44
N MET B 72 -11.64 -38.05 50.19
CA MET B 72 -12.36 -38.30 48.94
C MET B 72 -11.96 -37.29 47.87
N LEU B 73 -11.08 -36.37 48.22
CA LEU B 73 -10.68 -35.28 47.33
C LEU B 73 -9.97 -35.82 46.09
N LEU B 74 -9.39 -37.01 46.18
CA LEU B 74 -8.73 -37.63 45.03
C LEU B 74 -9.72 -37.93 43.90
N GLN B 75 -10.91 -38.41 44.26
CA GLN B 75 -11.96 -38.71 43.29
C GLN B 75 -12.41 -37.43 42.59
N GLU B 76 -12.60 -36.37 43.39
CA GLU B 76 -12.93 -35.04 42.89
C GLU B 76 -11.91 -34.52 41.88
N THR B 77 -10.67 -34.46 42.32
CA THR B 77 -9.59 -33.88 41.52
C THR B 77 -9.42 -34.68 40.23
N THR B 78 -9.53 -36.01 40.35
CA THR B 78 -9.46 -36.86 39.17
C THR B 78 -10.61 -36.54 38.20
N GLY B 79 -11.81 -36.32 38.75
CA GLY B 79 -12.95 -35.95 37.93
C GLY B 79 -12.75 -34.64 37.19
N GLU B 80 -12.14 -33.68 37.87
CA GLU B 80 -11.90 -32.37 37.26
C GLU B 80 -10.82 -32.50 36.20
N LEU B 81 -9.96 -33.49 36.40
CA LEU B 81 -8.93 -33.81 35.42
C LEU B 81 -9.58 -34.39 34.16
N GLU B 82 -10.51 -35.31 34.33
CA GLU B 82 -11.19 -35.89 33.17
C GLU B 82 -12.02 -34.84 32.42
N ALA B 83 -12.59 -33.90 33.17
CA ALA B 83 -13.29 -32.77 32.55
C ALA B 83 -12.34 -31.97 31.67
N ALA B 84 -11.22 -31.58 32.26
CA ALA B 84 -10.19 -30.83 31.54
C ALA B 84 -9.79 -31.56 30.28
N LYS B 85 -9.57 -32.87 30.41
CA LYS B 85 -9.18 -33.71 29.28
C LYS B 85 -10.23 -33.65 28.17
N ALA B 86 -11.51 -33.79 28.54
CA ALA B 86 -12.56 -33.73 27.53
C ALA B 86 -12.52 -32.41 26.79
N LEU B 87 -12.31 -31.33 27.55
CA LEU B 87 -12.25 -30.01 26.93
C LEU B 87 -11.08 -29.89 25.96
N VAL B 88 -9.89 -30.35 26.37
CA VAL B 88 -8.73 -30.25 25.49
C VAL B 88 -8.94 -31.11 24.23
N LEU B 89 -9.62 -32.25 24.36
CA LEU B 89 -9.90 -33.05 23.17
C LEU B 89 -10.84 -32.31 22.24
N LYS B 90 -11.80 -31.58 22.80
CA LYS B 90 -12.76 -30.91 21.93
C LYS B 90 -12.07 -29.72 21.25
N ARG B 91 -11.08 -29.15 21.92
CA ARG B 91 -10.32 -28.07 21.31
C ARG B 91 -9.43 -28.64 20.21
N ILE B 92 -8.98 -29.88 20.40
CA ILE B 92 -8.22 -30.58 19.37
C ILE B 92 -9.06 -30.79 18.12
N GLN B 93 -10.27 -31.32 18.29
CA GLN B 93 -11.12 -31.57 17.12
C GLN B 93 -11.49 -30.23 16.47
N ILE B 94 -11.56 -29.18 17.27
CA ILE B 94 -11.77 -27.83 16.71
C ILE B 94 -10.60 -27.47 15.80
N TRP B 95 -9.38 -27.70 16.28
CA TRP B 95 -8.18 -27.46 15.45
C TRP B 95 -8.31 -28.25 14.15
N LYS B 96 -8.78 -29.49 14.25
CA LYS B 96 -8.95 -30.32 13.07
C LYS B 96 -9.91 -29.69 12.08
N ARG B 97 -11.00 -29.11 12.59
CA ARG B 97 -12.00 -28.56 11.69
C ARG B 97 -11.49 -27.27 11.05
N GLN B 98 -10.72 -26.50 11.81
CA GLN B 98 -10.10 -25.30 11.27
C GLN B 98 -9.13 -25.65 10.16
N GLN B 99 -8.36 -26.73 10.35
CA GLN B 99 -7.46 -27.22 9.32
C GLN B 99 -8.24 -27.67 8.09
N GLN B 100 -9.36 -28.33 8.34
CA GLN B 100 -10.23 -28.83 7.28
C GLN B 100 -10.69 -27.68 6.40
N LEU B 101 -11.18 -26.62 7.03
CA LEU B 101 -11.62 -25.47 6.27
C LEU B 101 -10.43 -24.77 5.60
N ALA B 102 -9.28 -24.83 6.27
CA ALA B 102 -8.07 -24.19 5.79
C ALA B 102 -7.63 -24.80 4.46
N GLY B 103 -7.83 -26.11 4.33
CA GLY B 103 -7.49 -26.80 3.10
C GLY B 103 -8.34 -26.30 1.95
N ASN B 104 -9.52 -25.80 2.31
CA ASN B 104 -10.49 -25.27 1.37
C ASN B 104 -10.35 -23.77 1.12
N GLY B 105 -9.59 -23.07 1.98
CA GLY B 105 -9.55 -21.62 1.89
C GLY B 105 -10.27 -21.00 3.07
N ALA B 106 -9.58 -20.89 4.21
CA ALA B 106 -10.16 -20.32 5.41
C ALA B 106 -9.09 -19.69 6.34
N PRO B 107 -9.51 -18.88 7.34
CA PRO B 107 -8.54 -18.34 8.30
C PRO B 107 -7.71 -19.46 8.95
N PHE B 108 -6.52 -19.14 9.48
CA PHE B 108 -5.66 -20.19 10.04
C PHE B 108 -5.20 -19.89 11.46
N GLU B 109 -4.98 -20.95 12.25
CA GLU B 109 -4.50 -20.77 13.61
C GLU B 109 -3.00 -20.37 13.61
N GLU B 110 -2.04 -21.16 13.11
CA GLU B 110 -2.15 -22.58 12.69
C GLU B 110 -1.55 -23.52 13.72
N SER B 111 -0.70 -22.97 14.60
CA SER B 111 0.24 -23.74 15.41
C SER B 111 -0.40 -24.65 16.45
N LEU B 112 0.29 -25.76 16.74
CA LEU B 112 -0.15 -26.73 17.74
C LEU B 112 0.54 -26.55 19.08
N ALA B 113 1.47 -25.61 19.16
CA ALA B 113 2.23 -25.38 20.39
C ALA B 113 1.36 -25.11 21.65
N PRO B 114 0.30 -24.28 21.52
CA PRO B 114 -0.54 -24.11 22.72
C PRO B 114 -1.21 -25.40 23.17
N LEU B 115 -1.83 -26.12 22.24
CA LEU B 115 -2.44 -27.41 22.54
C LEU B 115 -1.42 -28.36 23.17
N GLN B 116 -0.20 -28.33 22.66
CA GLN B 116 0.86 -29.19 23.18
C GLN B 116 1.16 -28.82 24.63
N GLU B 117 1.18 -27.52 24.92
CA GLU B 117 1.42 -27.05 26.27
C GLU B 117 0.30 -27.52 27.20
N ARG B 118 -0.93 -27.45 26.70
CA ARG B 118 -2.11 -27.86 27.46
C ARG B 118 -2.00 -29.34 27.83
N CYS B 119 -1.70 -30.16 26.82
CA CYS B 119 -1.59 -31.60 27.01
C CYS B 119 -0.45 -31.95 27.96
N GLU B 120 0.68 -31.25 27.82
CA GLU B 120 1.83 -31.47 28.69
C GLU B 120 1.49 -31.19 30.15
N SER B 121 0.83 -30.06 30.39
CA SER B 121 0.43 -29.72 31.75
C SER B 121 -0.56 -30.77 32.29
N LEU B 122 -1.46 -31.21 31.41
CA LEU B 122 -2.47 -32.17 31.81
C LEU B 122 -1.85 -33.51 32.24
N VAL B 123 -0.90 -33.99 31.45
CA VAL B 123 -0.22 -35.24 31.80
C VAL B 123 0.65 -35.03 33.02
N ASP B 124 1.14 -33.81 33.22
CA ASP B 124 1.85 -33.51 34.47
C ASP B 124 0.92 -33.76 35.65
N ILE B 125 -0.28 -33.19 35.59
CA ILE B 125 -1.26 -33.36 36.65
C ILE B 125 -1.60 -34.84 36.84
N TYR B 126 -1.75 -35.56 35.73
CA TYR B 126 -1.98 -37.00 35.78
C TYR B 126 -0.90 -37.71 36.56
N SER B 127 0.34 -37.40 36.21
CA SER B 127 1.51 -38.04 36.82
C SER B 127 1.54 -37.78 38.30
N GLN B 128 1.38 -36.53 38.71
CA GLN B 128 1.43 -36.23 40.14
C GLN B 128 0.28 -36.90 40.91
N LEU B 129 -0.88 -36.98 40.29
CA LEU B 129 -2.01 -37.68 40.91
C LEU B 129 -1.67 -39.16 41.12
N GLN B 130 -1.26 -39.81 40.03
CA GLN B 130 -0.93 -41.22 40.01
C GLN B 130 0.14 -41.56 41.01
N GLN B 131 1.14 -40.70 41.08
CA GLN B 131 2.22 -40.86 42.04
C GLN B 131 1.66 -40.73 43.45
N GLU B 132 0.70 -39.84 43.63
CA GLU B 132 0.13 -39.64 44.96
C GLU B 132 -0.79 -40.79 45.39
N VAL B 133 -1.29 -41.57 44.43
CA VAL B 133 -2.18 -42.69 44.77
C VAL B 133 -1.47 -43.79 45.54
N GLY B 134 -0.13 -43.82 45.50
CA GLY B 134 0.60 -44.89 46.14
C GLY B 134 0.86 -44.58 47.59
N ALA B 135 -0.20 -44.11 48.24
CA ALA B 135 -0.26 -43.90 49.69
C ALA B 135 -1.26 -44.87 50.31
N ALA B 136 -0.96 -45.33 51.52
CA ALA B 136 -1.81 -46.33 52.16
C ALA B 136 -2.74 -45.66 53.16
N GLY B 137 -4.04 -45.77 52.90
CA GLY B 137 -5.07 -45.13 53.68
C GLY B 137 -6.35 -45.16 52.88
N THR B 144 -10.11 -49.83 49.93
CA THR B 144 -8.96 -49.37 49.19
C THR B 144 -9.34 -49.08 47.75
N ARG B 145 -9.43 -47.81 47.41
CA ARG B 145 -9.79 -47.40 46.08
C ARG B 145 -8.59 -47.40 45.17
N ALA B 146 -8.40 -48.50 44.47
CA ALA B 146 -7.29 -48.58 43.56
C ALA B 146 -7.82 -48.40 42.15
N SER B 147 -9.12 -48.57 41.97
CA SER B 147 -9.73 -48.38 40.67
C SER B 147 -9.39 -46.97 40.26
N LEU B 148 -9.26 -46.14 41.26
CA LEU B 148 -8.86 -44.75 41.05
C LEU B 148 -7.80 -44.71 39.95
N THR B 149 -6.79 -45.56 40.08
CA THR B 149 -5.71 -45.64 39.10
C THR B 149 -6.29 -45.98 37.75
N GLY B 150 -7.32 -46.83 37.77
CA GLY B 150 -7.99 -47.28 36.57
C GLY B 150 -8.55 -46.11 35.80
N ARG B 151 -9.04 -45.10 36.51
CA ARG B 151 -9.52 -43.93 35.78
C ARG B 151 -8.35 -43.11 35.28
N LEU B 152 -7.34 -42.95 36.12
CA LEU B 152 -6.21 -42.07 35.80
C LEU B 152 -5.47 -42.48 34.55
N ASP B 153 -5.17 -43.76 34.42
CA ASP B 153 -4.41 -44.20 33.27
C ASP B 153 -5.30 -44.07 32.03
N GLU B 154 -6.61 -44.18 32.20
CA GLU B 154 -7.49 -44.06 31.06
C GLU B 154 -7.56 -42.60 30.67
N VAL B 155 -7.35 -41.74 31.65
CA VAL B 155 -7.21 -40.33 31.33
C VAL B 155 -6.01 -40.15 30.40
N LEU B 156 -4.93 -40.86 30.70
CA LEU B 156 -3.70 -40.72 29.91
C LEU B 156 -3.78 -41.15 28.45
N ARG B 157 -4.22 -42.39 28.21
CA ARG B 157 -4.07 -42.96 26.87
C ARG B 157 -4.99 -42.30 25.87
N THR B 158 -6.20 -41.98 26.32
CA THR B 158 -7.16 -41.29 25.46
C THR B 158 -6.55 -39.95 25.08
N LEU B 159 -5.83 -39.34 26.01
CA LEU B 159 -5.12 -38.11 25.69
C LEU B 159 -4.02 -38.42 24.69
N VAL B 160 -3.26 -39.47 24.98
CA VAL B 160 -2.10 -39.85 24.17
C VAL B 160 -2.53 -40.15 22.74
N THR B 161 -3.53 -41.02 22.61
CA THR B 161 -4.02 -41.41 21.30
C THR B 161 -4.59 -40.19 20.57
N SER B 162 -5.07 -39.21 21.33
CA SER B 162 -5.63 -38.02 20.71
C SER B 162 -4.56 -36.98 20.41
N CYS B 163 -3.37 -37.18 20.95
CA CYS B 163 -2.25 -36.26 20.71
C CYS B 163 -1.48 -36.56 19.44
N PHE B 164 -1.94 -37.53 18.67
CA PHE B 164 -1.28 -37.89 17.42
C PHE B 164 -2.02 -37.31 16.24
N LEU B 165 -1.49 -36.22 15.68
CA LEU B 165 -2.21 -35.45 14.68
C LEU B 165 -1.44 -35.38 13.36
N VAL B 166 -2.16 -35.10 12.28
CA VAL B 166 -1.54 -34.83 10.99
C VAL B 166 -1.34 -33.32 10.82
N GLU B 167 -0.17 -32.84 11.19
CA GLU B 167 0.11 -31.41 11.17
C GLU B 167 0.12 -30.86 9.75
N LYS B 168 0.96 -31.45 8.90
CA LYS B 168 0.99 -31.08 7.49
C LYS B 168 0.24 -32.11 6.68
N GLN B 169 -0.87 -31.71 6.08
CA GLN B 169 -1.71 -32.63 5.32
C GLN B 169 -1.15 -32.86 3.93
N PRO B 170 -1.30 -34.08 3.40
CA PRO B 170 -0.93 -34.36 2.01
C PRO B 170 -1.87 -33.63 1.05
N PRO B 171 -1.49 -33.53 -0.24
CA PRO B 171 -2.40 -32.89 -1.19
C PRO B 171 -3.74 -33.63 -1.27
N GLN B 172 -4.85 -32.89 -1.16
CA GLN B 172 -6.16 -33.51 -1.17
C GLN B 172 -6.55 -33.92 -2.58
N VAL B 173 -5.84 -33.40 -3.56
CA VAL B 173 -5.92 -33.94 -4.91
C VAL B 173 -4.54 -34.50 -5.26
N LEU B 174 -4.47 -35.80 -5.49
CA LEU B 174 -3.20 -36.49 -5.61
C LEU B 174 -3.04 -37.23 -6.93
N LYS B 175 -1.99 -36.92 -7.67
CA LYS B 175 -1.70 -37.60 -8.93
C LYS B 175 -0.69 -38.72 -8.72
N THR B 176 -0.96 -39.88 -9.30
CA THR B 176 -0.07 -41.03 -9.19
C THR B 176 1.27 -40.78 -9.87
N GLN B 177 2.29 -41.43 -9.34
CA GLN B 177 3.67 -41.30 -9.84
C GLN B 177 4.08 -39.82 -9.89
N THR B 178 3.68 -39.09 -8.85
CA THR B 178 4.11 -37.72 -8.61
C THR B 178 4.47 -37.64 -7.14
N LYS B 179 5.49 -36.84 -6.82
CA LYS B 179 6.06 -36.83 -5.49
C LYS B 179 5.34 -35.80 -4.60
N PHE B 180 4.98 -36.22 -3.39
CA PHE B 180 4.23 -35.39 -2.47
C PHE B 180 4.77 -35.55 -1.05
N GLN B 181 4.36 -34.66 -0.15
CA GLN B 181 4.87 -34.69 1.21
C GLN B 181 3.76 -34.77 2.26
N ALA B 182 4.10 -35.30 3.43
CA ALA B 182 3.15 -35.40 4.53
C ALA B 182 3.84 -35.20 5.87
N GLY B 183 3.12 -34.71 6.87
CA GLY B 183 3.72 -34.49 8.17
C GLY B 183 2.86 -34.90 9.35
N VAL B 184 3.41 -35.74 10.24
CA VAL B 184 2.65 -36.20 11.40
C VAL B 184 3.34 -35.75 12.70
N ARG B 185 2.54 -35.42 13.72
CA ARG B 185 3.07 -34.86 14.96
C ARG B 185 2.53 -35.53 16.24
N PHE B 186 3.42 -35.73 17.21
CA PHE B 186 3.01 -36.21 18.53
C PHE B 186 3.26 -35.10 19.54
N LEU B 187 2.20 -34.68 20.21
CA LEU B 187 2.27 -33.54 21.12
C LEU B 187 2.91 -33.89 22.45
N LEU B 188 2.67 -35.11 22.93
CA LEU B 188 3.22 -35.54 24.20
C LEU B 188 4.56 -36.24 24.02
N GLY B 189 5.23 -35.94 22.91
CA GLY B 189 6.49 -36.56 22.60
C GLY B 189 7.66 -36.16 23.48
N LEU B 190 7.71 -34.87 23.83
CA LEU B 190 8.81 -34.35 24.63
C LEU B 190 8.54 -34.57 26.12
N ARG B 191 7.41 -35.19 26.39
CA ARG B 191 7.05 -35.60 27.73
C ARG B 191 7.64 -36.96 28.12
N PHE B 192 7.81 -37.83 27.13
CA PHE B 192 8.44 -39.11 27.36
C PHE B 192 9.83 -39.22 26.73
N LEU B 193 9.96 -38.73 25.50
CA LEU B 193 11.15 -38.93 24.71
C LEU B 193 12.22 -37.87 24.95
N GLY B 194 12.84 -37.89 26.13
CA GLY B 194 13.85 -36.89 26.38
C GLY B 194 15.04 -37.24 25.53
N ALA B 195 15.47 -38.49 25.62
CA ALA B 195 16.50 -38.98 24.72
C ALA B 195 15.76 -39.34 23.45
N PRO B 196 16.40 -39.16 22.28
CA PRO B 196 15.72 -39.64 21.07
C PRO B 196 15.71 -41.17 21.01
N ALA B 197 16.77 -41.79 21.49
CA ALA B 197 16.86 -43.25 21.52
C ALA B 197 15.90 -43.80 22.56
N LYS B 198 14.96 -44.64 22.11
CA LYS B 198 14.93 -45.15 20.75
C LYS B 198 13.64 -44.75 20.05
N PRO B 199 13.76 -44.01 18.94
CA PRO B 199 12.60 -43.44 18.25
C PRO B 199 11.75 -44.52 17.61
N PRO B 200 10.43 -44.44 17.79
CA PRO B 200 9.51 -45.35 17.10
C PRO B 200 9.43 -45.01 15.61
N LEU B 201 8.95 -45.94 14.81
CA LEU B 201 8.87 -45.73 13.37
C LEU B 201 7.42 -45.63 12.94
N VAL B 202 7.10 -44.58 12.19
CA VAL B 202 5.72 -44.37 11.73
C VAL B 202 5.55 -44.80 10.28
N ARG B 203 4.54 -45.61 10.04
CA ARG B 203 4.24 -46.12 8.71
C ARG B 203 3.04 -45.39 8.10
N ALA B 204 3.13 -45.07 6.80
CA ALA B 204 2.06 -44.40 6.10
C ALA B 204 1.50 -45.34 5.04
N ASP B 205 0.20 -45.63 5.13
CA ASP B 205 -0.43 -46.57 4.19
C ASP B 205 -1.73 -46.02 3.61
N MET B 206 -1.97 -46.27 2.32
CA MET B 206 -3.18 -45.79 1.69
C MET B 206 -4.39 -46.62 2.09
N VAL B 207 -5.51 -45.94 2.35
CA VAL B 207 -6.74 -46.62 2.71
C VAL B 207 -7.93 -46.01 1.96
N THR B 208 -8.88 -46.88 1.61
CA THR B 208 -10.11 -46.46 0.97
C THR B 208 -11.07 -45.87 1.99
N GLU B 209 -12.17 -45.29 1.53
CA GLU B 209 -13.20 -44.76 2.41
C GLU B 209 -13.79 -45.86 3.28
N LYS B 210 -13.88 -47.06 2.71
CA LYS B 210 -14.43 -48.22 3.42
C LYS B 210 -13.53 -48.63 4.58
N GLN B 211 -12.23 -48.74 4.32
CA GLN B 211 -11.27 -49.14 5.35
C GLN B 211 -11.09 -48.09 6.44
N ALA B 212 -11.45 -46.85 6.14
CA ALA B 212 -11.37 -45.78 7.13
C ALA B 212 -12.39 -45.99 8.25
N ARG B 213 -13.48 -46.67 7.93
CA ARG B 213 -14.51 -46.98 8.92
C ARG B 213 -14.13 -48.26 9.64
N GLU B 214 -13.26 -48.16 10.64
CA GLU B 214 -12.81 -49.34 11.37
C GLU B 214 -12.81 -49.07 12.87
N THR B 228 -6.06 -50.73 -3.32
CA THR B 228 -5.66 -49.80 -2.26
C THR B 228 -4.37 -49.10 -2.62
N GLY B 229 -3.55 -49.72 -3.46
CA GLY B 229 -2.27 -49.15 -3.86
C GLY B 229 -1.30 -48.81 -2.77
N GLU B 230 -0.02 -48.84 -3.12
CA GLU B 230 1.06 -48.67 -2.14
C GLU B 230 1.94 -47.46 -2.44
N ILE B 231 2.52 -46.92 -1.36
CA ILE B 231 3.30 -45.69 -1.39
C ILE B 231 4.78 -46.04 -1.16
N ILE B 232 5.68 -45.15 -1.61
CA ILE B 232 7.11 -45.40 -1.50
C ILE B 232 7.71 -44.50 -0.41
N ASN B 233 8.72 -45.01 0.29
CA ASN B 233 9.29 -44.37 1.46
C ASN B 233 8.28 -44.04 2.55
N ASN B 234 7.64 -45.08 3.11
CA ASN B 234 6.57 -44.89 4.07
C ASN B 234 7.08 -44.88 5.51
N THR B 235 8.33 -45.27 5.70
CA THR B 235 8.92 -45.29 7.02
C THR B 235 9.78 -44.06 7.27
N VAL B 236 9.45 -43.33 8.32
CA VAL B 236 10.22 -42.17 8.77
C VAL B 236 10.24 -42.19 10.29
N PRO B 237 11.42 -41.99 10.89
CA PRO B 237 11.44 -42.04 12.36
C PRO B 237 10.77 -40.82 12.98
N LEU B 238 9.97 -41.05 14.02
CA LEU B 238 9.31 -39.97 14.74
C LEU B 238 10.28 -39.42 15.77
N GLU B 239 10.83 -38.23 15.50
CA GLU B 239 11.92 -37.68 16.31
C GLU B 239 11.57 -36.42 17.07
N ASN B 240 12.15 -36.30 18.25
CA ASN B 240 12.10 -35.08 19.04
C ASN B 240 13.19 -34.09 18.66
N SER B 241 12.81 -32.83 18.52
CA SER B 241 13.76 -31.76 18.30
C SER B 241 13.72 -30.81 19.47
N ILE B 242 14.83 -30.72 20.19
CA ILE B 242 14.91 -29.85 21.36
C ILE B 242 14.73 -28.39 20.94
N PRO B 243 15.39 -27.97 19.85
CA PRO B 243 14.89 -26.68 19.36
C PRO B 243 13.55 -26.87 18.65
N GLY B 244 12.70 -25.85 18.69
CA GLY B 244 11.37 -25.94 18.11
C GLY B 244 10.33 -26.59 19.02
N ASN B 245 10.79 -27.26 20.07
CA ASN B 245 9.92 -27.85 21.09
C ASN B 245 8.85 -28.75 20.48
N CYS B 246 9.27 -29.65 19.60
CA CYS B 246 8.34 -30.47 18.85
C CYS B 246 8.80 -31.91 18.66
N CYS B 247 7.84 -32.83 18.67
CA CYS B 247 8.09 -34.25 18.43
C CYS B 247 7.43 -34.70 17.15
N SER B 248 8.10 -34.50 16.02
CA SER B 248 7.48 -34.74 14.72
C SER B 248 8.15 -35.81 13.86
N ALA B 249 7.39 -36.27 12.87
CA ALA B 249 7.89 -37.13 11.79
C ALA B 249 7.46 -36.56 10.44
N LEU B 250 8.44 -36.23 9.61
CA LEU B 250 8.14 -35.62 8.31
C LEU B 250 8.48 -36.52 7.11
N PHE B 251 7.45 -36.88 6.36
CA PHE B 251 7.60 -37.61 5.11
C PHE B 251 7.88 -36.63 3.99
N LYS B 252 9.08 -36.71 3.45
CA LYS B 252 9.56 -35.74 2.47
C LYS B 252 9.74 -36.34 1.08
N ASN B 253 9.63 -37.67 0.97
CA ASN B 253 9.67 -38.32 -0.33
C ASN B 253 8.61 -39.40 -0.51
N LEU B 254 7.34 -38.99 -0.57
CA LEU B 254 6.26 -39.96 -0.78
C LEU B 254 5.92 -40.06 -2.26
N LEU B 255 5.47 -41.24 -2.68
CA LEU B 255 5.11 -41.48 -4.07
C LEU B 255 4.07 -42.59 -4.14
N LEU B 256 3.03 -42.38 -4.94
CA LEU B 256 2.01 -43.39 -5.14
C LEU B 256 2.22 -44.08 -6.49
N LYS B 257 2.51 -45.37 -6.45
CA LYS B 257 2.83 -46.11 -7.67
C LYS B 257 1.56 -46.39 -8.47
N LYS B 258 0.60 -47.03 -7.83
CA LYS B 258 -0.67 -47.36 -8.45
C LYS B 258 -1.83 -47.13 -7.50
N ILE B 259 -2.99 -46.80 -8.06
CA ILE B 259 -4.21 -46.59 -7.27
C ILE B 259 -5.33 -47.51 -7.75
N LYS B 260 -5.98 -48.18 -6.81
CA LYS B 260 -7.10 -49.05 -7.15
C LYS B 260 -8.42 -48.47 -6.66
N ARG B 261 -9.35 -48.28 -7.59
CA ARG B 261 -10.65 -47.70 -7.28
C ARG B 261 -11.56 -48.65 -6.51
N CYS B 262 -12.37 -48.08 -5.61
CA CYS B 262 -13.40 -48.84 -4.91
C CYS B 262 -14.47 -49.23 -5.94
N GLU B 263 -15.14 -50.35 -5.72
CA GLU B 263 -16.08 -50.85 -6.72
C GLU B 263 -17.50 -50.35 -6.51
N ARG B 264 -17.96 -49.54 -7.46
CA ARG B 264 -19.34 -49.08 -7.52
C ARG B 264 -19.61 -48.73 -8.97
N LYS B 265 -20.88 -48.70 -9.39
CA LYS B 265 -21.17 -48.31 -10.76
C LYS B 265 -20.72 -46.88 -11.00
N GLY B 266 -20.98 -45.99 -10.05
CA GLY B 266 -22.07 -46.12 -9.08
C GLY B 266 -23.40 -46.06 -9.83
N THR B 267 -23.47 -45.18 -10.83
CA THR B 267 -23.56 -43.73 -10.80
C THR B 267 -22.48 -42.95 -10.02
N GLU B 268 -21.22 -43.40 -10.10
CA GLU B 268 -20.14 -42.67 -9.43
C GLU B 268 -18.96 -42.38 -10.35
N SER B 269 -18.51 -41.13 -10.35
CA SER B 269 -17.24 -40.76 -10.97
C SER B 269 -16.10 -41.27 -10.10
N VAL B 270 -14.99 -41.65 -10.71
CA VAL B 270 -13.82 -42.10 -9.96
C VAL B 270 -13.30 -40.96 -9.09
N THR B 271 -13.32 -39.76 -9.65
CA THR B 271 -12.89 -38.56 -8.97
C THR B 271 -13.80 -38.24 -7.84
N GLU B 272 -14.80 -39.06 -7.66
CA GLU B 272 -15.71 -38.87 -6.56
C GLU B 272 -15.35 -39.73 -5.42
N GLU B 273 -14.29 -40.48 -5.55
CA GLU B 273 -13.96 -41.47 -4.55
C GLU B 273 -12.88 -40.96 -3.69
N LYS B 274 -13.21 -40.94 -2.28
CA LYS B 274 -12.38 -40.38 -1.23
C LYS B 274 -11.45 -41.43 -0.61
N CYS B 275 -10.16 -41.13 -0.62
CA CYS B 275 -9.15 -41.99 -0.04
C CYS B 275 -8.40 -41.22 1.03
N ALA B 276 -7.58 -41.90 1.81
CA ALA B 276 -6.80 -41.22 2.84
C ALA B 276 -5.48 -41.92 3.13
N VAL B 277 -4.55 -41.18 3.73
CA VAL B 277 -3.32 -41.79 4.21
C VAL B 277 -3.44 -42.07 5.70
N LEU B 278 -3.07 -43.28 6.10
CA LEU B 278 -3.17 -43.71 7.49
C LEU B 278 -1.78 -43.80 8.10
N PHE B 279 -1.57 -43.06 9.18
CA PHE B 279 -0.30 -43.02 9.87
C PHE B 279 -0.36 -43.86 11.15
N SER B 280 0.40 -44.95 11.15
CA SER B 280 0.40 -45.90 12.26
C SER B 280 1.74 -45.90 12.98
N ALA B 281 1.70 -46.14 14.29
CA ALA B 281 2.91 -46.19 15.09
C ALA B 281 2.58 -46.43 16.57
N SER B 282 3.47 -47.12 17.26
CA SER B 282 3.27 -47.39 18.68
C SER B 282 4.34 -46.71 19.52
N PHE B 283 3.91 -45.95 20.52
CA PHE B 283 4.83 -45.30 21.44
C PHE B 283 5.59 -46.33 22.26
N THR B 284 6.42 -45.87 23.19
CA THR B 284 7.21 -46.77 24.03
C THR B 284 7.09 -46.41 25.51
N LEU B 285 5.94 -46.72 26.09
CA LEU B 285 5.69 -46.43 27.50
C LEU B 285 5.21 -47.66 28.25
N GLY B 286 6.12 -48.58 28.51
CA GLY B 286 5.80 -49.80 29.24
C GLY B 286 6.56 -49.90 30.55
N PRO B 287 5.78 -50.19 31.69
CA PRO B 287 6.57 -50.28 32.93
C PRO B 287 7.72 -51.29 32.79
N PRO B 291 2.49 -50.71 25.24
CA PRO B 291 1.11 -51.11 24.98
C PRO B 291 0.26 -49.98 24.37
N ILE B 292 0.91 -49.01 23.74
CA ILE B 292 0.17 -47.93 23.11
C ILE B 292 0.36 -47.89 21.60
N GLN B 293 -0.73 -48.05 20.86
CA GLN B 293 -0.71 -47.94 19.42
C GLN B 293 -1.22 -46.57 18.99
N LEU B 294 -0.44 -45.88 18.16
CA LEU B 294 -0.83 -44.55 17.69
C LEU B 294 -1.42 -44.60 16.29
N GLN B 295 -2.62 -44.07 16.12
CA GLN B 295 -3.25 -44.02 14.82
C GLN B 295 -3.66 -42.59 14.46
N ALA B 296 -3.42 -42.20 13.23
CA ALA B 296 -3.86 -40.90 12.74
C ALA B 296 -4.38 -41.00 11.32
N LEU B 297 -5.50 -40.33 11.06
CA LEU B 297 -6.09 -40.36 9.73
C LEU B 297 -6.06 -38.97 9.12
N SER B 298 -5.60 -38.90 7.87
CA SER B 298 -5.53 -37.62 7.17
C SER B 298 -6.90 -37.18 6.69
N LEU B 299 -6.96 -35.99 6.12
CA LEU B 299 -8.16 -35.54 5.44
C LEU B 299 -8.36 -36.39 4.20
N PRO B 300 -9.62 -36.49 3.73
CA PRO B 300 -9.91 -37.24 2.51
C PRO B 300 -9.16 -36.67 1.32
N LEU B 301 -8.67 -37.53 0.43
CA LEU B 301 -8.03 -37.06 -0.77
C LEU B 301 -8.51 -37.88 -1.94
N VAL B 302 -8.51 -37.28 -3.12
CA VAL B 302 -8.94 -37.98 -4.33
C VAL B 302 -7.73 -38.24 -5.20
N VAL B 303 -7.50 -39.52 -5.50
CA VAL B 303 -6.36 -39.89 -6.32
C VAL B 303 -6.72 -39.75 -7.80
N ILE B 304 -5.84 -39.10 -8.56
CA ILE B 304 -6.03 -38.95 -9.99
C ILE B 304 -4.79 -39.44 -10.73
N VAL B 305 -4.92 -39.66 -12.04
CA VAL B 305 -3.81 -40.16 -12.83
C VAL B 305 -3.49 -39.26 -14.02
N HIS B 306 -4.21 -38.15 -14.13
CA HIS B 306 -3.99 -37.21 -15.22
C HIS B 306 -4.64 -35.87 -14.93
N GLY B 307 -4.13 -34.81 -15.54
CA GLY B 307 -4.61 -33.46 -15.28
C GLY B 307 -6.10 -33.21 -15.53
N ASN B 308 -6.67 -33.95 -16.47
CA ASN B 308 -8.07 -33.74 -16.86
C ASN B 308 -9.01 -33.95 -15.68
N GLN B 309 -8.61 -34.83 -14.78
CA GLN B 309 -9.41 -35.17 -13.61
C GLN B 309 -9.32 -34.12 -12.52
N ASP B 310 -8.25 -33.30 -12.54
CA ASP B 310 -7.97 -32.39 -11.43
C ASP B 310 -9.15 -31.48 -11.13
N ASN B 311 -9.69 -30.87 -12.16
CA ASN B 311 -10.75 -29.87 -11.98
C ASN B 311 -12.01 -30.49 -11.42
N ASN B 312 -12.19 -31.78 -11.62
CA ASN B 312 -13.33 -32.44 -10.99
C ASN B 312 -13.01 -32.78 -9.55
N ALA B 313 -11.79 -33.26 -9.33
CA ALA B 313 -11.38 -33.72 -8.02
C ALA B 313 -11.54 -32.58 -7.03
N LYS B 314 -11.13 -31.40 -7.46
CA LYS B 314 -11.17 -30.20 -6.64
C LYS B 314 -12.57 -30.03 -6.08
N ALA B 315 -13.55 -30.19 -6.96
CA ALA B 315 -14.94 -30.00 -6.59
C ALA B 315 -15.28 -30.88 -5.42
N THR B 316 -14.91 -32.15 -5.57
CA THR B 316 -15.21 -33.14 -4.54
C THR B 316 -14.65 -32.65 -3.22
N ILE B 317 -13.37 -32.27 -3.27
CA ILE B 317 -12.68 -31.87 -2.06
C ILE B 317 -13.38 -30.64 -1.51
N LEU B 318 -13.73 -29.73 -2.42
CA LEU B 318 -14.42 -28.51 -2.05
C LEU B 318 -15.69 -28.84 -1.27
N TRP B 319 -16.44 -29.81 -1.78
CA TRP B 319 -17.67 -30.19 -1.12
C TRP B 319 -17.36 -30.83 0.23
N ASP B 320 -16.30 -31.64 0.27
CA ASP B 320 -15.98 -32.41 1.47
C ASP B 320 -15.32 -31.58 2.57
N ASN B 321 -14.45 -30.64 2.20
CA ASN B 321 -13.77 -29.82 3.19
C ASN B 321 -14.75 -28.99 4.01
N ALA B 322 -15.71 -28.39 3.32
CA ALA B 322 -16.84 -27.77 3.98
C ALA B 322 -17.93 -28.83 4.15
N PHE B 323 -19.10 -28.42 4.63
CA PHE B 323 -20.28 -29.29 4.68
C PHE B 323 -20.08 -30.60 5.45
N SER B 324 -18.96 -30.73 6.15
CA SER B 324 -18.65 -31.94 6.89
C SER B 324 -18.76 -31.71 8.38
N GLU B 325 -19.44 -32.63 9.07
CA GLU B 325 -19.61 -32.53 10.52
C GLU B 325 -18.27 -32.74 11.20
N MET B 326 -18.15 -32.26 12.44
CA MET B 326 -16.86 -32.27 13.12
C MET B 326 -16.41 -33.67 13.47
N ASP B 327 -17.35 -34.50 13.94
CA ASP B 327 -17.11 -35.92 14.12
C ASP B 327 -18.06 -36.70 13.22
N ARG B 328 -17.50 -37.51 12.33
CA ARG B 328 -18.29 -38.17 11.30
C ARG B 328 -17.73 -39.52 10.91
N VAL B 329 -18.58 -40.35 10.31
CA VAL B 329 -18.13 -41.62 9.74
C VAL B 329 -17.51 -41.36 8.38
N PRO B 330 -16.22 -41.72 8.23
CA PRO B 330 -15.44 -41.46 7.02
C PRO B 330 -15.99 -42.15 5.76
N PHE B 331 -16.31 -41.37 4.73
CA PHE B 331 -16.25 -39.92 4.77
C PHE B 331 -17.59 -39.35 4.33
N VAL B 332 -18.59 -39.44 5.20
CA VAL B 332 -19.94 -39.04 4.81
C VAL B 332 -20.10 -37.52 4.81
N VAL B 333 -20.77 -37.02 3.78
CA VAL B 333 -21.08 -35.59 3.67
C VAL B 333 -22.49 -35.43 3.14
N ALA B 334 -23.10 -34.30 3.48
CA ALA B 334 -24.45 -34.00 3.02
C ALA B 334 -24.48 -33.96 1.49
N GLU B 335 -25.57 -34.44 0.91
CA GLU B 335 -25.74 -34.41 -0.53
C GLU B 335 -26.25 -33.05 -0.94
N ARG B 336 -27.01 -32.47 -0.03
CA ARG B 336 -27.64 -31.19 -0.23
C ARG B 336 -27.32 -30.29 0.95
N VAL B 337 -27.17 -28.99 0.70
CA VAL B 337 -26.79 -28.05 1.73
C VAL B 337 -27.55 -26.74 1.54
N PRO B 338 -27.71 -25.96 2.63
CA PRO B 338 -28.31 -24.63 2.51
C PRO B 338 -27.57 -23.79 1.50
N TRP B 339 -28.31 -22.98 0.73
CA TRP B 339 -27.70 -22.22 -0.35
C TRP B 339 -26.71 -21.16 0.12
N GLU B 340 -26.95 -20.58 1.30
CA GLU B 340 -26.06 -19.53 1.77
C GLU B 340 -24.74 -20.10 2.28
N LYS B 341 -24.76 -21.38 2.63
CA LYS B 341 -23.51 -22.07 2.97
C LYS B 341 -22.67 -22.18 1.71
N MET B 342 -23.32 -22.51 0.61
CA MET B 342 -22.67 -22.59 -0.68
C MET B 342 -22.18 -21.22 -1.10
N CYS B 343 -22.92 -20.18 -0.73
CA CYS B 343 -22.53 -18.82 -1.05
C CYS B 343 -21.28 -18.38 -0.29
N GLU B 344 -21.21 -18.71 1.00
CA GLU B 344 -20.04 -18.32 1.78
C GLU B 344 -18.83 -19.17 1.40
N THR B 345 -19.08 -20.41 1.03
CA THR B 345 -18.02 -21.31 0.60
C THR B 345 -17.44 -20.84 -0.74
N LEU B 346 -18.34 -20.50 -1.66
CA LEU B 346 -17.95 -20.00 -2.97
C LEU B 346 -17.20 -18.69 -2.85
N ASN B 347 -17.67 -17.82 -1.95
CA ASN B 347 -17.02 -16.53 -1.73
C ASN B 347 -15.61 -16.70 -1.16
N LEU B 348 -15.49 -17.56 -0.17
CA LEU B 348 -14.21 -17.82 0.47
C LEU B 348 -13.23 -18.42 -0.53
N LYS B 349 -13.69 -19.42 -1.27
CA LYS B 349 -12.88 -20.06 -2.29
C LYS B 349 -12.42 -19.06 -3.34
N PHE B 350 -13.33 -18.17 -3.77
CA PHE B 350 -12.99 -17.15 -4.74
C PHE B 350 -11.88 -16.27 -4.20
N MET B 351 -12.09 -15.74 -3.00
CA MET B 351 -11.13 -14.81 -2.40
C MET B 351 -9.77 -15.44 -2.18
N ALA B 352 -9.76 -16.67 -1.69
CA ALA B 352 -8.52 -17.39 -1.41
C ALA B 352 -7.76 -17.74 -2.68
N GLU B 353 -8.48 -18.28 -3.67
CA GLU B 353 -7.86 -18.73 -4.91
C GLU B 353 -7.36 -17.57 -5.75
N VAL B 354 -8.18 -16.54 -5.92
CA VAL B 354 -7.79 -15.36 -6.68
C VAL B 354 -6.71 -14.58 -5.93
N GLY B 355 -6.88 -14.45 -4.62
CA GLY B 355 -5.91 -13.77 -3.77
C GLY B 355 -6.32 -12.34 -3.47
N THR B 356 -7.60 -12.15 -3.16
CA THR B 356 -8.10 -10.84 -2.80
C THR B 356 -9.04 -10.92 -1.60
N ASN B 357 -9.24 -9.78 -0.95
CA ASN B 357 -10.18 -9.68 0.17
C ASN B 357 -11.48 -9.13 -0.38
N ARG B 358 -11.47 -8.81 -1.66
CA ARG B 358 -12.63 -8.28 -2.34
C ARG B 358 -13.53 -9.44 -2.75
N GLY B 359 -14.52 -9.73 -1.91
CA GLY B 359 -15.37 -10.88 -2.13
C GLY B 359 -16.53 -10.61 -3.06
N LEU B 360 -17.44 -11.57 -3.12
CA LEU B 360 -18.62 -11.47 -3.96
C LEU B 360 -19.70 -10.59 -3.33
N LEU B 361 -20.58 -10.07 -4.18
CA LEU B 361 -21.65 -9.17 -3.76
C LEU B 361 -23.00 -9.87 -3.91
N PRO B 362 -24.05 -9.35 -3.25
CA PRO B 362 -25.39 -9.98 -3.32
C PRO B 362 -25.88 -10.24 -4.75
N GLU B 363 -25.64 -9.30 -5.66
CA GLU B 363 -26.04 -9.49 -7.06
C GLU B 363 -25.33 -10.69 -7.68
N HIS B 364 -24.04 -10.82 -7.40
CA HIS B 364 -23.24 -11.94 -7.90
C HIS B 364 -23.84 -13.26 -7.42
N PHE B 365 -24.18 -13.32 -6.13
CA PHE B 365 -24.79 -14.50 -5.55
C PHE B 365 -26.15 -14.77 -6.16
N LEU B 366 -26.84 -13.71 -6.57
CA LEU B 366 -28.15 -13.84 -7.19
C LEU B 366 -28.04 -14.48 -8.56
N PHE B 367 -27.15 -13.97 -9.40
N PHE B 367 -27.15 -13.92 -9.38
CA PHE B 367 -27.06 -14.51 -10.74
CA PHE B 367 -26.91 -14.41 -10.73
C PHE B 367 -26.35 -15.87 -10.77
C PHE B 367 -26.39 -15.84 -10.72
N LEU B 368 -25.52 -16.13 -9.76
CA LEU B 368 -24.95 -17.46 -9.62
C LEU B 368 -26.09 -18.41 -9.25
N ALA B 369 -26.96 -17.97 -8.34
CA ALA B 369 -28.13 -18.75 -7.94
C ALA B 369 -28.98 -19.08 -9.16
N GLN B 370 -29.30 -18.06 -9.96
CA GLN B 370 -30.07 -18.26 -11.17
C GLN B 370 -29.39 -19.27 -12.09
N LYS B 371 -28.07 -19.17 -12.19
CA LYS B 371 -27.32 -20.07 -13.07
C LYS B 371 -27.42 -21.52 -12.62
N ILE B 372 -27.13 -21.78 -11.36
CA ILE B 372 -27.09 -23.16 -10.86
C ILE B 372 -28.48 -23.78 -10.69
N PHE B 373 -29.47 -22.96 -10.34
CA PHE B 373 -30.81 -23.49 -10.09
C PHE B 373 -31.72 -23.48 -11.31
N ASN B 374 -31.34 -22.74 -12.35
CA ASN B 374 -32.16 -22.62 -13.56
C ASN B 374 -33.53 -22.05 -13.21
N ASP B 375 -33.56 -21.03 -12.36
CA ASP B 375 -34.84 -20.49 -11.87
C ASP B 375 -35.17 -19.16 -12.51
N ASN B 376 -34.15 -18.33 -12.68
CA ASN B 376 -34.29 -17.01 -13.28
C ASN B 376 -35.27 -16.12 -12.52
N SER B 377 -35.28 -16.24 -11.20
CA SER B 377 -36.05 -15.35 -10.36
C SER B 377 -35.23 -14.09 -10.17
N LEU B 378 -35.87 -12.94 -10.13
CA LEU B 378 -35.12 -11.70 -10.05
C LEU B 378 -35.17 -11.13 -8.63
N SER B 379 -35.57 -11.97 -7.69
CA SER B 379 -35.64 -11.59 -6.29
C SER B 379 -34.73 -12.46 -5.41
N MET B 380 -33.80 -11.83 -4.70
CA MET B 380 -32.82 -12.57 -3.92
C MET B 380 -33.40 -13.35 -2.74
N GLU B 381 -34.59 -12.99 -2.28
CA GLU B 381 -35.11 -13.55 -1.03
C GLU B 381 -35.69 -14.95 -1.20
N ALA B 382 -36.13 -15.26 -2.42
CA ALA B 382 -36.63 -16.60 -2.73
C ALA B 382 -35.52 -17.63 -2.57
N PHE B 383 -34.36 -17.30 -3.10
CA PHE B 383 -33.19 -18.17 -3.08
C PHE B 383 -32.67 -18.44 -1.67
N GLN B 384 -32.93 -17.52 -0.76
CA GLN B 384 -32.32 -17.54 0.57
C GLN B 384 -32.59 -18.81 1.36
N HIS B 385 -33.81 -19.34 1.26
CA HIS B 385 -34.17 -20.56 1.98
C HIS B 385 -34.07 -21.82 1.12
N ARG B 386 -33.47 -21.70 -0.06
CA ARG B 386 -33.29 -22.85 -0.95
C ARG B 386 -32.10 -23.71 -0.56
N SER B 387 -32.10 -24.96 -1.05
CA SER B 387 -30.98 -25.86 -0.88
C SER B 387 -30.39 -26.27 -2.22
N VAL B 388 -29.08 -26.46 -2.25
CA VAL B 388 -28.39 -26.88 -3.47
C VAL B 388 -27.80 -28.26 -3.24
N SER B 389 -27.89 -29.12 -4.26
CA SER B 389 -27.39 -30.48 -4.13
C SER B 389 -26.08 -30.68 -4.89
N TRP B 390 -25.37 -31.76 -4.54
CA TRP B 390 -24.12 -32.10 -5.18
C TRP B 390 -24.29 -32.32 -6.68
N SER B 391 -25.41 -32.93 -7.05
CA SER B 391 -25.71 -33.20 -8.45
C SER B 391 -25.80 -31.92 -9.26
N GLN B 392 -26.53 -30.95 -8.72
CA GLN B 392 -26.65 -29.64 -9.32
C GLN B 392 -25.29 -28.96 -9.42
N PHE B 393 -24.47 -29.16 -8.38
CA PHE B 393 -23.18 -28.50 -8.29
C PHE B 393 -22.18 -28.99 -9.34
N ASN B 394 -21.91 -30.29 -9.38
CA ASN B 394 -20.87 -30.78 -10.28
C ASN B 394 -21.21 -32.06 -11.03
N LYS B 395 -22.49 -32.47 -10.99
CA LYS B 395 -22.89 -33.67 -11.70
C LYS B 395 -23.97 -33.42 -12.74
N GLU B 396 -24.46 -32.19 -12.81
CA GLU B 396 -25.46 -31.87 -13.82
C GLU B 396 -24.92 -30.86 -14.83
N ILE B 397 -25.18 -31.13 -16.10
CA ILE B 397 -24.68 -30.28 -17.17
C ILE B 397 -25.57 -29.04 -17.23
N LEU B 398 -24.95 -27.87 -17.39
CA LEU B 398 -25.70 -26.62 -17.45
C LEU B 398 -26.54 -26.58 -18.72
N LEU B 399 -27.68 -25.93 -18.66
CA LEU B 399 -28.62 -25.95 -19.78
C LEU B 399 -28.14 -25.10 -20.95
N GLY B 400 -28.05 -25.72 -22.12
CA GLY B 400 -27.66 -25.02 -23.33
C GLY B 400 -26.16 -25.08 -23.52
N ARG B 401 -25.48 -25.65 -22.52
CA ARG B 401 -24.03 -25.63 -22.45
C ARG B 401 -23.52 -27.05 -22.26
N GLY B 402 -22.20 -27.23 -22.28
CA GLY B 402 -21.61 -28.54 -22.20
C GLY B 402 -20.85 -28.86 -20.91
N PHE B 403 -20.96 -27.99 -19.91
CA PHE B 403 -20.21 -28.17 -18.67
C PHE B 403 -21.08 -28.02 -17.44
N THR B 404 -20.54 -28.44 -16.30
CA THR B 404 -21.23 -28.30 -15.02
C THR B 404 -21.06 -26.89 -14.47
N PHE B 405 -21.82 -26.58 -13.42
CA PHE B 405 -21.70 -25.29 -12.76
C PHE B 405 -20.26 -25.09 -12.26
N TRP B 406 -19.77 -26.06 -11.52
CA TRP B 406 -18.44 -25.98 -10.92
C TRP B 406 -17.34 -25.82 -11.96
N GLN B 407 -17.43 -26.52 -13.07
CA GLN B 407 -16.40 -26.39 -14.12
C GLN B 407 -16.31 -24.96 -14.63
N TRP B 408 -17.47 -24.34 -14.80
CA TRP B 408 -17.54 -22.95 -15.24
C TRP B 408 -16.94 -22.02 -14.19
N PHE B 409 -17.34 -22.24 -12.94
CA PHE B 409 -16.91 -21.39 -11.83
C PHE B 409 -15.39 -21.45 -11.65
N ASP B 410 -14.87 -22.67 -11.69
CA ASP B 410 -13.44 -22.90 -11.61
C ASP B 410 -12.72 -22.30 -12.80
N GLY B 411 -13.35 -22.34 -13.97
CA GLY B 411 -12.80 -21.66 -15.12
C GLY B 411 -12.62 -20.17 -14.84
N VAL B 412 -13.64 -19.59 -14.24
CA VAL B 412 -13.61 -18.17 -13.87
C VAL B 412 -12.52 -17.90 -12.81
N LEU B 413 -12.41 -18.80 -11.84
CA LEU B 413 -11.40 -18.72 -10.80
C LEU B 413 -10.01 -18.68 -11.41
N ASP B 414 -9.78 -19.60 -12.34
CA ASP B 414 -8.51 -19.73 -13.00
C ASP B 414 -8.18 -18.47 -13.78
N LEU B 415 -9.12 -18.03 -14.62
CA LEU B 415 -8.93 -16.85 -15.44
C LEU B 415 -8.58 -15.61 -14.59
N THR B 416 -9.40 -15.39 -13.57
CA THR B 416 -9.25 -14.22 -12.70
C THR B 416 -7.94 -14.30 -11.91
N LYS B 417 -7.56 -15.52 -11.53
CA LYS B 417 -6.32 -15.75 -10.80
C LYS B 417 -5.13 -15.36 -11.65
N ARG B 418 -5.04 -15.92 -12.85
CA ARG B 418 -3.87 -15.66 -13.69
C ARG B 418 -3.69 -14.19 -14.15
N CYS B 419 -4.76 -13.55 -14.59
CA CYS B 419 -4.63 -12.19 -15.14
C CYS B 419 -5.46 -11.07 -14.54
N LEU B 420 -6.60 -11.40 -13.95
CA LEU B 420 -7.61 -10.40 -13.59
C LEU B 420 -7.55 -9.87 -12.16
N ARG B 421 -6.56 -10.31 -11.38
CA ARG B 421 -6.56 -10.06 -9.94
C ARG B 421 -6.49 -8.56 -9.61
N SER B 422 -5.59 -7.85 -10.28
CA SER B 422 -5.45 -6.41 -10.07
C SER B 422 -6.71 -5.69 -10.55
N TYR B 423 -7.22 -6.12 -11.69
CA TYR B 423 -8.44 -5.55 -12.25
C TYR B 423 -9.63 -5.78 -11.32
N TRP B 424 -9.72 -6.97 -10.75
CA TRP B 424 -10.83 -7.32 -9.88
C TRP B 424 -10.77 -6.52 -8.59
N SER B 425 -9.57 -6.36 -8.05
CA SER B 425 -9.40 -5.66 -6.78
C SER B 425 -9.74 -4.17 -6.90
N ASP B 426 -9.50 -3.59 -8.07
CA ASP B 426 -9.87 -2.21 -8.36
C ASP B 426 -11.37 -2.01 -8.56
N ARG B 427 -12.12 -3.11 -8.56
CA ARG B 427 -13.57 -3.11 -8.71
C ARG B 427 -13.99 -2.68 -10.11
N LEU B 428 -13.14 -2.96 -11.07
CA LEU B 428 -13.42 -2.64 -12.46
C LEU B 428 -14.33 -3.69 -13.08
N ILE B 429 -14.35 -4.88 -12.47
CA ILE B 429 -15.08 -6.00 -13.02
C ILE B 429 -16.34 -6.36 -12.24
N ILE B 430 -17.49 -6.30 -12.89
CA ILE B 430 -18.72 -6.79 -12.30
C ILE B 430 -18.55 -8.30 -12.07
N GLY B 431 -17.88 -8.94 -13.04
CA GLY B 431 -17.55 -10.34 -12.97
C GLY B 431 -18.70 -11.30 -13.16
N PHE B 432 -19.72 -11.21 -12.32
CA PHE B 432 -20.89 -12.06 -12.50
C PHE B 432 -22.13 -11.23 -12.78
N ILE B 433 -22.70 -11.43 -13.96
CA ILE B 433 -23.93 -10.75 -14.34
C ILE B 433 -24.60 -11.50 -15.49
N SER B 434 -25.90 -11.24 -15.67
CA SER B 434 -26.58 -11.71 -16.87
C SER B 434 -26.61 -10.62 -17.92
N LYS B 435 -26.50 -11.01 -19.19
CA LYS B 435 -26.45 -10.03 -20.26
C LYS B 435 -27.79 -9.34 -20.48
N GLN B 436 -28.83 -9.85 -19.82
CA GLN B 436 -30.15 -9.23 -19.88
C GLN B 436 -30.16 -8.01 -18.98
N TYR B 437 -29.63 -8.19 -17.77
CA TYR B 437 -29.44 -7.10 -16.82
C TYR B 437 -28.42 -6.13 -17.40
N VAL B 438 -27.48 -6.66 -18.19
CA VAL B 438 -26.53 -5.83 -18.92
C VAL B 438 -27.29 -4.92 -19.87
N THR B 439 -28.23 -5.46 -20.63
CA THR B 439 -29.06 -4.64 -21.50
C THR B 439 -29.82 -3.59 -20.70
N SER B 440 -30.46 -4.03 -19.62
CA SER B 440 -31.21 -3.15 -18.73
C SER B 440 -30.38 -1.95 -18.26
N LEU B 441 -29.17 -2.23 -17.79
CA LEU B 441 -28.28 -1.17 -17.31
C LEU B 441 -27.81 -0.26 -18.43
N LEU B 442 -27.33 -0.87 -19.51
CA LEU B 442 -26.60 -0.16 -20.55
C LEU B 442 -27.46 0.61 -21.55
N LEU B 443 -28.71 0.19 -21.75
CA LEU B 443 -29.59 0.82 -22.73
C LEU B 443 -29.82 2.31 -22.44
N ASN B 444 -29.96 2.66 -21.16
CA ASN B 444 -30.23 4.04 -20.79
C ASN B 444 -28.95 4.85 -20.54
N GLU B 445 -27.80 4.28 -20.88
CA GLU B 445 -26.51 4.93 -20.65
C GLU B 445 -25.97 5.54 -21.94
N PRO B 446 -25.08 6.55 -21.82
CA PRO B 446 -24.48 7.23 -22.98
C PRO B 446 -23.68 6.33 -23.91
N ASP B 447 -23.42 6.81 -25.12
CA ASP B 447 -22.64 6.08 -26.11
C ASP B 447 -21.21 5.85 -25.65
N GLY B 448 -20.78 4.59 -25.67
CA GLY B 448 -19.42 4.24 -25.32
C GLY B 448 -19.28 3.76 -23.88
N THR B 449 -20.40 3.69 -23.17
CA THR B 449 -20.39 3.13 -21.83
C THR B 449 -20.29 1.61 -21.92
N PHE B 450 -19.42 1.02 -21.12
CA PHE B 450 -19.19 -0.42 -21.18
C PHE B 450 -19.03 -1.07 -19.82
N LEU B 451 -19.11 -2.39 -19.79
CA LEU B 451 -18.89 -3.16 -18.57
C LEU B 451 -18.29 -4.51 -18.89
N LEU B 452 -17.67 -5.14 -17.89
CA LEU B 452 -16.97 -6.39 -18.09
C LEU B 452 -17.71 -7.54 -17.41
N ARG B 453 -18.01 -8.59 -18.16
CA ARG B 453 -18.77 -9.72 -17.62
C ARG B 453 -18.12 -11.05 -17.99
N PHE B 454 -18.23 -12.05 -17.11
CA PHE B 454 -17.69 -13.37 -17.44
C PHE B 454 -18.60 -14.10 -18.44
N SER B 455 -17.99 -14.76 -19.42
CA SER B 455 -18.72 -15.46 -20.45
C SER B 455 -19.39 -16.72 -19.89
N ASP B 456 -20.66 -16.88 -20.23
CA ASP B 456 -21.42 -18.05 -19.77
C ASP B 456 -21.27 -19.20 -20.75
N SER B 457 -20.95 -18.87 -21.99
CA SER B 457 -20.78 -19.87 -23.04
C SER B 457 -19.46 -20.63 -22.91
N GLU B 458 -18.38 -19.90 -22.65
CA GLU B 458 -17.06 -20.52 -22.58
C GLU B 458 -16.49 -20.62 -21.18
N ILE B 459 -15.50 -21.49 -21.02
CA ILE B 459 -14.83 -21.64 -19.73
C ILE B 459 -13.61 -20.71 -19.71
N GLY B 460 -13.51 -19.90 -18.66
CA GLY B 460 -12.36 -19.02 -18.50
C GLY B 460 -12.29 -17.93 -19.54
N GLY B 461 -13.37 -17.18 -19.70
CA GLY B 461 -13.42 -16.10 -20.67
C GLY B 461 -14.07 -14.85 -20.11
N ILE B 462 -13.67 -13.69 -20.63
CA ILE B 462 -14.23 -12.42 -20.19
C ILE B 462 -14.63 -11.52 -21.37
N THR B 463 -15.77 -10.86 -21.23
CA THR B 463 -16.41 -10.14 -22.32
C THR B 463 -16.64 -8.67 -22.02
N ILE B 464 -16.40 -7.82 -23.02
CA ILE B 464 -16.75 -6.41 -22.95
C ILE B 464 -18.14 -6.21 -23.54
N ALA B 465 -19.05 -5.63 -22.76
CA ALA B 465 -20.38 -5.30 -23.25
C ALA B 465 -20.54 -3.79 -23.33
N HIS B 466 -20.81 -3.26 -24.51
CA HIS B 466 -20.90 -1.81 -24.64
C HIS B 466 -22.05 -1.36 -25.52
N VAL B 467 -22.38 -0.08 -25.44
CA VAL B 467 -23.52 0.48 -26.16
C VAL B 467 -23.08 1.42 -27.28
N ILE B 468 -23.68 1.28 -28.45
CA ILE B 468 -23.32 2.18 -29.55
C ILE B 468 -24.49 3.00 -30.07
N ARG B 469 -24.43 4.30 -29.84
CA ARG B 469 -25.47 5.23 -30.30
C ARG B 469 -25.01 6.11 -31.47
N GLY B 470 -25.97 6.81 -32.05
CA GLY B 470 -25.73 7.73 -33.16
C GLY B 470 -26.26 9.08 -32.71
N GLN B 471 -26.43 10.02 -33.63
CA GLN B 471 -26.98 11.31 -33.23
C GLN B 471 -28.51 11.22 -33.20
N ASP B 472 -29.05 10.24 -33.93
CA ASP B 472 -30.48 9.99 -33.91
C ASP B 472 -30.91 9.59 -32.50
N GLY B 473 -30.14 8.70 -31.88
CA GLY B 473 -30.35 8.35 -30.49
C GLY B 473 -30.65 6.90 -30.20
N SER B 474 -30.72 6.06 -31.24
CA SER B 474 -31.04 4.65 -31.07
C SER B 474 -29.87 3.87 -30.47
N PRO B 475 -30.05 3.33 -29.26
CA PRO B 475 -28.97 2.59 -28.59
C PRO B 475 -29.07 1.07 -28.70
N GLN B 476 -28.04 0.44 -29.27
CA GLN B 476 -27.94 -1.02 -29.25
C GLN B 476 -26.77 -1.47 -28.37
N ILE B 477 -26.78 -2.75 -28.01
CA ILE B 477 -25.71 -3.32 -27.19
C ILE B 477 -24.91 -4.29 -28.04
N GLU B 478 -23.59 -4.16 -27.96
CA GLU B 478 -22.70 -5.04 -28.68
C GLU B 478 -21.91 -5.84 -27.64
N ASN B 479 -21.95 -7.16 -27.79
CA ASN B 479 -21.20 -8.07 -26.94
C ASN B 479 -20.02 -8.64 -27.71
N ILE B 480 -18.82 -8.30 -27.29
CA ILE B 480 -17.61 -8.68 -27.99
C ILE B 480 -17.16 -10.08 -27.56
N GLN B 481 -16.61 -10.84 -28.51
CA GLN B 481 -16.12 -12.19 -28.21
C GLN B 481 -15.18 -12.20 -27.00
N PRO B 482 -15.40 -13.17 -26.09
CA PRO B 482 -14.69 -13.32 -24.82
C PRO B 482 -13.18 -13.52 -24.96
N PHE B 483 -12.44 -12.90 -24.06
CA PHE B 483 -10.98 -13.06 -24.01
C PHE B 483 -10.60 -14.27 -23.16
N SER B 484 -9.82 -15.18 -23.73
CA SER B 484 -9.28 -16.29 -22.96
C SER B 484 -8.03 -15.81 -22.23
N ALA B 485 -7.53 -16.62 -21.30
CA ALA B 485 -6.32 -16.27 -20.57
C ALA B 485 -5.13 -16.13 -21.53
N LYS B 486 -5.14 -16.97 -22.56
CA LYS B 486 -4.13 -16.92 -23.61
C LYS B 486 -4.20 -15.56 -24.31
N ASP B 487 -5.42 -15.15 -24.64
CA ASP B 487 -5.66 -13.90 -25.34
C ASP B 487 -5.14 -12.72 -24.52
N LEU B 488 -5.34 -12.81 -23.20
CA LEU B 488 -4.88 -11.75 -22.30
C LEU B 488 -3.37 -11.81 -22.15
N SER B 489 -2.80 -13.00 -22.36
CA SER B 489 -1.36 -13.16 -22.34
C SER B 489 -0.75 -12.47 -23.55
N ILE B 490 -1.45 -12.52 -24.68
CA ILE B 490 -0.97 -11.87 -25.90
C ILE B 490 -1.02 -10.35 -25.77
N ARG B 491 -2.15 -9.84 -25.28
CA ARG B 491 -2.29 -8.41 -25.01
C ARG B 491 -3.23 -8.25 -23.81
N SER B 492 -2.76 -7.55 -22.77
CA SER B 492 -3.48 -7.45 -21.51
C SER B 492 -4.86 -6.83 -21.67
N LEU B 493 -5.75 -7.12 -20.72
CA LEU B 493 -7.10 -6.57 -20.73
C LEU B 493 -7.05 -5.05 -20.77
N GLY B 494 -6.10 -4.49 -20.03
CA GLY B 494 -5.90 -3.05 -19.97
C GLY B 494 -5.59 -2.46 -21.34
N ASP B 495 -4.58 -3.00 -22.00
CA ASP B 495 -4.18 -2.48 -23.29
C ASP B 495 -5.26 -2.74 -24.34
N ARG B 496 -5.95 -3.87 -24.18
CA ARG B 496 -7.07 -4.22 -25.05
C ARG B 496 -8.16 -3.16 -24.97
N ILE B 497 -8.50 -2.78 -23.75
CA ILE B 497 -9.51 -1.75 -23.52
C ILE B 497 -9.03 -0.39 -24.02
N ARG B 498 -7.74 -0.11 -23.84
CA ARG B 498 -7.16 1.14 -24.29
C ARG B 498 -7.20 1.29 -25.82
N ASP B 499 -7.04 0.17 -26.51
CA ASP B 499 -7.01 0.15 -27.97
C ASP B 499 -8.30 0.67 -28.65
N LEU B 500 -9.45 0.32 -28.10
CA LEU B 500 -10.68 0.76 -28.74
C LEU B 500 -10.93 2.23 -28.44
N ALA B 501 -10.99 3.02 -29.50
CA ALA B 501 -11.27 4.45 -29.40
C ALA B 501 -12.67 4.65 -28.86
N GLN B 502 -13.59 3.80 -29.31
CA GLN B 502 -15.00 3.94 -29.01
C GLN B 502 -15.31 3.84 -27.51
N LEU B 503 -14.65 2.93 -26.81
CA LEU B 503 -15.04 2.72 -25.41
C LEU B 503 -14.73 4.00 -24.64
N LYS B 504 -15.77 4.66 -24.16
CA LYS B 504 -15.62 5.98 -23.57
C LYS B 504 -15.70 5.98 -22.05
N ASN B 505 -16.59 5.18 -21.49
CA ASN B 505 -16.84 5.20 -20.05
C ASN B 505 -17.05 3.83 -19.43
N LEU B 506 -16.39 3.57 -18.31
CA LEU B 506 -16.65 2.35 -17.58
C LEU B 506 -17.85 2.59 -16.66
N TYR B 507 -18.80 1.67 -16.67
CA TYR B 507 -20.02 1.81 -15.88
C TYR B 507 -19.77 1.77 -14.38
N PRO B 508 -20.41 2.67 -13.62
CA PRO B 508 -21.19 3.81 -14.10
C PRO B 508 -20.45 5.15 -14.00
N LYS B 509 -20.52 5.96 -15.05
CA LYS B 509 -19.94 7.32 -15.07
C LYS B 509 -18.45 7.38 -14.70
N LYS B 510 -17.71 6.33 -15.01
CA LYS B 510 -16.26 6.35 -14.80
C LYS B 510 -15.51 6.39 -16.12
N PRO B 511 -14.62 7.38 -16.28
CA PRO B 511 -13.79 7.57 -17.46
C PRO B 511 -12.84 6.39 -17.68
N LYS B 512 -12.75 5.91 -18.92
CA LYS B 512 -11.92 4.74 -19.23
C LYS B 512 -10.45 5.02 -18.99
N ASP B 513 -10.02 6.25 -19.22
CA ASP B 513 -8.61 6.58 -19.14
C ASP B 513 -8.23 6.93 -17.70
N GLU B 514 -9.19 6.78 -16.80
CA GLU B 514 -8.94 6.99 -15.38
C GLU B 514 -8.92 5.67 -14.64
N ALA B 515 -9.88 4.81 -14.95
CA ALA B 515 -10.03 3.56 -14.21
C ALA B 515 -9.15 2.43 -14.73
N PHE B 516 -8.33 2.71 -15.73
CA PHE B 516 -7.47 1.65 -16.25
C PHE B 516 -6.05 2.15 -16.46
N ARG B 517 -5.77 3.36 -15.99
CA ARG B 517 -4.51 4.01 -16.29
C ARG B 517 -3.34 3.27 -15.63
N SER B 518 -3.62 2.62 -14.51
CA SER B 518 -2.59 1.88 -13.80
C SER B 518 -2.37 0.53 -14.48
N HIS B 519 -3.42 0.04 -15.13
CA HIS B 519 -3.37 -1.24 -15.83
C HIS B 519 -2.80 -1.14 -17.23
N TYR B 520 -2.85 0.06 -17.80
CA TYR B 520 -2.22 0.34 -19.08
C TYR B 520 -0.74 -0.01 -19.03
N LYS B 521 -0.21 -0.45 -20.17
CA LYS B 521 1.21 -0.74 -20.29
C LYS B 521 1.88 0.40 -21.04
N PRO B 522 3.06 0.83 -20.55
CA PRO B 522 3.78 1.99 -21.08
C PRO B 522 4.19 1.82 -22.53
N GLU B 523 3.95 2.85 -23.33
CA GLU B 523 4.32 2.84 -24.74
C GLU B 523 5.84 2.90 -24.91
N GLN B 524 6.32 2.35 -26.02
CA GLN B 524 7.76 2.28 -26.29
C GLN B 524 8.38 3.67 -26.36
N MET B 525 7.66 4.61 -26.97
CA MET B 525 8.13 5.98 -27.08
C MET B 525 9.22 6.14 -28.15
N GLY B 526 10.29 5.37 -28.04
CA GLY B 526 11.38 5.49 -29.00
C GLY B 526 11.34 4.39 -30.04
N LYS B 527 11.19 4.79 -31.30
CA LYS B 527 11.11 3.87 -32.42
C LYS B 527 12.38 3.06 -32.68
N ASP B 528 13.54 3.71 -32.55
CA ASP B 528 14.79 3.09 -32.99
C ASP B 528 15.78 2.84 -31.85
N GLY B 529 15.42 1.95 -30.93
CA GLY B 529 16.32 1.60 -29.85
C GLY B 529 17.61 0.91 -30.25
N ARG B 530 17.52 -0.08 -31.15
CA ARG B 530 18.71 -0.78 -31.61
C ARG B 530 18.66 -1.24 -33.08
N GLY B 531 18.64 -0.28 -34.00
CA GLY B 531 18.71 -0.62 -35.41
C GLY B 531 17.43 -1.20 -35.98
N VAL B 533 12.92 -0.48 -35.72
CA VAL B 533 11.69 0.09 -35.21
C VAL B 533 10.83 -1.06 -34.68
N PRO B 534 10.28 -0.92 -33.47
CA PRO B 534 9.51 -2.03 -32.93
C PRO B 534 8.16 -2.13 -33.60
N ALA B 535 7.69 -3.34 -33.83
CA ALA B 535 6.35 -3.53 -34.36
C ALA B 535 5.48 -4.00 -33.22
N THR B 536 4.42 -3.23 -32.95
CA THR B 536 3.53 -3.55 -31.86
C THR B 536 2.20 -4.02 -32.41
N ILE B 537 1.47 -4.77 -31.60
CA ILE B 537 0.18 -5.28 -32.01
C ILE B 537 -0.94 -4.54 -31.28
N LYS B 538 -1.99 -4.20 -32.01
CA LYS B 538 -3.13 -3.52 -31.42
C LYS B 538 -4.40 -4.31 -31.70
N MET B 539 -5.36 -4.21 -30.79
CA MET B 539 -6.64 -4.87 -30.98
C MET B 539 -7.60 -3.95 -31.74
N THR B 540 -8.38 -4.54 -32.64
CA THR B 540 -9.35 -3.79 -33.43
C THR B 540 -10.64 -4.59 -33.61
N VAL B 541 -11.75 -3.89 -33.79
CA VAL B 541 -13.04 -4.54 -33.95
C VAL B 541 -13.87 -3.91 -35.07
N GLU B 542 -14.51 -4.76 -35.86
CA GLU B 542 -15.38 -4.35 -36.95
C GLU B 542 -16.05 -5.57 -37.56
N LYS C 20 23.90 -52.95 -64.11
CA LYS C 20 22.60 -52.99 -64.76
C LYS C 20 22.36 -54.33 -65.46
N PHE C 21 23.44 -54.94 -65.94
CA PHE C 21 23.34 -56.17 -66.74
C PHE C 21 23.51 -57.44 -65.90
N LYS C 22 22.46 -58.26 -65.88
CA LYS C 22 22.51 -59.55 -65.21
C LYS C 22 23.04 -60.63 -66.17
N THR C 23 23.29 -60.23 -67.41
CA THR C 23 23.76 -61.14 -68.46
C THR C 23 24.98 -61.96 -68.05
N GLY C 24 25.89 -61.35 -67.29
CA GLY C 24 27.04 -62.05 -66.76
C GLY C 24 26.63 -63.20 -65.85
N LEU C 25 25.51 -63.03 -65.18
CA LEU C 25 25.00 -64.07 -64.29
C LEU C 25 24.51 -65.22 -65.17
N ARG C 26 23.99 -64.87 -66.34
CA ARG C 26 23.42 -65.85 -67.25
C ARG C 26 24.60 -66.53 -67.97
N ARG C 27 25.77 -65.94 -67.80
CA ARG C 27 27.01 -66.57 -68.20
C ARG C 27 27.43 -67.59 -67.13
N LEU C 28 27.26 -67.20 -65.86
CA LEU C 28 27.62 -68.07 -64.74
C LEU C 28 26.79 -69.36 -64.68
N GLN C 29 25.48 -69.24 -64.86
CA GLN C 29 24.62 -70.42 -64.70
C GLN C 29 24.84 -71.38 -65.85
N HIS C 30 25.13 -70.84 -67.02
CA HIS C 30 25.43 -71.68 -68.17
C HIS C 30 26.76 -72.38 -67.94
N ARG C 31 27.69 -71.69 -67.28
CA ARG C 31 28.96 -72.31 -66.95
C ARG C 31 28.74 -73.48 -65.97
N VAL C 32 27.80 -73.29 -65.06
CA VAL C 32 27.39 -74.34 -64.15
C VAL C 32 26.82 -75.51 -64.93
N GLY C 33 26.01 -75.21 -65.95
CA GLY C 33 25.47 -76.21 -66.84
C GLY C 33 26.58 -77.02 -67.49
N GLU C 34 27.60 -76.32 -67.96
CA GLU C 34 28.74 -76.97 -68.61
C GLU C 34 29.41 -77.94 -67.64
N ILE C 35 29.67 -77.48 -66.43
CA ILE C 35 30.28 -78.35 -65.42
C ILE C 35 29.41 -79.58 -65.14
N HIS C 36 28.10 -79.37 -65.03
CA HIS C 36 27.13 -80.43 -64.78
C HIS C 36 27.18 -81.52 -65.85
N LEU C 37 27.04 -81.10 -67.10
CA LEU C 37 27.04 -82.02 -68.23
C LEU C 37 28.39 -82.72 -68.34
N LEU C 38 29.46 -81.97 -68.08
CA LEU C 38 30.82 -82.49 -68.08
C LEU C 38 30.98 -83.61 -67.07
N ARG C 39 30.42 -83.40 -65.90
CA ARG C 39 30.44 -84.41 -64.84
C ARG C 39 29.69 -85.64 -65.29
N GLU C 40 28.53 -85.43 -65.89
CA GLU C 40 27.70 -86.55 -66.35
C GLU C 40 28.28 -87.22 -67.59
N ALA C 41 29.33 -86.66 -68.16
CA ALA C 41 30.03 -87.29 -69.27
C ALA C 41 30.91 -88.41 -68.72
N LEU C 42 31.56 -88.13 -67.60
CA LEU C 42 32.42 -89.08 -66.90
C LEU C 42 31.62 -90.04 -66.03
N GLN C 43 30.46 -90.48 -66.52
CA GLN C 43 29.60 -91.40 -65.79
C GLN C 43 30.03 -92.86 -66.02
N LYS C 44 30.89 -93.07 -67.01
CA LYS C 44 31.39 -94.39 -67.36
C LYS C 44 30.27 -95.39 -67.59
N GLU C 68 41.44 -86.69 -61.98
CA GLU C 68 41.74 -87.33 -63.25
C GLU C 68 41.81 -86.31 -64.39
N ALA C 69 40.67 -85.66 -64.66
CA ALA C 69 40.56 -84.75 -65.79
C ALA C 69 40.31 -83.32 -65.35
N LEU C 70 40.22 -82.43 -66.33
CA LEU C 70 39.95 -81.02 -66.12
C LEU C 70 38.73 -80.60 -66.95
N ALA C 71 37.58 -80.24 -66.36
CA ALA C 71 37.31 -79.99 -64.94
C ALA C 71 38.26 -78.99 -64.29
N MET C 72 38.78 -78.09 -65.11
CA MET C 72 39.52 -76.92 -64.65
C MET C 72 38.49 -75.81 -64.65
N LEU C 73 37.31 -76.14 -65.16
CA LEU C 73 36.23 -75.19 -65.37
C LEU C 73 35.70 -74.66 -64.06
N LEU C 74 35.86 -75.46 -63.02
CA LEU C 74 35.41 -75.11 -61.69
C LEU C 74 36.21 -73.95 -61.12
N GLN C 75 37.51 -73.94 -61.37
CA GLN C 75 38.38 -72.87 -60.89
C GLN C 75 38.00 -71.58 -61.58
N GLU C 76 37.79 -71.69 -62.88
CA GLU C 76 37.40 -70.60 -63.76
C GLU C 76 36.11 -69.93 -63.27
N THR C 77 35.08 -70.77 -63.18
CA THR C 77 33.74 -70.33 -62.80
C THR C 77 33.74 -69.76 -61.40
N THR C 78 34.48 -70.40 -60.49
CA THR C 78 34.60 -69.90 -59.12
C THR C 78 35.20 -68.50 -59.14
N GLY C 79 36.20 -68.29 -60.00
CA GLY C 79 36.81 -66.98 -60.14
C GLY C 79 35.81 -65.93 -60.57
N GLU C 80 34.95 -66.30 -61.52
CA GLU C 80 33.95 -65.34 -61.99
C GLU C 80 32.90 -65.09 -60.91
N LEU C 81 32.72 -66.07 -60.03
CA LEU C 81 31.84 -65.92 -58.88
C LEU C 81 32.41 -64.91 -57.91
N GLU C 82 33.71 -64.99 -57.64
CA GLU C 82 34.33 -64.01 -56.77
C GLU C 82 34.26 -62.61 -57.36
N ALA C 83 34.35 -62.54 -58.69
CA ALA C 83 34.16 -61.25 -59.36
C ALA C 83 32.78 -60.68 -59.06
N ALA C 84 31.75 -61.49 -59.35
CA ALA C 84 30.37 -61.07 -59.14
C ALA C 84 30.13 -60.63 -57.70
N LYS C 85 30.62 -61.44 -56.76
CA LYS C 85 30.47 -61.16 -55.34
C LYS C 85 31.10 -59.82 -54.97
N ALA C 86 32.31 -59.58 -55.44
CA ALA C 86 32.98 -58.32 -55.14
C ALA C 86 32.17 -57.13 -55.65
N LEU C 87 31.65 -57.27 -56.87
CA LEU C 87 30.88 -56.19 -57.47
C LEU C 87 29.62 -55.87 -56.66
N VAL C 88 28.87 -56.92 -56.30
CA VAL C 88 27.65 -56.72 -55.54
C VAL C 88 27.99 -56.15 -54.16
N LEU C 89 29.15 -56.51 -53.63
CA LEU C 89 29.56 -55.99 -52.32
C LEU C 89 29.80 -54.49 -52.40
N LYS C 90 30.41 -54.03 -53.48
CA LYS C 90 30.73 -52.61 -53.53
C LYS C 90 29.45 -51.83 -53.86
N ARG C 91 28.51 -52.50 -54.54
CA ARG C 91 27.25 -51.84 -54.83
C ARG C 91 26.44 -51.71 -53.53
N ILE C 92 26.66 -52.67 -52.63
CA ILE C 92 26.09 -52.58 -51.29
C ILE C 92 26.67 -51.36 -50.59
N GLN C 93 27.98 -51.20 -50.68
CA GLN C 93 28.63 -50.06 -50.03
C GLN C 93 28.12 -48.73 -50.60
N ILE C 94 27.78 -48.76 -51.88
CA ILE C 94 27.15 -47.61 -52.52
C ILE C 94 25.79 -47.32 -51.88
N TRP C 95 24.99 -48.37 -51.73
CA TRP C 95 23.69 -48.22 -51.08
C TRP C 95 23.86 -47.61 -49.70
N LYS C 96 24.88 -48.07 -48.97
CA LYS C 96 25.15 -47.56 -47.62
C LYS C 96 25.49 -46.07 -47.63
N ARG C 97 26.29 -45.61 -48.58
CA ARG C 97 26.62 -44.19 -48.57
C ARG C 97 25.42 -43.36 -49.01
N GLN C 98 24.62 -43.93 -49.90
CA GLN C 98 23.40 -43.26 -50.32
C GLN C 98 22.47 -43.08 -49.11
N GLN C 99 22.42 -44.10 -48.27
CA GLN C 99 21.66 -44.03 -47.02
C GLN C 99 22.21 -42.93 -46.13
N GLN C 100 23.55 -42.83 -46.10
CA GLN C 100 24.21 -41.80 -45.32
C GLN C 100 23.80 -40.40 -45.76
N LEU C 101 23.86 -40.18 -47.07
CA LEU C 101 23.52 -38.90 -47.67
C LEU C 101 22.04 -38.57 -47.52
N ALA C 102 21.21 -39.61 -47.46
CA ALA C 102 19.77 -39.44 -47.35
C ALA C 102 19.38 -38.69 -46.07
N GLY C 103 20.15 -38.91 -45.00
CA GLY C 103 19.89 -38.27 -43.72
C GLY C 103 19.96 -36.74 -43.74
N ASN C 104 20.74 -36.19 -44.66
CA ASN C 104 20.89 -34.74 -44.78
C ASN C 104 19.85 -34.15 -45.71
N GLY C 105 19.20 -35.02 -46.48
CA GLY C 105 18.25 -34.53 -47.47
C GLY C 105 18.83 -34.69 -48.85
N ALA C 106 18.85 -35.93 -49.33
CA ALA C 106 19.32 -36.25 -50.67
C ALA C 106 18.59 -37.49 -51.18
N PRO C 107 18.53 -37.68 -52.51
CA PRO C 107 17.80 -38.86 -53.02
C PRO C 107 18.33 -40.20 -52.50
N PHE C 108 17.43 -41.16 -52.38
CA PHE C 108 17.75 -42.51 -51.92
C PHE C 108 16.99 -43.53 -52.78
N GLU C 109 17.53 -44.75 -52.86
CA GLU C 109 16.94 -45.81 -53.69
C GLU C 109 15.41 -46.04 -53.51
N GLU C 110 14.86 -46.34 -52.33
CA GLU C 110 15.54 -46.63 -51.07
C GLU C 110 15.68 -48.15 -50.91
N SER C 111 14.92 -48.88 -51.71
CA SER C 111 14.69 -50.31 -51.51
C SER C 111 15.93 -51.20 -51.67
N LEU C 112 15.95 -52.28 -50.90
CA LEU C 112 17.02 -53.29 -50.97
C LEU C 112 16.64 -54.55 -51.73
N ALA C 113 15.41 -54.64 -52.20
CA ALA C 113 14.93 -55.84 -52.89
C ALA C 113 15.82 -56.29 -54.08
N PRO C 114 16.28 -55.34 -54.93
CA PRO C 114 17.19 -55.77 -55.99
C PRO C 114 18.50 -56.36 -55.47
N LEU C 115 19.13 -55.69 -54.51
CA LEU C 115 20.36 -56.20 -53.89
C LEU C 115 20.14 -57.63 -53.39
N GLN C 116 18.99 -57.83 -52.76
CA GLN C 116 18.63 -59.13 -52.22
C GLN C 116 18.48 -60.17 -53.32
N GLU C 117 17.86 -59.79 -54.42
CA GLU C 117 17.70 -60.71 -55.54
C GLU C 117 19.04 -61.11 -56.13
N ARG C 118 19.93 -60.14 -56.28
CA ARG C 118 21.27 -60.40 -56.81
C ARG C 118 22.03 -61.38 -55.91
N CYS C 119 22.04 -61.08 -54.61
CA CYS C 119 22.74 -61.92 -53.65
C CYS C 119 22.15 -63.32 -53.64
N GLU C 120 20.82 -63.41 -53.74
CA GLU C 120 20.15 -64.69 -53.80
C GLU C 120 20.59 -65.51 -54.99
N SER C 121 20.66 -64.88 -56.15
CA SER C 121 21.10 -65.58 -57.36
C SER C 121 22.54 -66.06 -57.23
N LEU C 122 23.39 -65.22 -56.64
CA LEU C 122 24.79 -65.57 -56.45
C LEU C 122 24.92 -66.77 -55.53
N VAL C 123 24.13 -66.77 -54.45
CA VAL C 123 24.16 -67.88 -53.51
C VAL C 123 23.58 -69.15 -54.16
N ASP C 124 22.65 -68.98 -55.10
CA ASP C 124 22.12 -70.11 -55.86
C ASP C 124 23.21 -70.79 -56.69
N ILE C 125 23.92 -70.00 -57.50
CA ILE C 125 24.98 -70.56 -58.33
C ILE C 125 26.06 -71.15 -57.41
N TYR C 126 26.32 -70.50 -56.28
CA TYR C 126 27.23 -71.06 -55.28
C TYR C 126 26.79 -72.45 -54.86
N SER C 127 25.51 -72.59 -54.56
CA SER C 127 24.94 -73.84 -54.08
C SER C 127 25.12 -74.96 -55.11
N GLN C 128 24.75 -74.68 -56.36
CA GLN C 128 24.91 -75.73 -57.38
C GLN C 128 26.38 -76.04 -57.64
N LEU C 129 27.26 -75.04 -57.50
CA LEU C 129 28.69 -75.29 -57.62
C LEU C 129 29.20 -76.22 -56.53
N GLN C 130 28.91 -75.88 -55.28
CA GLN C 130 29.34 -76.67 -54.13
C GLN C 130 28.81 -78.09 -54.22
N GLN C 131 27.56 -78.20 -54.68
CA GLN C 131 26.93 -79.50 -54.87
C GLN C 131 27.68 -80.29 -55.96
N GLU C 132 28.11 -79.57 -56.99
CA GLU C 132 28.82 -80.18 -58.12
C GLU C 132 30.27 -80.53 -57.80
N VAL C 133 30.84 -79.91 -56.78
CA VAL C 133 32.24 -80.16 -56.45
C VAL C 133 32.43 -81.58 -55.92
N GLY C 134 31.40 -82.16 -55.31
CA GLY C 134 31.49 -83.50 -54.74
C GLY C 134 31.00 -84.77 -55.43
N ALA C 135 30.99 -84.81 -56.75
CA ALA C 135 30.82 -86.04 -57.51
C ALA C 135 32.12 -86.12 -58.26
N ALA C 136 33.09 -86.79 -57.66
CA ALA C 136 34.49 -86.63 -58.07
C ALA C 136 35.09 -87.72 -58.95
N GLY C 137 34.89 -87.58 -60.25
CA GLY C 137 35.74 -88.30 -61.18
C GLY C 137 36.77 -87.27 -61.62
N GLY C 138 37.35 -86.60 -60.64
CA GLY C 138 38.35 -85.57 -60.91
C GLY C 138 38.88 -84.94 -59.63
N GLU C 139 39.11 -85.77 -58.62
CA GLU C 139 39.55 -85.29 -57.32
C GLU C 139 40.99 -84.77 -57.36
N LEU C 140 41.53 -84.45 -56.19
CA LEU C 140 42.88 -83.94 -56.08
C LEU C 140 43.72 -84.81 -55.15
N THR C 144 41.24 -78.27 -57.06
CA THR C 144 41.13 -79.70 -57.29
C THR C 144 40.18 -80.33 -56.28
N ARG C 145 40.31 -79.84 -55.05
CA ARG C 145 39.46 -80.23 -53.93
C ARG C 145 39.71 -79.26 -52.78
N ALA C 146 38.78 -79.19 -51.83
CA ALA C 146 39.03 -78.47 -50.59
C ALA C 146 39.09 -76.97 -50.83
N SER C 147 40.04 -76.55 -51.68
CA SER C 147 40.15 -75.16 -52.06
C SER C 147 38.88 -74.77 -52.77
N LEU C 148 38.40 -75.68 -53.60
CA LEU C 148 37.09 -75.54 -54.24
C LEU C 148 36.07 -75.36 -53.14
N THR C 149 36.09 -76.28 -52.18
CA THR C 149 35.20 -76.16 -51.04
C THR C 149 35.63 -74.98 -50.17
N GLY C 150 36.95 -74.82 -50.04
CA GLY C 150 37.53 -73.78 -49.20
C GLY C 150 37.30 -72.36 -49.66
N ARG C 151 37.40 -72.14 -50.97
CA ARG C 151 37.20 -70.81 -51.51
C ARG C 151 35.72 -70.46 -51.51
N LEU C 152 34.90 -71.44 -51.90
CA LEU C 152 33.46 -71.25 -51.97
C LEU C 152 32.91 -70.88 -50.60
N ASP C 153 33.44 -71.52 -49.57
CA ASP C 153 32.96 -71.27 -48.21
C ASP C 153 33.31 -69.87 -47.79
N GLU C 154 34.39 -69.32 -48.33
CA GLU C 154 34.70 -67.94 -47.98
C GLU C 154 33.83 -67.02 -48.84
N VAL C 155 33.55 -67.46 -50.08
CA VAL C 155 32.66 -66.72 -50.97
C VAL C 155 31.31 -66.58 -50.32
N LEU C 156 30.84 -67.66 -49.72
CA LEU C 156 29.58 -67.66 -49.01
C LEU C 156 29.67 -66.72 -47.82
N ARG C 157 30.74 -66.84 -47.05
CA ARG C 157 30.78 -66.19 -45.74
C ARG C 157 30.83 -64.68 -45.87
N THR C 158 31.66 -64.20 -46.78
CA THR C 158 31.78 -62.78 -47.03
C THR C 158 30.45 -62.29 -47.59
N LEU C 159 29.80 -63.12 -48.39
CA LEU C 159 28.49 -62.77 -48.91
C LEU C 159 27.50 -62.68 -47.75
N VAL C 160 27.55 -63.67 -46.86
CA VAL C 160 26.62 -63.70 -45.73
C VAL C 160 26.82 -62.52 -44.79
N THR C 161 28.06 -62.33 -44.34
CA THR C 161 28.39 -61.30 -43.37
C THR C 161 28.12 -59.88 -43.85
N SER C 162 28.22 -59.67 -45.17
CA SER C 162 27.97 -58.35 -45.73
C SER C 162 26.49 -58.13 -46.05
N CYS C 163 25.71 -59.21 -45.98
CA CYS C 163 24.27 -59.11 -46.21
C CYS C 163 23.54 -58.71 -44.94
N PHE C 164 24.31 -58.37 -43.91
CA PHE C 164 23.75 -57.97 -42.63
C PHE C 164 23.77 -56.45 -42.55
N LEU C 165 22.61 -55.83 -42.77
CA LEU C 165 22.54 -54.38 -42.91
C LEU C 165 21.60 -53.74 -41.90
N VAL C 166 21.80 -52.45 -41.66
CA VAL C 166 20.85 -51.66 -40.89
C VAL C 166 19.93 -50.95 -41.88
N GLU C 167 18.79 -51.57 -42.20
CA GLU C 167 17.87 -51.01 -43.18
C GLU C 167 17.27 -49.72 -42.65
N LYS C 168 16.71 -49.77 -41.45
CA LYS C 168 16.19 -48.57 -40.82
C LYS C 168 17.18 -48.07 -39.79
N GLN C 169 17.73 -46.88 -40.02
CA GLN C 169 18.73 -46.34 -39.10
C GLN C 169 18.05 -45.71 -37.88
N PRO C 170 18.69 -45.85 -36.72
CA PRO C 170 18.23 -45.18 -35.50
C PRO C 170 18.39 -43.67 -35.67
N PRO C 171 17.76 -42.87 -34.78
CA PRO C 171 17.94 -41.42 -34.87
C PRO C 171 19.40 -41.01 -34.74
N GLN C 172 19.86 -40.18 -35.68
CA GLN C 172 21.26 -39.77 -35.67
C GLN C 172 21.50 -38.71 -34.60
N VAL C 173 20.40 -38.13 -34.13
CA VAL C 173 20.43 -37.33 -32.92
C VAL C 173 19.53 -38.04 -31.91
N LEU C 174 20.13 -38.49 -30.82
CA LEU C 174 19.42 -39.38 -29.90
C LEU C 174 19.37 -38.85 -28.48
N LYS C 175 18.16 -38.74 -27.95
CA LYS C 175 17.96 -38.28 -26.58
C LYS C 175 17.84 -39.47 -25.64
N THR C 176 18.55 -39.40 -24.52
CA THR C 176 18.51 -40.43 -23.49
C THR C 176 17.11 -40.48 -22.86
N GLN C 177 16.74 -41.66 -22.36
CA GLN C 177 15.42 -41.86 -21.76
C GLN C 177 14.26 -41.45 -22.66
N THR C 178 14.41 -41.70 -23.96
CA THR C 178 13.32 -41.55 -24.93
C THR C 178 13.34 -42.74 -25.89
N LYS C 179 12.16 -43.19 -26.32
CA LYS C 179 12.09 -44.42 -27.11
C LYS C 179 12.20 -44.17 -28.60
N PHE C 180 13.04 -44.99 -29.24
CA PHE C 180 13.34 -44.89 -30.65
C PHE C 180 13.39 -46.27 -31.26
N GLN C 181 13.40 -46.35 -32.59
CA GLN C 181 13.43 -47.64 -33.24
C GLN C 181 14.57 -47.78 -34.25
N ALA C 182 14.98 -49.02 -34.50
CA ALA C 182 16.01 -49.33 -35.47
C ALA C 182 15.65 -50.65 -36.15
N GLY C 183 16.09 -50.81 -37.40
CA GLY C 183 15.76 -51.99 -38.16
C GLY C 183 16.94 -52.58 -38.91
N VAL C 184 17.16 -53.88 -38.71
CA VAL C 184 18.27 -54.58 -39.34
C VAL C 184 17.75 -55.60 -40.34
N ARG C 185 18.44 -55.76 -41.47
CA ARG C 185 17.97 -56.62 -42.54
C ARG C 185 19.04 -57.59 -43.02
N PHE C 186 18.61 -58.83 -43.25
CA PHE C 186 19.47 -59.87 -43.83
C PHE C 186 18.93 -60.25 -45.19
N LEU C 187 19.75 -60.09 -46.23
CA LEU C 187 19.30 -60.28 -47.59
C LEU C 187 19.22 -61.77 -47.97
N LEU C 188 20.14 -62.56 -47.44
CA LEU C 188 20.19 -63.99 -47.77
C LEU C 188 19.35 -64.82 -46.79
N GLY C 189 18.35 -64.19 -46.20
CA GLY C 189 17.51 -64.86 -45.22
C GLY C 189 16.62 -65.94 -45.79
N LEU C 190 16.08 -65.71 -46.98
CA LEU C 190 15.19 -66.70 -47.60
C LEU C 190 15.92 -67.76 -48.43
N ARG C 191 17.24 -67.63 -48.52
CA ARG C 191 18.08 -68.67 -49.14
C ARG C 191 18.45 -69.73 -48.12
N PHE C 192 18.46 -69.33 -46.85
CA PHE C 192 18.61 -70.29 -45.77
C PHE C 192 17.17 -70.40 -45.30
N LEU C 193 16.57 -71.55 -45.59
CA LEU C 193 15.20 -71.58 -46.11
C LEU C 193 13.92 -71.52 -45.23
N GLY C 194 13.96 -71.45 -43.89
CA GLY C 194 15.14 -71.62 -43.07
C GLY C 194 15.41 -73.10 -42.94
N ALA C 195 16.64 -73.51 -43.22
CA ALA C 195 16.99 -74.92 -43.08
C ALA C 195 17.07 -75.28 -41.59
N PRO C 196 17.67 -74.40 -40.76
CA PRO C 196 17.44 -74.76 -39.35
C PRO C 196 15.99 -74.47 -38.95
N ALA C 197 15.44 -73.40 -39.52
CA ALA C 197 14.07 -72.94 -39.27
C ALA C 197 13.98 -72.42 -37.83
N LYS C 198 15.14 -72.13 -37.25
CA LYS C 198 15.22 -71.61 -35.90
C LYS C 198 15.98 -70.29 -35.92
N PRO C 199 15.30 -69.21 -35.50
CA PRO C 199 15.78 -67.83 -35.62
C PRO C 199 16.97 -67.47 -34.73
N PRO C 200 17.99 -66.83 -35.32
CA PRO C 200 19.10 -66.26 -34.54
C PRO C 200 18.60 -65.02 -33.82
N LEU C 201 19.32 -64.58 -32.79
CA LEU C 201 18.89 -63.41 -32.04
C LEU C 201 19.87 -62.26 -32.21
N VAL C 202 19.37 -61.08 -32.58
CA VAL C 202 20.25 -59.93 -32.72
C VAL C 202 20.12 -59.02 -31.51
N ARG C 203 21.28 -58.72 -30.92
CA ARG C 203 21.43 -57.87 -29.76
C ARG C 203 21.95 -56.50 -30.20
N ALA C 204 21.43 -55.44 -29.61
CA ALA C 204 21.87 -54.09 -29.95
C ALA C 204 22.55 -53.44 -28.76
N ASP C 205 23.80 -53.02 -28.94
CA ASP C 205 24.56 -52.41 -27.84
C ASP C 205 25.22 -51.10 -28.25
N MET C 206 25.23 -50.14 -27.34
CA MET C 206 25.84 -48.84 -27.63
C MET C 206 27.36 -48.93 -27.56
N VAL C 207 28.02 -48.28 -28.52
CA VAL C 207 29.48 -48.27 -28.57
C VAL C 207 30.05 -46.89 -28.89
N THR C 208 31.19 -46.58 -28.28
CA THR C 208 31.91 -45.35 -28.54
C THR C 208 32.62 -45.42 -29.88
N GLU C 209 33.18 -44.28 -30.32
CA GLU C 209 33.94 -44.25 -31.56
C GLU C 209 35.17 -45.15 -31.49
N LYS C 210 35.75 -45.27 -30.30
CA LYS C 210 36.93 -46.10 -30.10
C LYS C 210 36.61 -47.57 -30.33
N GLN C 211 35.53 -48.02 -29.69
CA GLN C 211 35.10 -49.42 -29.80
C GLN C 211 34.61 -49.72 -31.22
N ALA C 212 34.26 -48.68 -31.95
CA ALA C 212 33.90 -48.82 -33.36
C ALA C 212 35.12 -49.19 -34.20
N ARG C 213 36.30 -48.84 -33.72
CA ARG C 213 37.54 -49.11 -34.43
C ARG C 213 38.09 -50.51 -34.17
N GLU C 214 37.52 -51.51 -34.83
CA GLU C 214 37.96 -52.90 -34.73
C GLU C 214 37.97 -53.55 -36.10
N THR C 228 30.52 -46.76 -21.43
CA THR C 228 29.82 -47.70 -22.29
C THR C 228 28.42 -47.21 -22.64
N GLY C 229 27.56 -47.14 -21.62
CA GLY C 229 26.17 -46.73 -21.78
C GLY C 229 25.34 -47.97 -22.06
N GLU C 230 24.10 -47.99 -21.57
CA GLU C 230 23.31 -49.21 -21.72
C GLU C 230 21.94 -48.98 -22.38
N ILE C 231 21.50 -49.95 -23.17
CA ILE C 231 20.21 -49.87 -23.85
C ILE C 231 19.29 -50.99 -23.36
N ILE C 232 17.99 -50.76 -23.36
CA ILE C 232 17.02 -51.77 -22.90
C ILE C 232 16.12 -52.29 -24.01
N ASN C 233 15.67 -53.53 -23.84
CA ASN C 233 15.00 -54.31 -24.88
C ASN C 233 15.88 -54.35 -26.11
N ASN C 234 17.08 -54.90 -25.92
CA ASN C 234 18.09 -54.92 -26.95
C ASN C 234 18.09 -56.21 -27.75
N THR C 235 17.38 -57.22 -27.26
CA THR C 235 17.34 -58.51 -27.94
C THR C 235 16.07 -58.64 -28.78
N VAL C 236 16.25 -58.90 -30.07
CA VAL C 236 15.12 -59.15 -30.98
C VAL C 236 15.48 -60.26 -31.97
N PRO C 237 14.54 -61.19 -32.19
CA PRO C 237 14.82 -62.28 -33.14
C PRO C 237 14.81 -61.82 -34.60
N LEU C 238 15.78 -62.31 -35.38
CA LEU C 238 15.86 -62.03 -36.80
C LEU C 238 14.95 -62.97 -37.57
N GLU C 239 13.84 -62.44 -38.08
CA GLU C 239 12.81 -63.32 -38.63
C GLU C 239 12.60 -63.22 -40.13
N ASN C 240 12.30 -64.37 -40.72
CA ASN C 240 11.89 -64.48 -42.11
C ASN C 240 10.41 -64.22 -42.29
N SER C 241 10.09 -63.38 -43.26
CA SER C 241 8.71 -63.15 -43.65
C SER C 241 8.57 -63.57 -45.11
N ILE C 242 7.82 -64.66 -45.29
CA ILE C 242 7.58 -65.23 -46.61
C ILE C 242 6.73 -64.27 -47.45
N PRO C 243 5.64 -63.72 -46.88
CA PRO C 243 5.08 -62.58 -47.60
C PRO C 243 5.95 -61.36 -47.33
N GLY C 244 6.04 -60.45 -48.29
CA GLY C 244 6.93 -59.31 -48.15
C GLY C 244 8.36 -59.67 -48.52
N ASN C 245 8.62 -60.97 -48.61
CA ASN C 245 9.90 -61.49 -49.06
C ASN C 245 11.10 -60.90 -48.31
N CYS C 246 11.08 -60.88 -46.99
CA CYS C 246 12.16 -60.19 -46.27
C CYS C 246 12.62 -60.87 -44.99
N CYS C 247 13.92 -60.78 -44.69
CA CYS C 247 14.45 -61.35 -43.45
C CYS C 247 14.93 -60.27 -42.50
N SER C 248 14.01 -59.69 -41.74
CA SER C 248 14.37 -58.53 -40.94
C SER C 248 14.18 -58.75 -39.43
N ALA C 249 14.81 -57.87 -38.66
CA ALA C 249 14.56 -57.75 -37.23
C ALA C 249 14.35 -56.28 -36.89
N LEU C 250 13.17 -55.95 -36.36
CA LEU C 250 12.86 -54.56 -36.05
C LEU C 250 12.76 -54.32 -34.55
N PHE C 251 13.67 -53.50 -34.03
CA PHE C 251 13.64 -53.04 -32.66
C PHE C 251 12.73 -51.81 -32.61
N LYS C 252 11.57 -51.93 -31.98
CA LYS C 252 10.60 -50.84 -32.01
C LYS C 252 10.38 -50.23 -30.63
N ASN C 253 10.97 -50.84 -29.61
CA ASN C 253 10.92 -50.29 -28.25
C ASN C 253 12.30 -50.25 -27.61
N LEU C 254 13.17 -49.42 -28.16
CA LEU C 254 14.51 -49.22 -27.62
C LEU C 254 14.54 -48.02 -26.70
N LEU C 255 15.41 -48.06 -25.70
CA LEU C 255 15.52 -46.97 -24.75
C LEU C 255 16.93 -46.95 -24.18
N LEU C 256 17.51 -45.77 -24.07
CA LEU C 256 18.85 -45.65 -23.51
C LEU C 256 18.76 -45.18 -22.05
N LYS C 257 19.17 -46.04 -21.14
CA LYS C 257 19.08 -45.74 -19.70
C LYS C 257 20.15 -44.76 -19.28
N LYS C 258 21.39 -45.09 -19.62
CA LYS C 258 22.55 -44.32 -19.19
C LYS C 258 23.57 -44.27 -20.31
N ILE C 259 24.38 -43.22 -20.32
CA ILE C 259 25.41 -43.09 -21.35
C ILE C 259 26.66 -42.40 -20.84
N LYS C 260 27.79 -43.07 -20.99
CA LYS C 260 29.06 -42.52 -20.56
C LYS C 260 29.58 -41.56 -21.60
N ARG C 261 29.93 -40.35 -21.16
CA ARG C 261 30.45 -39.34 -22.04
C ARG C 261 31.96 -39.26 -21.90
N CYS C 262 32.64 -40.30 -22.37
CA CYS C 262 34.10 -40.42 -22.32
C CYS C 262 34.79 -39.10 -22.56
N GLU C 263 35.95 -38.94 -21.96
CA GLU C 263 36.73 -37.73 -22.11
C GLU C 263 35.85 -36.52 -21.89
N GLY C 266 38.53 -31.61 -24.99
CA GLY C 266 38.79 -30.31 -24.41
C GLY C 266 38.73 -29.25 -25.48
N THR C 267 37.68 -28.45 -25.42
CA THR C 267 37.25 -27.56 -26.52
C THR C 267 36.46 -28.37 -27.54
N GLU C 268 36.48 -29.68 -27.37
CA GLU C 268 35.64 -30.59 -28.04
C GLU C 268 34.41 -30.35 -27.21
N SER C 269 33.30 -30.88 -27.67
CA SER C 269 32.04 -30.70 -27.01
C SER C 269 31.38 -32.05 -26.89
N VAL C 270 30.34 -32.15 -26.09
CA VAL C 270 29.54 -33.35 -26.04
C VAL C 270 28.82 -33.60 -27.36
N THR C 271 28.54 -32.54 -28.07
CA THR C 271 27.82 -32.58 -29.34
C THR C 271 28.74 -32.96 -30.47
N GLU C 272 29.97 -33.27 -30.11
CA GLU C 272 30.95 -33.66 -31.08
C GLU C 272 31.29 -35.12 -30.99
N GLU C 273 30.67 -35.86 -30.09
CA GLU C 273 31.06 -37.22 -29.84
C GLU C 273 30.24 -38.23 -30.55
N LYS C 274 30.90 -38.89 -31.44
CA LYS C 274 30.17 -39.80 -32.28
C LYS C 274 30.13 -41.21 -31.71
N CYS C 275 28.92 -41.72 -31.52
CA CYS C 275 28.70 -43.07 -31.02
C CYS C 275 27.90 -43.86 -32.05
N ALA C 276 27.76 -45.16 -31.83
CA ALA C 276 26.97 -45.97 -32.76
C ALA C 276 26.30 -47.15 -32.06
N VAL C 277 25.26 -47.68 -32.71
CA VAL C 277 24.63 -48.89 -32.22
C VAL C 277 25.19 -50.08 -32.98
N LEU C 278 25.58 -51.10 -32.23
CA LEU C 278 26.16 -52.30 -32.81
C LEU C 278 25.18 -53.46 -32.70
N PHE C 279 24.84 -54.03 -33.85
CA PHE C 279 23.90 -55.14 -33.91
C PHE C 279 24.68 -56.44 -34.13
N SER C 280 24.67 -57.30 -33.11
CA SER C 280 25.43 -58.55 -33.14
C SER C 280 24.50 -59.76 -33.15
N ALA C 281 24.90 -60.81 -33.83
CA ALA C 281 24.11 -62.04 -33.89
C ALA C 281 25.01 -63.25 -34.11
N SER C 282 24.49 -64.45 -33.87
CA SER C 282 25.26 -65.65 -34.19
C SER C 282 24.49 -66.54 -35.16
N PHE C 283 25.20 -67.06 -36.15
CA PHE C 283 24.59 -67.84 -37.22
C PHE C 283 25.37 -69.14 -37.46
N THR C 284 24.71 -70.29 -37.43
CA THR C 284 25.44 -71.57 -37.51
C THR C 284 25.69 -72.09 -38.93
N LEU C 285 24.78 -71.77 -39.85
CA LEU C 285 24.81 -72.17 -41.26
C LEU C 285 26.14 -72.09 -42.03
N GLY C 286 26.28 -73.01 -42.98
CA GLY C 286 27.38 -73.00 -43.92
C GLY C 286 28.07 -74.34 -44.13
N PRO C 291 29.96 -71.72 -37.32
CA PRO C 291 29.53 -70.50 -36.63
C PRO C 291 30.16 -69.22 -37.20
N ILE C 292 29.27 -68.34 -37.64
CA ILE C 292 29.57 -67.04 -38.21
C ILE C 292 28.98 -65.98 -37.29
N GLN C 293 29.82 -65.04 -36.82
CA GLN C 293 29.29 -63.97 -36.01
C GLN C 293 28.96 -62.79 -36.91
N LEU C 294 27.72 -62.32 -36.80
CA LEU C 294 27.24 -61.24 -37.64
C LEU C 294 27.32 -59.93 -36.88
N GLN C 295 28.00 -58.95 -37.47
CA GLN C 295 28.09 -57.63 -36.88
C GLN C 295 27.66 -56.56 -37.87
N ALA C 296 26.89 -55.59 -37.40
CA ALA C 296 26.50 -54.46 -38.22
C ALA C 296 26.57 -53.18 -37.41
N LEU C 297 27.08 -52.12 -38.01
CA LEU C 297 27.21 -50.85 -37.32
C LEU C 297 26.30 -49.84 -37.97
N SER C 298 25.56 -49.09 -37.14
CA SER C 298 24.65 -48.09 -37.64
C SER C 298 25.42 -46.87 -38.13
N LEU C 299 24.70 -45.90 -38.70
CA LEU C 299 25.29 -44.62 -39.03
C LEU C 299 25.68 -43.93 -37.73
N PRO C 300 26.67 -43.02 -37.79
CA PRO C 300 27.05 -42.28 -36.57
C PRO C 300 25.88 -41.50 -35.99
N LEU C 301 25.78 -41.49 -34.67
CA LEU C 301 24.74 -40.73 -34.00
C LEU C 301 25.30 -39.98 -32.79
N VAL C 302 24.66 -38.87 -32.45
CA VAL C 302 25.07 -38.05 -31.33
C VAL C 302 24.07 -38.17 -30.18
N VAL C 303 24.55 -38.58 -29.01
CA VAL C 303 23.69 -38.72 -27.85
C VAL C 303 23.51 -37.38 -27.15
N ILE C 304 22.26 -37.03 -26.86
CA ILE C 304 21.94 -35.80 -26.13
C ILE C 304 21.03 -36.09 -24.95
N VAL C 305 20.91 -35.15 -24.03
CA VAL C 305 20.09 -35.33 -22.84
C VAL C 305 19.03 -34.24 -22.67
N HIS C 306 18.95 -33.33 -23.64
CA HIS C 306 17.97 -32.25 -23.61
C HIS C 306 17.83 -31.62 -24.98
N GLY C 307 16.65 -31.03 -25.25
CA GLY C 307 16.36 -30.45 -26.55
C GLY C 307 17.30 -29.35 -27.00
N ASN C 308 17.84 -28.60 -26.04
CA ASN C 308 18.70 -27.46 -26.36
C ASN C 308 19.97 -27.89 -27.11
N GLN C 309 20.39 -29.13 -26.86
CA GLN C 309 21.59 -29.66 -27.49
C GLN C 309 21.33 -30.05 -28.95
N ASP C 310 20.06 -30.24 -29.29
CA ASP C 310 19.68 -30.75 -30.61
C ASP C 310 20.29 -29.92 -31.73
N ASN C 311 20.19 -28.60 -31.58
CA ASN C 311 20.60 -27.67 -32.62
C ASN C 311 22.09 -27.76 -32.89
N ASN C 312 22.86 -28.18 -31.89
CA ASN C 312 24.27 -28.44 -32.12
C ASN C 312 24.49 -29.82 -32.70
N ALA C 313 23.75 -30.80 -32.17
CA ALA C 313 23.95 -32.19 -32.55
C ALA C 313 23.79 -32.37 -34.04
N LYS C 314 22.74 -31.75 -34.59
CA LYS C 314 22.44 -31.86 -36.01
C LYS C 314 23.66 -31.46 -36.82
N ALA C 315 24.32 -30.38 -36.41
CA ALA C 315 25.47 -29.87 -37.14
C ALA C 315 26.49 -30.98 -37.30
N THR C 316 26.79 -31.63 -36.18
CA THR C 316 27.80 -32.70 -36.17
C THR C 316 27.38 -33.73 -37.21
N ILE C 317 26.13 -34.17 -37.09
CA ILE C 317 25.62 -35.21 -37.97
C ILE C 317 25.67 -34.70 -39.39
N LEU C 318 25.25 -33.45 -39.57
CA LEU C 318 25.24 -32.84 -40.88
C LEU C 318 26.63 -32.91 -41.50
N TRP C 319 27.65 -32.62 -40.69
CA TRP C 319 29.02 -32.67 -41.16
C TRP C 319 29.42 -34.10 -41.52
N ASP C 320 29.01 -35.06 -40.69
CA ASP C 320 29.44 -36.44 -40.89
C ASP C 320 28.72 -37.16 -42.02
N ASN C 321 27.42 -36.90 -42.18
CA ASN C 321 26.64 -37.57 -43.22
C ASN C 321 27.16 -37.23 -44.60
N ALA C 322 27.45 -35.95 -44.82
CA ALA C 322 28.17 -35.54 -46.02
C ALA C 322 29.67 -35.61 -45.73
N PHE C 323 30.47 -35.19 -46.70
CA PHE C 323 31.92 -35.05 -46.51
C PHE C 323 32.64 -36.33 -46.06
N SER C 324 31.94 -37.45 -46.05
CA SER C 324 32.55 -38.70 -45.60
C SER C 324 32.80 -39.68 -46.74
N GLU C 325 34.02 -40.20 -46.78
CA GLU C 325 34.40 -41.18 -47.80
C GLU C 325 33.72 -42.51 -47.54
N MET C 326 33.61 -43.34 -48.57
CA MET C 326 32.85 -44.58 -48.45
C MET C 326 33.52 -45.59 -47.53
N ASP C 327 34.85 -45.67 -47.59
CA ASP C 327 35.59 -46.48 -46.64
C ASP C 327 36.49 -45.63 -45.75
N ARG C 328 36.24 -45.70 -44.44
CA ARG C 328 36.90 -44.84 -43.48
C ARG C 328 37.03 -45.52 -42.11
N VAL C 329 37.98 -45.04 -41.32
CA VAL C 329 38.10 -45.48 -39.93
C VAL C 329 37.10 -44.71 -39.07
N PRO C 330 36.19 -45.44 -38.40
CA PRO C 330 35.12 -44.80 -37.62
C PRO C 330 35.65 -43.94 -36.47
N PHE C 331 35.30 -42.65 -36.45
CA PHE C 331 34.50 -42.04 -37.50
C PHE C 331 35.19 -40.80 -38.05
N VAL C 332 36.25 -41.00 -38.83
CA VAL C 332 37.04 -39.87 -39.30
C VAL C 332 36.35 -39.15 -40.45
N VAL C 333 36.37 -37.82 -40.39
CA VAL C 333 35.82 -36.98 -41.44
C VAL C 333 36.74 -35.78 -41.63
N ALA C 334 36.73 -35.20 -42.83
CA ALA C 334 37.59 -34.06 -43.13
C ALA C 334 37.30 -32.89 -42.19
N GLU C 335 38.37 -32.20 -41.79
CA GLU C 335 38.23 -31.04 -40.93
C GLU C 335 37.96 -29.81 -41.77
N ARG C 336 38.44 -29.82 -43.01
CA ARG C 336 38.25 -28.70 -43.91
C ARG C 336 37.75 -29.19 -45.27
N VAL C 337 36.85 -28.42 -45.88
CA VAL C 337 36.23 -28.82 -47.16
C VAL C 337 35.99 -27.61 -48.08
N PRO C 338 35.90 -27.86 -49.40
CA PRO C 338 35.55 -26.81 -50.36
C PRO C 338 34.21 -26.15 -50.05
N TRP C 339 34.10 -24.85 -50.28
CA TRP C 339 32.91 -24.07 -49.93
C TRP C 339 31.64 -24.45 -50.69
N GLU C 340 31.78 -24.86 -51.95
CA GLU C 340 30.59 -25.18 -52.75
C GLU C 340 30.02 -26.55 -52.39
N LYS C 341 30.84 -27.37 -51.76
CA LYS C 341 30.37 -28.65 -51.24
C LYS C 341 29.40 -28.33 -50.12
N MET C 342 29.81 -27.37 -49.30
CA MET C 342 29.01 -26.87 -48.20
C MET C 342 27.75 -26.18 -48.72
N CYS C 343 27.88 -25.50 -49.86
CA CYS C 343 26.74 -24.82 -50.45
C CYS C 343 25.68 -25.81 -50.95
N GLU C 344 26.12 -26.91 -51.56
CA GLU C 344 25.18 -27.92 -52.04
C GLU C 344 24.58 -28.66 -50.87
N THR C 345 25.36 -28.82 -49.80
CA THR C 345 24.86 -29.47 -48.60
C THR C 345 23.74 -28.62 -47.99
N LEU C 346 24.00 -27.32 -47.87
CA LEU C 346 23.01 -26.38 -47.36
C LEU C 346 21.77 -26.32 -48.21
N ASN C 347 21.94 -26.34 -49.53
CA ASN C 347 20.78 -26.29 -50.42
C ASN C 347 19.92 -27.54 -50.27
N LEU C 348 20.57 -28.70 -50.23
CA LEU C 348 19.86 -29.96 -50.09
C LEU C 348 19.11 -30.04 -48.76
N LYS C 349 19.83 -29.74 -47.68
CA LYS C 349 19.24 -29.76 -46.33
C LYS C 349 18.07 -28.78 -46.24
N PHE C 350 18.26 -27.59 -46.80
CA PHE C 350 17.22 -26.57 -46.82
C PHE C 350 15.97 -27.08 -47.53
N MET C 351 16.14 -27.54 -48.76
CA MET C 351 15.02 -27.97 -49.58
C MET C 351 14.28 -29.14 -48.95
N ALA C 352 15.02 -30.12 -48.45
CA ALA C 352 14.40 -31.29 -47.85
C ALA C 352 13.70 -30.98 -46.54
N GLU C 353 14.36 -30.23 -45.66
CA GLU C 353 13.84 -29.95 -44.32
C GLU C 353 12.64 -29.00 -44.37
N VAL C 354 12.75 -27.94 -45.16
CA VAL C 354 11.65 -26.98 -45.30
C VAL C 354 10.49 -27.62 -46.05
N GLY C 355 10.81 -28.38 -47.10
CA GLY C 355 9.81 -29.07 -47.87
C GLY C 355 9.45 -28.33 -49.15
N THR C 356 10.46 -27.84 -49.85
CA THR C 356 10.23 -27.13 -51.10
C THR C 356 11.18 -27.59 -52.19
N ASN C 357 10.79 -27.37 -53.44
CA ASN C 357 11.67 -27.70 -54.55
C ASN C 357 12.41 -26.44 -55.01
N ARG C 358 11.99 -25.31 -54.45
CA ARG C 358 12.63 -24.04 -54.73
C ARG C 358 13.82 -23.81 -53.81
N GLY C 359 15.01 -24.12 -54.29
CA GLY C 359 16.22 -24.06 -53.49
C GLY C 359 16.85 -22.69 -53.41
N LEU C 360 18.08 -22.65 -52.87
CA LEU C 360 18.81 -21.40 -52.74
C LEU C 360 19.38 -20.94 -54.08
N LEU C 361 19.66 -19.65 -54.18
CA LEU C 361 20.19 -19.06 -55.40
C LEU C 361 21.63 -18.60 -55.19
N PRO C 362 22.38 -18.39 -56.28
CA PRO C 362 23.80 -17.99 -56.18
C PRO C 362 24.05 -16.77 -55.30
N GLU C 363 23.19 -15.76 -55.40
CA GLU C 363 23.33 -14.56 -54.59
C GLU C 363 23.23 -14.92 -53.10
N HIS C 364 22.27 -15.78 -52.77
CA HIS C 364 22.08 -16.24 -51.40
C HIS C 364 23.36 -16.86 -50.88
N PHE C 365 23.98 -17.69 -51.71
CA PHE C 365 25.25 -18.33 -51.36
C PHE C 365 26.36 -17.30 -51.18
N LEU C 366 26.28 -16.20 -51.91
CA LEU C 366 27.27 -15.13 -51.79
C LEU C 366 27.16 -14.45 -50.43
N PHE C 367 25.92 -14.08 -50.08
CA PHE C 367 25.67 -13.36 -48.84
C PHE C 367 25.87 -14.27 -47.63
N LEU C 368 25.72 -15.57 -47.84
CA LEU C 368 26.06 -16.56 -46.82
C LEU C 368 27.57 -16.63 -46.65
N ALA C 369 28.28 -16.66 -47.78
CA ALA C 369 29.73 -16.74 -47.79
C ALA C 369 30.37 -15.60 -47.01
N GLN C 370 29.98 -14.37 -47.31
CA GLN C 370 30.52 -13.24 -46.56
C GLN C 370 30.22 -13.36 -45.07
N LYS C 371 29.04 -13.88 -44.75
CA LYS C 371 28.63 -14.03 -43.35
C LYS C 371 29.55 -14.98 -42.60
N ILE C 372 29.80 -16.16 -43.15
CA ILE C 372 30.63 -17.14 -42.45
C ILE C 372 32.11 -16.73 -42.47
N PHE C 373 32.53 -16.03 -43.52
CA PHE C 373 33.94 -15.70 -43.69
C PHE C 373 34.34 -14.35 -43.08
N ASN C 374 33.34 -13.56 -42.70
CA ASN C 374 33.54 -12.21 -42.17
C ASN C 374 34.26 -11.31 -43.16
N ASP C 375 33.89 -11.48 -44.45
CA ASP C 375 34.48 -10.73 -45.57
C ASP C 375 33.40 -10.07 -46.45
N ASN C 376 33.75 -8.95 -47.08
CA ASN C 376 32.79 -8.10 -47.80
C ASN C 376 32.72 -8.11 -49.34
N SER C 377 33.40 -9.04 -50.00
CA SER C 377 33.47 -9.04 -51.47
C SER C 377 32.12 -9.24 -52.15
N LEU C 378 31.89 -8.55 -53.29
CA LEU C 378 30.61 -8.60 -53.96
C LEU C 378 30.78 -9.40 -55.25
N SER C 379 31.86 -10.18 -55.29
CA SER C 379 32.17 -11.03 -56.42
C SER C 379 32.06 -12.48 -55.99
N MET C 380 31.20 -13.23 -56.64
CA MET C 380 30.96 -14.61 -56.22
C MET C 380 32.14 -15.55 -56.45
N GLU C 381 33.05 -15.18 -57.34
CA GLU C 381 34.07 -16.15 -57.79
C GLU C 381 35.30 -16.30 -56.88
N ALA C 382 35.69 -15.26 -56.15
CA ALA C 382 36.80 -15.38 -55.20
C ALA C 382 36.44 -16.35 -54.08
N PHE C 383 35.21 -16.27 -53.57
CA PHE C 383 34.78 -17.14 -52.47
C PHE C 383 34.82 -18.63 -52.80
N GLN C 384 34.62 -18.97 -54.06
CA GLN C 384 34.46 -20.36 -54.45
C GLN C 384 35.69 -21.22 -54.14
N HIS C 385 36.88 -20.62 -54.26
CA HIS C 385 38.10 -21.37 -54.04
C HIS C 385 38.57 -21.25 -52.59
N ARG C 386 37.70 -20.70 -51.74
CA ARG C 386 37.97 -20.66 -50.31
C ARG C 386 37.56 -22.00 -49.74
N SER C 387 38.08 -22.33 -48.56
CA SER C 387 37.68 -23.54 -47.88
C SER C 387 37.07 -23.23 -46.52
N VAL C 388 36.10 -24.04 -46.10
CA VAL C 388 35.45 -23.86 -44.81
C VAL C 388 35.76 -25.05 -43.91
N SER C 389 36.03 -24.74 -42.64
CA SER C 389 36.39 -25.76 -41.66
C SER C 389 35.24 -25.97 -40.68
N TRP C 390 35.31 -27.08 -39.94
CA TRP C 390 34.30 -27.39 -38.94
C TRP C 390 34.21 -26.28 -37.90
N SER C 391 35.37 -25.74 -37.54
CA SER C 391 35.44 -24.66 -36.56
C SER C 391 34.69 -23.44 -37.06
N GLN C 392 34.96 -23.03 -38.30
CA GLN C 392 34.21 -21.93 -38.89
C GLN C 392 32.73 -22.26 -39.00
N PHE C 393 32.39 -23.52 -39.27
CA PHE C 393 31.00 -23.90 -39.45
C PHE C 393 30.18 -23.77 -38.17
N ASN C 394 30.61 -24.44 -37.10
CA ASN C 394 29.79 -24.46 -35.89
C ASN C 394 30.58 -24.30 -34.57
N LYS C 395 31.85 -23.93 -34.64
CA LYS C 395 32.61 -23.78 -33.40
C LYS C 395 33.18 -22.38 -33.20
N GLU C 396 33.02 -21.51 -34.19
CA GLU C 396 33.48 -20.13 -34.06
C GLU C 396 32.31 -19.16 -34.12
N ILE C 397 32.31 -18.19 -33.20
CA ILE C 397 31.23 -17.22 -33.06
C ILE C 397 31.30 -16.12 -34.11
N LEU C 398 30.15 -15.75 -34.69
CA LEU C 398 30.08 -14.70 -35.69
C LEU C 398 30.41 -13.35 -35.08
N LEU C 399 30.97 -12.45 -35.87
CA LEU C 399 31.43 -11.18 -35.34
C LEU C 399 30.27 -10.26 -35.02
N GLY C 400 30.23 -9.78 -33.77
CA GLY C 400 29.20 -8.84 -33.35
C GLY C 400 28.01 -9.57 -32.75
N ARG C 401 28.06 -10.90 -32.80
CA ARG C 401 26.93 -11.72 -32.42
C ARG C 401 27.33 -12.78 -31.40
N GLY C 402 26.35 -13.52 -30.89
CA GLY C 402 26.59 -14.48 -29.84
C GLY C 402 26.45 -15.94 -30.23
N PHE C 403 26.30 -16.19 -31.52
CA PHE C 403 26.05 -17.55 -32.00
C PHE C 403 26.96 -17.95 -33.16
N THR C 404 27.00 -19.24 -33.45
CA THR C 404 27.78 -19.75 -34.57
C THR C 404 27.01 -19.60 -35.87
N PHE C 405 27.69 -19.82 -36.99
CA PHE C 405 27.06 -19.79 -38.30
C PHE C 405 25.91 -20.79 -38.38
N TRP C 406 26.20 -22.03 -38.04
CA TRP C 406 25.23 -23.10 -38.12
C TRP C 406 23.99 -22.86 -37.27
N GLN C 407 24.19 -22.36 -36.05
CA GLN C 407 23.07 -22.11 -35.15
C GLN C 407 22.09 -21.12 -35.77
N TRP C 408 22.63 -20.08 -36.40
CA TRP C 408 21.84 -19.08 -37.09
C TRP C 408 21.10 -19.70 -38.26
N PHE C 409 21.83 -20.48 -39.05
CA PHE C 409 21.27 -21.09 -40.24
C PHE C 409 20.11 -22.04 -39.89
N ASP C 410 20.34 -22.89 -38.89
CA ASP C 410 19.33 -23.82 -38.42
C ASP C 410 18.12 -23.09 -37.83
N GLY C 411 18.37 -21.97 -37.14
CA GLY C 411 17.28 -21.15 -36.66
C GLY C 411 16.40 -20.72 -37.82
N VAL C 412 17.05 -20.31 -38.90
CA VAL C 412 16.34 -19.91 -40.10
C VAL C 412 15.55 -21.10 -40.68
N LEU C 413 16.17 -22.27 -40.64
CA LEU C 413 15.52 -23.51 -41.09
C LEU C 413 14.22 -23.76 -40.34
N ASP C 414 14.28 -23.64 -39.01
CA ASP C 414 13.13 -23.87 -38.16
C ASP C 414 12.03 -22.88 -38.51
N LEU C 415 12.38 -21.59 -38.51
CA LEU C 415 11.41 -20.54 -38.80
C LEU C 415 10.71 -20.74 -40.14
N THR C 416 11.52 -20.96 -41.18
CA THR C 416 11.02 -21.13 -42.53
C THR C 416 10.16 -22.38 -42.67
N LYS C 417 10.55 -23.44 -41.96
CA LYS C 417 9.77 -24.67 -42.00
C LYS C 417 8.39 -24.47 -41.40
N ARG C 418 8.35 -23.98 -40.17
CA ARG C 418 7.08 -23.87 -39.47
C ARG C 418 6.15 -22.78 -40.02
N CYS C 419 6.68 -21.61 -40.36
CA CYS C 419 5.79 -20.50 -40.72
C CYS C 419 5.96 -19.88 -42.13
N LEU C 420 6.97 -20.30 -42.89
CA LEU C 420 7.27 -19.61 -44.15
C LEU C 420 7.40 -20.49 -45.41
N ARG C 421 6.85 -21.69 -45.40
CA ARG C 421 7.04 -22.60 -46.53
C ARG C 421 6.30 -22.15 -47.79
N SER C 422 5.03 -21.78 -47.64
CA SER C 422 4.24 -21.29 -48.77
C SER C 422 4.79 -19.97 -49.27
N TYR C 423 5.18 -19.10 -48.35
CA TYR C 423 5.75 -17.80 -48.69
C TYR C 423 7.04 -17.98 -49.49
N TRP C 424 7.87 -18.92 -49.07
CA TRP C 424 9.14 -19.17 -49.74
C TRP C 424 8.99 -19.78 -51.11
N SER C 425 8.09 -20.75 -51.24
CA SER C 425 7.92 -21.42 -52.53
C SER C 425 7.36 -20.44 -53.54
N ASP C 426 6.56 -19.49 -53.07
CA ASP C 426 6.02 -18.44 -53.92
C ASP C 426 7.08 -17.42 -54.32
N ARG C 427 8.28 -17.56 -53.74
CA ARG C 427 9.43 -16.71 -54.05
C ARG C 427 9.23 -15.29 -53.55
N LEU C 428 8.41 -15.15 -52.51
CA LEU C 428 8.12 -13.84 -51.94
C LEU C 428 9.25 -13.37 -51.04
N ILE C 429 10.09 -14.31 -50.61
CA ILE C 429 11.16 -13.99 -49.67
C ILE C 429 12.51 -13.94 -50.37
N ILE C 430 13.15 -12.78 -50.33
CA ILE C 430 14.49 -12.64 -50.86
C ILE C 430 15.44 -13.33 -49.88
N GLY C 431 15.19 -13.12 -48.59
CA GLY C 431 15.84 -13.87 -47.53
C GLY C 431 17.30 -13.57 -47.21
N PHE C 432 18.20 -14.08 -48.04
CA PHE C 432 19.63 -14.01 -47.72
C PHE C 432 20.30 -12.81 -48.35
N ILE C 433 20.19 -11.66 -47.68
CA ILE C 433 20.72 -10.40 -48.21
C ILE C 433 21.24 -9.52 -47.09
N SER C 434 22.46 -9.00 -47.27
CA SER C 434 22.98 -8.00 -46.35
C SER C 434 22.12 -6.76 -46.52
N LYS C 435 21.87 -6.02 -45.45
CA LYS C 435 20.98 -4.86 -45.54
C LYS C 435 21.59 -3.74 -46.37
N GLN C 436 22.86 -3.87 -46.72
CA GLN C 436 23.53 -2.87 -47.55
C GLN C 436 23.09 -3.01 -49.00
N TYR C 437 23.02 -4.24 -49.48
CA TYR C 437 22.50 -4.53 -50.81
C TYR C 437 21.03 -4.13 -50.83
N VAL C 438 20.38 -4.30 -49.69
CA VAL C 438 19.00 -3.88 -49.50
C VAL C 438 18.90 -2.37 -49.71
N THR C 439 19.83 -1.61 -49.12
CA THR C 439 19.87 -0.16 -49.30
C THR C 439 20.02 0.18 -50.78
N SER C 440 21.00 -0.45 -51.42
CA SER C 440 21.26 -0.25 -52.84
C SER C 440 20.00 -0.46 -53.68
N LEU C 441 19.32 -1.57 -53.45
CA LEU C 441 18.11 -1.91 -54.21
C LEU C 441 16.95 -0.95 -53.95
N LEU C 442 16.69 -0.69 -52.67
CA LEU C 442 15.48 0.02 -52.23
C LEU C 442 15.55 1.53 -52.39
N LEU C 443 16.77 2.10 -52.37
CA LEU C 443 16.91 3.55 -52.44
C LEU C 443 16.34 4.13 -53.74
N ASN C 444 16.49 3.39 -54.83
CA ASN C 444 16.01 3.84 -56.15
C ASN C 444 14.56 3.46 -56.43
N GLU C 445 13.86 3.00 -55.40
CA GLU C 445 12.47 2.55 -55.53
C GLU C 445 11.46 3.58 -55.03
N PRO C 446 10.22 3.53 -55.56
CA PRO C 446 9.11 4.41 -55.16
C PRO C 446 8.72 4.22 -53.69
N ASP C 447 7.94 5.16 -53.15
CA ASP C 447 7.48 5.08 -51.77
C ASP C 447 6.57 3.87 -51.54
N GLY C 448 6.93 3.05 -50.55
CA GLY C 448 6.11 1.91 -50.17
C GLY C 448 6.57 0.58 -50.73
N THR C 449 7.69 0.58 -51.47
CA THR C 449 8.27 -0.66 -51.94
C THR C 449 9.02 -1.35 -50.80
N PHE C 450 8.83 -2.66 -50.64
CA PHE C 450 9.46 -3.38 -49.55
C PHE C 450 9.97 -4.75 -49.95
N LEU C 451 10.79 -5.34 -49.09
CA LEU C 451 11.28 -6.70 -49.27
C LEU C 451 11.49 -7.36 -47.91
N LEU C 452 11.57 -8.69 -47.92
CA LEU C 452 11.63 -9.48 -46.69
C LEU C 452 13.01 -10.13 -46.54
N ARG C 453 13.64 -9.93 -45.38
CA ARG C 453 15.00 -10.40 -45.16
C ARG C 453 15.10 -11.16 -43.83
N PHE C 454 15.95 -12.18 -43.75
CA PHE C 454 16.16 -12.84 -42.46
C PHE C 454 17.02 -11.98 -41.55
N SER C 455 16.65 -11.92 -40.29
CA SER C 455 17.38 -11.10 -39.32
C SER C 455 18.74 -11.70 -39.00
N ASP C 456 19.77 -10.87 -39.03
CA ASP C 456 21.12 -11.33 -38.75
C ASP C 456 21.45 -11.23 -37.26
N SER C 457 20.75 -10.36 -36.54
CA SER C 457 21.00 -10.18 -35.13
C SER C 457 20.47 -11.32 -34.27
N GLU C 458 19.23 -11.74 -34.53
CA GLU C 458 18.61 -12.80 -33.73
C GLU C 458 18.46 -14.09 -34.53
N ILE C 459 18.25 -15.18 -33.82
CA ILE C 459 18.08 -16.50 -34.43
C ILE C 459 16.61 -16.79 -34.77
N GLY C 460 16.37 -17.20 -36.01
CA GLY C 460 15.03 -17.56 -36.45
C GLY C 460 14.07 -16.39 -36.50
N GLY C 461 14.47 -15.32 -37.16
CA GLY C 461 13.65 -14.13 -37.25
C GLY C 461 13.64 -13.55 -38.65
N ILE C 462 12.55 -12.89 -39.00
CA ILE C 462 12.43 -12.27 -40.31
C ILE C 462 11.90 -10.84 -40.20
N THR C 463 12.50 -9.95 -40.99
CA THR C 463 12.26 -8.52 -40.89
C THR C 463 11.79 -7.92 -42.22
N ILE C 464 10.89 -6.95 -42.09
CA ILE C 464 10.39 -6.18 -43.22
C ILE C 464 11.24 -4.94 -43.46
N ALA C 465 11.79 -4.79 -44.66
CA ALA C 465 12.54 -3.60 -45.01
C ALA C 465 11.82 -2.81 -46.09
N HIS C 466 11.46 -1.56 -45.78
CA HIS C 466 10.71 -0.77 -46.75
C HIS C 466 11.21 0.66 -46.85
N VAL C 467 10.83 1.37 -47.90
CA VAL C 467 11.32 2.73 -48.11
C VAL C 467 10.20 3.77 -48.00
N ILE C 468 10.47 4.85 -47.26
CA ILE C 468 9.53 5.93 -47.11
C ILE C 468 10.12 7.26 -47.59
N GLY C 473 9.90 14.59 -48.90
CA GLY C 473 11.15 14.91 -49.58
C GLY C 473 12.00 13.68 -49.81
N SER C 474 13.15 13.63 -49.14
CA SER C 474 14.08 12.51 -49.28
C SER C 474 13.45 11.21 -48.77
N PRO C 475 13.75 10.05 -49.51
CA PRO C 475 13.13 8.84 -48.98
C PRO C 475 14.12 8.01 -48.17
N GLN C 476 13.74 7.63 -46.95
CA GLN C 476 14.59 6.84 -46.09
C GLN C 476 14.04 5.43 -45.98
N ILE C 477 14.87 4.52 -45.50
CA ILE C 477 14.45 3.12 -45.37
C ILE C 477 14.34 2.67 -43.92
N GLU C 478 13.25 1.97 -43.65
CA GLU C 478 12.87 1.51 -42.33
C GLU C 478 12.93 -0.02 -42.21
N ASN C 479 13.61 -0.47 -41.15
CA ASN C 479 13.74 -1.88 -40.82
C ASN C 479 12.86 -2.24 -39.63
N ILE C 480 11.85 -3.08 -39.86
CA ILE C 480 10.89 -3.43 -38.83
C ILE C 480 11.43 -4.59 -37.98
N GLN C 481 11.12 -4.55 -36.68
CA GLN C 481 11.55 -5.57 -35.74
C GLN C 481 11.22 -6.98 -36.25
N PRO C 482 12.20 -7.89 -36.18
CA PRO C 482 12.08 -9.25 -36.73
C PRO C 482 10.98 -10.08 -36.09
N PHE C 483 10.27 -10.84 -36.93
CA PHE C 483 9.23 -11.74 -36.43
C PHE C 483 9.78 -13.10 -36.06
N SER C 484 9.51 -13.52 -34.83
CA SER C 484 9.85 -14.86 -34.39
C SER C 484 8.76 -15.82 -34.82
N ALA C 485 9.01 -17.11 -34.67
CA ALA C 485 8.01 -18.13 -35.00
C ALA C 485 6.76 -17.95 -34.13
N LYS C 486 6.97 -17.55 -32.89
CA LYS C 486 5.89 -17.22 -31.97
C LYS C 486 5.02 -16.09 -32.51
N ASP C 487 5.69 -15.03 -32.95
CA ASP C 487 5.02 -13.84 -33.47
C ASP C 487 4.16 -14.18 -34.68
N LEU C 488 4.71 -15.03 -35.55
CA LEU C 488 4.00 -15.44 -36.75
C LEU C 488 2.89 -16.43 -36.43
N SER C 489 3.04 -17.15 -35.32
CA SER C 489 2.00 -18.05 -34.86
C SER C 489 0.81 -17.25 -34.33
N ILE C 490 1.11 -16.11 -33.72
CA ILE C 490 0.06 -15.23 -33.21
C ILE C 490 -0.70 -14.60 -34.37
N ARG C 491 0.06 -14.11 -35.35
CA ARG C 491 -0.50 -13.59 -36.59
C ARG C 491 0.45 -13.86 -37.74
N SER C 492 -0.03 -14.57 -38.75
CA SER C 492 0.83 -15.01 -39.84
C SER C 492 1.45 -13.82 -40.54
N LEU C 493 2.58 -14.07 -41.21
CA LEU C 493 3.31 -13.03 -41.93
C LEU C 493 2.45 -12.32 -42.98
N GLY C 494 1.61 -13.08 -43.68
CA GLY C 494 0.77 -12.51 -44.74
C GLY C 494 -0.20 -11.44 -44.28
N ASP C 495 -1.08 -11.77 -43.34
CA ASP C 495 -2.05 -10.80 -42.86
C ASP C 495 -1.32 -9.68 -42.11
N ARG C 496 -0.18 -10.01 -41.51
CA ARG C 496 0.65 -8.98 -40.89
C ARG C 496 1.01 -7.94 -41.93
N ILE C 497 1.44 -8.40 -43.10
CA ILE C 497 1.82 -7.50 -44.18
C ILE C 497 0.58 -6.76 -44.70
N ARG C 498 -0.56 -7.44 -44.72
CA ARG C 498 -1.80 -6.81 -45.17
C ARG C 498 -2.19 -5.66 -44.25
N ASP C 499 -1.88 -5.81 -42.97
CA ASP C 499 -2.20 -4.81 -41.97
C ASP C 499 -1.52 -3.48 -42.30
N LEU C 500 -0.26 -3.56 -42.72
CA LEU C 500 0.51 -2.37 -43.05
C LEU C 500 0.11 -1.83 -44.42
N ALA C 501 -0.70 -0.78 -44.42
CA ALA C 501 -1.13 -0.14 -45.66
C ALA C 501 -0.01 0.68 -46.30
N GLN C 502 0.99 1.04 -45.49
CA GLN C 502 2.11 1.85 -45.97
C GLN C 502 2.95 1.05 -46.96
N LEU C 503 2.87 -0.27 -46.85
CA LEU C 503 3.54 -1.17 -47.78
C LEU C 503 2.72 -1.29 -49.07
N LYS C 504 3.22 -0.78 -50.19
CA LYS C 504 2.43 -0.80 -51.43
C LYS C 504 2.88 -1.85 -52.44
N ASN C 505 4.18 -2.07 -52.55
CA ASN C 505 4.69 -2.98 -53.59
C ASN C 505 5.82 -3.88 -53.12
N LEU C 506 5.72 -5.16 -53.47
CA LEU C 506 6.80 -6.09 -53.19
C LEU C 506 7.85 -6.00 -54.29
N TYR C 507 9.11 -5.93 -53.87
CA TYR C 507 10.21 -5.78 -54.82
C TYR C 507 10.34 -6.99 -55.74
N PRO C 508 10.51 -6.74 -57.04
CA PRO C 508 10.43 -5.41 -57.65
C PRO C 508 9.09 -5.13 -58.34
N LYS C 509 8.53 -3.95 -58.11
CA LYS C 509 7.29 -3.51 -58.76
C LYS C 509 6.14 -4.51 -58.78
N LYS C 510 6.03 -5.34 -57.75
CA LYS C 510 4.92 -6.28 -57.69
C LYS C 510 3.91 -5.91 -56.60
N PRO C 511 2.62 -5.84 -56.98
CA PRO C 511 1.54 -5.49 -56.05
C PRO C 511 1.39 -6.52 -54.93
N LYS C 512 1.31 -6.03 -53.70
CA LYS C 512 1.21 -6.90 -52.54
C LYS C 512 -0.13 -7.64 -52.47
N ASP C 513 -1.18 -7.04 -53.00
CA ASP C 513 -2.52 -7.59 -52.83
C ASP C 513 -2.86 -8.65 -53.87
N GLU C 514 -1.88 -8.97 -54.72
CA GLU C 514 -2.04 -10.03 -55.70
C GLU C 514 -1.21 -11.24 -55.29
N ALA C 515 0.01 -10.98 -54.85
CA ALA C 515 0.95 -12.02 -54.50
C ALA C 515 0.76 -12.49 -53.05
N PHE C 516 -0.25 -11.96 -52.39
CA PHE C 516 -0.52 -12.32 -51.00
C PHE C 516 -2.01 -12.63 -50.75
N ARG C 517 -2.78 -12.77 -51.83
CA ARG C 517 -4.22 -12.98 -51.71
C ARG C 517 -4.54 -14.34 -51.08
N SER C 518 -3.67 -15.31 -51.30
CA SER C 518 -3.86 -16.67 -50.80
C SER C 518 -3.49 -16.83 -49.34
N HIS C 519 -2.54 -16.02 -48.89
CA HIS C 519 -2.09 -16.14 -47.52
C HIS C 519 -3.02 -15.41 -46.58
N TYR C 520 -3.69 -14.39 -47.10
CA TYR C 520 -4.69 -13.67 -46.34
C TYR C 520 -5.83 -14.63 -45.93
N LYS C 521 -6.40 -14.44 -44.75
CA LYS C 521 -7.58 -15.20 -44.33
C LYS C 521 -8.83 -14.35 -44.35
N PRO C 522 -9.93 -14.90 -44.89
CA PRO C 522 -11.21 -14.21 -45.07
C PRO C 522 -11.84 -13.79 -43.75
N GLU C 523 -12.34 -12.56 -43.66
CA GLU C 523 -12.91 -12.10 -42.41
C GLU C 523 -14.23 -12.81 -42.03
N GLN C 524 -14.33 -13.17 -40.76
CA GLN C 524 -15.53 -13.78 -40.19
C GLN C 524 -16.41 -12.79 -39.43
N MET C 525 -16.89 -11.73 -40.09
CA MET C 525 -17.68 -10.75 -39.36
C MET C 525 -19.06 -11.29 -39.05
N GLY C 526 -19.62 -10.84 -37.93
CA GLY C 526 -20.90 -11.32 -37.46
C GLY C 526 -20.82 -11.93 -36.08
N GLY C 529 -20.87 -13.91 -33.70
CA GLY C 529 -22.01 -14.80 -33.72
C GLY C 529 -21.59 -16.25 -33.54
N ARG C 530 -22.14 -16.93 -32.53
CA ARG C 530 -23.27 -16.44 -31.75
C ARG C 530 -23.07 -16.55 -30.25
N GLY C 531 -23.38 -15.45 -29.54
CA GLY C 531 -23.90 -14.26 -30.19
C GLY C 531 -22.96 -13.08 -30.08
N VAL C 533 -19.81 -10.50 -31.37
CA VAL C 533 -19.04 -9.92 -32.46
C VAL C 533 -17.56 -10.28 -32.25
N PRO C 534 -16.89 -10.75 -33.30
CA PRO C 534 -15.49 -11.17 -33.14
C PRO C 534 -14.52 -10.00 -33.06
N ALA C 535 -13.51 -10.14 -32.20
CA ALA C 535 -12.45 -9.16 -32.08
C ALA C 535 -11.17 -9.70 -32.69
N THR C 536 -10.60 -8.95 -33.63
CA THR C 536 -9.41 -9.40 -34.32
C THR C 536 -8.23 -8.53 -33.88
N ILE C 537 -7.02 -9.05 -34.04
CA ILE C 537 -5.82 -8.31 -33.69
C ILE C 537 -5.08 -7.86 -34.94
N LYS C 538 -4.62 -6.61 -34.95
CA LYS C 538 -3.87 -6.10 -36.09
C LYS C 538 -2.51 -5.56 -35.67
N MET C 539 -1.54 -5.69 -36.57
CA MET C 539 -0.21 -5.13 -36.35
C MET C 539 -0.15 -3.70 -36.89
N THR C 540 0.49 -2.82 -36.14
CA THR C 540 0.71 -1.45 -36.59
C THR C 540 2.07 -0.94 -36.15
N VAL C 541 2.69 -0.13 -36.99
CA VAL C 541 3.98 0.46 -36.65
C VAL C 541 4.11 1.89 -37.20
N GLU C 542 4.63 2.79 -36.37
CA GLU C 542 4.94 4.17 -36.77
C GLU C 542 5.61 4.91 -35.62
N LYS H 20 -33.32 47.64 61.89
CA LYS H 20 -34.02 46.36 61.96
C LYS H 20 -35.52 46.56 62.23
N PHE H 21 -35.86 47.66 62.90
CA PHE H 21 -37.24 47.90 63.32
C PHE H 21 -38.00 48.77 62.31
N LYS H 22 -39.03 48.18 61.72
CA LYS H 22 -39.91 48.91 60.80
C LYS H 22 -41.02 49.60 61.59
N THR H 23 -41.03 49.39 62.90
CA THR H 23 -42.04 49.95 63.78
C THR H 23 -42.19 51.48 63.62
N GLY H 24 -41.08 52.17 63.39
CA GLY H 24 -41.12 53.61 63.13
C GLY H 24 -41.94 53.94 61.90
N LEU H 25 -41.95 53.03 60.95
CA LEU H 25 -42.74 53.21 59.74
C LEU H 25 -44.20 53.09 60.11
N ARG H 26 -44.48 52.23 61.07
CA ARG H 26 -45.85 51.94 61.48
C ARG H 26 -46.29 53.11 62.35
N ARG H 27 -45.33 53.92 62.75
CA ARG H 27 -45.61 55.20 63.38
C ARG H 27 -45.95 56.22 62.30
N LEU H 28 -45.21 56.18 61.19
CA LEU H 28 -45.41 57.13 60.10
C LEU H 28 -46.77 57.02 59.38
N GLN H 29 -47.16 55.80 59.02
CA GLN H 29 -48.39 55.64 58.24
C GLN H 29 -49.59 55.92 59.11
N HIS H 30 -49.44 55.59 60.39
CA HIS H 30 -50.48 55.87 61.35
C HIS H 30 -50.62 57.37 61.55
N ARG H 31 -49.50 58.09 61.52
CA ARG H 31 -49.55 59.54 61.61
C ARG H 31 -50.28 60.10 60.39
N VAL H 32 -50.08 59.43 59.26
CA VAL H 32 -50.80 59.76 58.04
C VAL H 32 -52.31 59.57 58.28
N GLY H 33 -52.65 58.48 58.98
CA GLY H 33 -54.03 58.23 59.37
C GLY H 33 -54.60 59.39 60.17
N GLU H 34 -53.81 59.87 61.13
CA GLU H 34 -54.25 60.98 61.98
C GLU H 34 -54.55 62.21 61.13
N ILE H 35 -53.63 62.52 60.21
CA ILE H 35 -53.83 63.65 59.32
C ILE H 35 -55.10 63.49 58.48
N HIS H 36 -55.31 62.29 57.97
CA HIS H 36 -56.50 61.98 57.16
C HIS H 36 -57.79 62.25 57.93
N LEU H 37 -57.90 61.68 59.13
CA LEU H 37 -59.10 61.86 59.93
C LEU H 37 -59.29 63.33 60.33
N LEU H 38 -58.18 63.99 60.65
CA LEU H 38 -58.22 65.41 61.01
C LEU H 38 -58.75 66.25 59.86
N ARG H 39 -58.33 65.92 58.64
CA ARG H 39 -58.82 66.60 57.46
C ARG H 39 -60.31 66.39 57.31
N GLU H 40 -60.74 65.14 57.50
CA GLU H 40 -62.16 64.82 57.36
C GLU H 40 -63.00 65.34 58.52
N ALA H 41 -62.34 65.90 59.53
CA ALA H 41 -63.05 66.54 60.63
C ALA H 41 -63.56 67.94 60.22
N LEU H 42 -62.72 68.66 59.49
CA LEU H 42 -63.03 70.00 59.00
C LEU H 42 -63.92 70.02 57.76
N GLN H 43 -64.76 69.00 57.60
CA GLN H 43 -65.63 68.93 56.42
C GLN H 43 -66.95 69.70 56.60
N LYS H 44 -67.21 70.18 57.82
CA LYS H 44 -68.42 70.92 58.19
C LYS H 44 -69.62 70.80 57.25
N GLU H 68 -56.09 77.91 57.72
CA GLU H 68 -56.98 78.13 58.85
C GLU H 68 -56.45 77.50 60.13
N ALA H 69 -56.36 76.17 60.12
CA ALA H 69 -56.02 75.42 61.31
C ALA H 69 -54.67 74.72 61.21
N LEU H 70 -54.30 74.07 62.31
CA LEU H 70 -53.07 73.30 62.39
C LEU H 70 -53.43 71.89 62.85
N ALA H 71 -53.31 70.84 62.01
CA ALA H 71 -52.66 70.78 60.70
C ALA H 71 -51.23 71.30 60.72
N MET H 72 -50.59 71.15 61.88
CA MET H 72 -49.16 71.39 61.99
C MET H 72 -48.48 70.03 61.92
N LEU H 73 -49.31 69.00 61.94
CA LEU H 73 -48.88 67.62 61.94
C LEU H 73 -48.22 67.25 60.63
N LEU H 74 -48.56 67.98 59.57
CA LEU H 74 -47.95 67.70 58.27
C LEU H 74 -46.45 68.01 58.33
N GLN H 75 -46.10 69.10 59.01
CA GLN H 75 -44.70 69.49 59.16
C GLN H 75 -43.96 68.44 59.97
N GLU H 76 -44.62 68.02 61.05
CA GLU H 76 -44.13 67.01 61.99
C GLU H 76 -43.80 65.71 61.25
N THR H 77 -44.84 65.19 60.60
CA THR H 77 -44.79 63.92 59.90
C THR H 77 -43.76 63.95 58.77
N THR H 78 -43.71 65.07 58.05
CA THR H 78 -42.73 65.25 56.99
C THR H 78 -41.32 65.18 57.58
N GLY H 79 -41.13 65.79 58.76
CA GLY H 79 -39.84 65.74 59.41
C GLY H 79 -39.42 64.31 59.74
N GLU H 80 -40.36 63.52 60.22
CA GLU H 80 -40.02 62.12 60.55
C GLU H 80 -39.78 61.32 59.27
N LEU H 81 -40.39 61.78 58.17
CA LEU H 81 -40.16 61.18 56.87
C LEU H 81 -38.73 61.44 56.43
N GLU H 82 -38.26 62.67 56.60
CA GLU H 82 -36.88 62.99 56.25
C GLU H 82 -35.90 62.21 57.13
N ALA H 83 -36.29 61.96 58.37
CA ALA H 83 -35.48 61.08 59.23
C ALA H 83 -35.35 59.69 58.61
N ALA H 84 -36.50 59.09 58.31
CA ALA H 84 -36.52 57.75 57.73
C ALA H 84 -35.70 57.67 56.45
N LYS H 85 -35.91 58.66 55.58
CA LYS H 85 -35.21 58.74 54.30
C LYS H 85 -33.69 58.80 54.50
N ALA H 86 -33.25 59.65 55.42
CA ALA H 86 -31.82 59.76 55.67
C ALA H 86 -31.24 58.42 56.12
N LEU H 87 -31.97 57.76 57.00
CA LEU H 87 -31.51 56.47 57.53
C LEU H 87 -31.37 55.44 56.41
N VAL H 88 -32.40 55.32 55.57
CA VAL H 88 -32.37 54.35 54.48
C VAL H 88 -31.25 54.71 53.49
N LEU H 89 -30.98 56.01 53.34
CA LEU H 89 -29.93 56.44 52.43
C LEU H 89 -28.58 55.96 52.92
N LYS H 90 -28.36 56.06 54.23
CA LYS H 90 -27.04 55.70 54.74
C LYS H 90 -26.91 54.19 54.78
N ARG H 91 -28.05 53.49 54.90
CA ARG H 91 -28.00 52.04 54.88
C ARG H 91 -27.70 51.57 53.47
N ILE H 92 -28.14 52.35 52.49
CA ILE H 92 -27.78 52.12 51.10
C ILE H 92 -26.28 52.27 50.94
N GLN H 93 -25.73 53.33 51.52
CA GLN H 93 -24.30 53.56 51.43
C GLN H 93 -23.50 52.43 52.08
N ILE H 94 -24.09 51.85 53.13
CA ILE H 94 -23.52 50.67 53.77
C ILE H 94 -23.50 49.49 52.80
N TRP H 95 -24.62 49.27 52.13
CA TRP H 95 -24.70 48.20 51.14
C TRP H 95 -23.61 48.39 50.09
N LYS H 96 -23.41 49.63 49.66
CA LYS H 96 -22.39 49.94 48.67
C LYS H 96 -20.98 49.60 49.16
N ARG H 97 -20.66 49.91 50.41
CA ARG H 97 -19.31 49.61 50.84
C ARG H 97 -19.15 48.10 51.03
N GLN H 98 -20.23 47.43 51.43
CA GLN H 98 -20.19 45.98 51.55
C GLN H 98 -19.90 45.37 50.18
N GLN H 99 -20.50 45.95 49.14
CA GLN H 99 -20.25 45.53 47.78
C GLN H 99 -18.78 45.75 47.44
N GLN H 100 -18.24 46.87 47.90
CA GLN H 100 -16.83 47.19 47.67
C GLN H 100 -15.92 46.11 48.25
N LEU H 101 -16.19 45.76 49.50
CA LEU H 101 -15.39 44.76 50.21
C LEU H 101 -15.57 43.36 49.62
N ALA H 102 -16.73 43.11 49.03
CA ALA H 102 -17.01 41.81 48.44
C ALA H 102 -16.03 41.44 47.34
N GLY H 103 -15.55 42.45 46.60
CA GLY H 103 -14.61 42.24 45.51
C GLY H 103 -13.27 41.65 45.92
N ASN H 104 -12.86 41.91 47.17
CA ASN H 104 -11.60 41.40 47.66
C ASN H 104 -11.75 40.03 48.30
N GLY H 105 -13.00 39.65 48.56
CA GLY H 105 -13.23 38.40 49.25
C GLY H 105 -13.70 38.68 50.67
N ALA H 106 -14.94 39.13 50.79
CA ALA H 106 -15.56 39.37 52.08
C ALA H 106 -17.06 39.13 51.96
N PRO H 107 -17.73 38.85 53.09
CA PRO H 107 -19.18 38.58 53.01
C PRO H 107 -19.99 39.73 52.42
N PHE H 108 -21.09 39.38 51.76
CA PHE H 108 -22.00 40.34 51.15
C PHE H 108 -23.45 39.92 51.42
N GLU H 109 -24.36 40.90 51.45
CA GLU H 109 -25.78 40.65 51.73
C GLU H 109 -26.43 39.46 51.00
N GLU H 110 -26.45 39.37 49.66
CA GLU H 110 -26.04 40.37 48.68
C GLU H 110 -27.25 41.19 48.25
N SER H 111 -28.44 40.68 48.55
CA SER H 111 -29.69 41.15 47.97
C SER H 111 -30.09 42.57 48.36
N LEU H 112 -30.76 43.25 47.44
CA LEU H 112 -31.28 44.60 47.65
C LEU H 112 -32.78 44.63 47.91
N ALA H 113 -33.44 43.48 47.89
CA ALA H 113 -34.89 43.41 48.05
C ALA H 113 -35.42 44.10 49.33
N PRO H 114 -34.73 43.93 50.48
CA PRO H 114 -35.18 44.67 51.67
C PRO H 114 -35.08 46.19 51.49
N LEU H 115 -33.94 46.66 50.98
CA LEU H 115 -33.75 48.09 50.72
C LEU H 115 -34.87 48.60 49.82
N GLN H 116 -35.22 47.81 48.81
CA GLN H 116 -36.27 48.17 47.87
C GLN H 116 -37.62 48.26 48.57
N GLU H 117 -37.89 47.32 49.46
CA GLU H 117 -39.15 47.32 50.19
C GLU H 117 -39.26 48.55 51.09
N ARG H 118 -38.16 48.89 51.76
CA ARG H 118 -38.13 50.07 52.62
C ARG H 118 -38.39 51.34 51.82
N CYS H 119 -37.67 51.50 50.71
CA CYS H 119 -37.81 52.69 49.89
C CYS H 119 -39.23 52.78 49.33
N GLU H 120 -39.78 51.62 48.95
CA GLU H 120 -41.15 51.56 48.46
C GLU H 120 -42.14 52.05 49.50
N SER H 121 -41.96 51.60 50.74
CA SER H 121 -42.87 52.02 51.81
C SER H 121 -42.77 53.53 52.07
N LEU H 122 -41.54 54.04 52.04
CA LEU H 122 -41.33 55.47 52.27
C LEU H 122 -42.00 56.28 51.17
N VAL H 123 -41.88 55.81 49.93
CA VAL H 123 -42.52 56.50 48.81
C VAL H 123 -44.04 56.39 48.91
N ASP H 124 -44.53 55.30 49.48
CA ASP H 124 -45.96 55.15 49.73
C ASP H 124 -46.49 56.22 50.67
N ILE H 125 -45.86 56.34 51.85
CA ILE H 125 -46.30 57.33 52.82
C ILE H 125 -46.15 58.74 52.23
N TYR H 126 -45.08 58.94 51.46
CA TYR H 126 -44.90 60.21 50.76
C TYR H 126 -46.12 60.50 49.88
N SER H 127 -46.54 59.50 49.12
CA SER H 127 -47.64 59.64 48.19
C SER H 127 -48.92 60.05 48.91
N GLN H 128 -49.26 59.35 49.99
CA GLN H 128 -50.49 59.71 50.72
C GLN H 128 -50.38 61.08 51.39
N LEU H 129 -49.18 61.47 51.81
CA LEU H 129 -48.99 62.83 52.35
C LEU H 129 -49.26 63.90 51.30
N GLN H 130 -48.60 63.77 50.17
CA GLN H 130 -48.73 64.71 49.06
C GLN H 130 -50.19 64.79 48.60
N GLN H 131 -50.84 63.64 48.59
CA GLN H 131 -52.26 63.54 48.25
C GLN H 131 -53.11 64.28 49.28
N GLU H 132 -52.70 64.19 50.54
CA GLU H 132 -53.44 64.81 51.63
C GLU H 132 -53.23 66.34 51.65
N VAL H 133 -52.21 66.80 50.94
CA VAL H 133 -51.88 68.24 50.87
C VAL H 133 -53.02 69.03 50.21
N GLY H 134 -53.79 68.26 49.45
CA GLY H 134 -54.96 68.69 48.71
C GLY H 134 -56.13 68.95 49.63
N ALA H 135 -56.08 70.11 50.27
CA ALA H 135 -57.13 70.54 51.17
C ALA H 135 -57.27 72.06 51.21
N ALA H 136 -58.45 72.53 51.54
CA ALA H 136 -58.72 73.95 51.72
C ALA H 136 -57.96 74.45 52.97
N GLY H 137 -57.92 73.61 53.99
CA GLY H 137 -57.24 73.93 55.23
C GLY H 137 -55.91 74.60 54.97
N THR H 144 -51.91 77.14 52.86
CA THR H 144 -51.15 77.10 51.61
C THR H 144 -49.64 77.22 51.84
N ARG H 145 -49.01 76.07 52.11
CA ARG H 145 -47.58 75.98 52.39
C ARG H 145 -46.79 75.50 51.18
N ALA H 146 -45.92 76.36 50.65
CA ALA H 146 -45.06 75.96 49.55
C ALA H 146 -44.08 74.92 50.06
N SER H 147 -43.78 75.01 51.36
CA SER H 147 -42.82 74.11 52.00
C SER H 147 -43.27 72.64 52.00
N LEU H 148 -44.57 72.40 52.17
CA LEU H 148 -45.07 71.02 52.15
C LEU H 148 -44.75 70.28 50.85
N THR H 149 -45.22 70.85 49.73
CA THR H 149 -45.00 70.24 48.43
C THR H 149 -43.52 70.30 48.04
N GLY H 150 -42.89 71.43 48.34
CA GLY H 150 -41.50 71.63 47.99
C GLY H 150 -40.54 70.69 48.68
N ARG H 151 -40.79 70.44 49.96
CA ARG H 151 -39.95 69.56 50.76
C ARG H 151 -40.24 68.12 50.39
N LEU H 152 -41.52 67.81 50.18
CA LEU H 152 -41.92 66.46 49.80
C LEU H 152 -41.27 66.07 48.48
N ASP H 153 -41.19 67.02 47.55
CA ASP H 153 -40.59 66.77 46.25
C ASP H 153 -39.10 66.55 46.33
N GLU H 154 -38.44 67.17 47.31
CA GLU H 154 -37.00 66.98 47.45
C GLU H 154 -36.73 65.66 48.16
N VAL H 155 -37.65 65.25 49.05
CA VAL H 155 -37.59 63.93 49.67
C VAL H 155 -37.70 62.86 48.59
N LEU H 156 -38.67 63.05 47.71
CA LEU H 156 -38.92 62.13 46.61
C LEU H 156 -37.71 62.07 45.70
N ARG H 157 -37.17 63.24 45.37
CA ARG H 157 -36.11 63.32 44.37
C ARG H 157 -34.81 62.72 44.89
N THR H 158 -34.49 62.98 46.15
CA THR H 158 -33.29 62.39 46.74
C THR H 158 -33.44 60.88 46.89
N LEU H 159 -34.63 60.43 47.25
CA LEU H 159 -34.89 58.99 47.36
C LEU H 159 -34.71 58.31 46.01
N VAL H 160 -35.31 58.91 44.98
CA VAL H 160 -35.24 58.37 43.62
C VAL H 160 -33.80 58.33 43.11
N THR H 161 -33.12 59.47 43.17
CA THR H 161 -31.75 59.57 42.68
C THR H 161 -30.79 58.67 43.43
N SER H 162 -31.09 58.40 44.70
CA SER H 162 -30.22 57.51 45.47
C SER H 162 -30.63 56.05 45.31
N CYS H 163 -31.80 55.82 44.70
CA CYS H 163 -32.25 54.46 44.43
C CYS H 163 -31.68 53.92 43.13
N PHE H 164 -30.76 54.68 42.55
CA PHE H 164 -30.13 54.30 41.28
C PHE H 164 -28.76 53.69 41.58
N LEU H 165 -28.67 52.37 41.54
CA LEU H 165 -27.48 51.65 41.98
C LEU H 165 -26.90 50.76 40.89
N VAL H 166 -25.61 50.44 41.04
CA VAL H 166 -24.96 49.44 40.21
C VAL H 166 -25.00 48.10 40.93
N GLU H 167 -26.03 47.30 40.66
CA GLU H 167 -26.21 46.04 41.37
C GLU H 167 -25.11 45.07 40.99
N LYS H 168 -24.91 44.87 39.70
CA LYS H 168 -23.83 44.04 39.21
C LYS H 168 -22.68 44.93 38.74
N GLN H 169 -21.54 44.84 39.41
CA GLN H 169 -20.40 45.69 39.05
C GLN H 169 -19.66 45.11 37.85
N PRO H 170 -19.13 46.00 37.00
CA PRO H 170 -18.25 45.57 35.90
C PRO H 170 -16.95 45.03 36.45
N PRO H 171 -16.16 44.33 35.62
CA PRO H 171 -14.87 43.85 36.09
C PRO H 171 -13.96 44.99 36.57
N GLN H 172 -13.40 44.84 37.77
CA GLN H 172 -12.57 45.89 38.34
C GLN H 172 -11.19 45.87 37.70
N VAL H 173 -10.88 44.78 37.04
CA VAL H 173 -9.75 44.74 36.13
C VAL H 173 -10.32 44.47 34.75
N LEU H 174 -10.14 45.43 33.84
CA LEU H 174 -10.86 45.38 32.57
C LEU H 174 -9.92 45.42 31.38
N LYS H 175 -10.04 44.44 30.51
CA LYS H 175 -9.22 44.39 29.30
C LYS H 175 -9.95 45.00 28.12
N THR H 176 -9.24 45.84 27.38
CA THR H 176 -9.76 46.45 26.18
C THR H 176 -10.02 45.37 25.13
N GLN H 177 -10.97 45.64 24.23
CA GLN H 177 -11.37 44.70 23.19
C GLN H 177 -11.73 43.31 23.72
N THR H 178 -12.37 43.29 24.89
CA THR H 178 -12.97 42.08 25.44
C THR H 178 -14.34 42.41 26.04
N LYS H 179 -15.29 41.49 25.92
CA LYS H 179 -16.66 41.79 26.31
C LYS H 179 -16.94 41.44 27.77
N PHE H 180 -17.61 42.38 28.44
CA PHE H 180 -17.94 42.28 29.86
C PHE H 180 -19.36 42.76 30.09
N GLN H 181 -19.88 42.49 31.27
CA GLN H 181 -21.24 42.92 31.58
C GLN H 181 -21.35 43.72 32.88
N ALA H 182 -22.38 44.54 32.96
CA ALA H 182 -22.68 45.34 34.14
C ALA H 182 -24.19 45.44 34.32
N GLY H 183 -24.63 45.63 35.56
CA GLY H 183 -26.05 45.69 35.85
C GLY H 183 -26.42 46.80 36.80
N VAL H 184 -27.42 47.60 36.40
CA VAL H 184 -27.86 48.74 37.19
C VAL H 184 -29.30 48.50 37.66
N ARG H 185 -29.60 48.94 38.89
CA ARG H 185 -30.90 48.67 39.49
C ARG H 185 -31.56 49.92 40.06
N PHE H 186 -32.87 50.04 39.82
CA PHE H 186 -33.68 51.10 40.37
C PHE H 186 -34.68 50.51 41.36
N LEU H 187 -34.61 50.95 42.61
CA LEU H 187 -35.42 50.34 43.66
C LEU H 187 -36.86 50.84 43.63
N LEU H 188 -37.05 52.10 43.26
CA LEU H 188 -38.39 52.68 43.23
C LEU H 188 -39.06 52.50 41.87
N GLY H 189 -38.63 51.48 41.14
CA GLY H 189 -39.14 51.23 39.81
C GLY H 189 -40.58 50.76 39.74
N LEU H 190 -40.99 49.92 40.68
CA LEU H 190 -42.36 49.41 40.68
C LEU H 190 -43.34 50.33 41.42
N ARG H 191 -42.81 51.41 41.99
CA ARG H 191 -43.65 52.45 42.59
C ARG H 191 -44.08 53.46 41.53
N PHE H 192 -43.27 53.57 40.48
CA PHE H 192 -43.66 54.34 39.31
C PHE H 192 -44.04 53.24 38.34
N LEU H 193 -45.36 53.11 38.14
CA LEU H 193 -46.02 51.80 38.13
C LEU H 193 -46.10 50.85 36.90
N GLY H 194 -45.64 51.21 35.70
CA GLY H 194 -45.17 52.51 35.32
C GLY H 194 -46.36 53.38 34.99
N ALA H 195 -46.34 54.61 35.49
CA ALA H 195 -47.37 55.58 35.15
C ALA H 195 -47.08 56.15 33.75
N PRO H 196 -45.81 56.52 33.46
CA PRO H 196 -45.62 56.84 32.04
C PRO H 196 -45.64 55.57 31.20
N ALA H 197 -45.14 54.47 31.77
CA ALA H 197 -45.09 53.16 31.12
C ALA H 197 -44.17 53.15 29.91
N LYS H 198 -43.31 54.16 29.84
CA LYS H 198 -42.36 54.27 28.75
C LYS H 198 -40.97 54.32 29.37
N PRO H 199 -40.15 53.32 29.05
CA PRO H 199 -38.85 53.12 29.70
C PRO H 199 -37.81 54.19 29.39
N PRO H 200 -37.14 54.68 30.45
CA PRO H 200 -36.00 55.58 30.26
C PRO H 200 -34.82 54.78 29.74
N LEU H 201 -33.83 55.43 29.15
CA LEU H 201 -32.68 54.72 28.61
C LEU H 201 -31.42 55.05 29.39
N VAL H 202 -30.70 54.02 29.84
CA VAL H 202 -29.46 54.26 30.57
C VAL H 202 -28.27 54.03 29.64
N ARG H 203 -27.42 55.06 29.58
CA ARG H 203 -26.22 55.09 28.76
C ARG H 203 -25.01 54.86 29.67
N ALA H 204 -24.04 54.09 29.20
CA ALA H 204 -22.84 53.83 30.00
C ALA H 204 -21.63 54.43 29.30
N ASP H 205 -20.89 55.28 30.00
CA ASP H 205 -19.73 55.93 29.40
C ASP H 205 -18.51 55.85 30.32
N MET H 206 -17.33 55.64 29.74
CA MET H 206 -16.11 55.55 30.51
C MET H 206 -15.65 56.93 30.96
N VAL H 207 -15.22 57.03 32.21
CA VAL H 207 -14.74 58.31 32.75
C VAL H 207 -13.45 58.15 33.55
N THR H 208 -12.60 59.16 33.46
CA THR H 208 -11.36 59.20 34.23
C THR H 208 -11.66 59.55 35.68
N GLU H 209 -10.65 59.44 36.53
CA GLU H 209 -10.79 59.81 37.93
C GLU H 209 -11.13 61.30 38.08
N LYS H 210 -10.60 62.13 37.18
CA LYS H 210 -10.85 63.56 37.21
C LYS H 210 -12.33 63.85 36.94
N GLN H 211 -12.85 63.25 35.87
CA GLN H 211 -14.24 63.43 35.49
C GLN H 211 -15.18 62.82 36.52
N ALA H 212 -14.64 61.90 37.31
CA ALA H 212 -15.39 61.31 38.42
C ALA H 212 -15.62 62.35 39.52
N ARG H 213 -14.74 63.35 39.58
CA ARG H 213 -14.84 64.40 40.59
C ARG H 213 -15.78 65.53 40.20
N GLU H 214 -17.08 65.30 40.34
CA GLU H 214 -18.11 66.29 40.06
C GLU H 214 -19.19 66.27 41.15
N THR H 228 -10.44 60.15 26.99
CA THR H 228 -11.81 59.75 27.30
C THR H 228 -11.97 58.23 27.23
N GLY H 229 -11.88 57.70 26.01
CA GLY H 229 -12.04 56.28 25.76
C GLY H 229 -13.48 56.02 25.40
N GLU H 230 -13.74 55.04 24.53
CA GLU H 230 -15.12 54.85 24.09
C GLU H 230 -15.63 53.42 24.30
N ILE H 231 -16.91 53.27 24.64
CA ILE H 231 -17.50 51.96 24.87
C ILE H 231 -18.62 51.73 23.85
N ILE H 232 -18.85 50.48 23.46
CA ILE H 232 -19.90 50.16 22.48
C ILE H 232 -21.04 49.33 23.06
N ASN H 233 -22.22 49.48 22.48
CA ASN H 233 -23.48 48.99 23.00
C ASN H 233 -23.69 49.51 24.41
N ASN H 234 -23.70 50.83 24.52
CA ASN H 234 -23.76 51.51 25.79
C ASN H 234 -25.18 51.89 26.21
N THR H 235 -26.13 51.80 25.27
CA THR H 235 -27.52 52.14 25.57
C THR H 235 -28.36 50.91 25.88
N VAL H 236 -29.00 50.90 27.05
CA VAL H 236 -29.91 49.83 27.42
C VAL H 236 -31.12 50.39 28.16
N PRO H 237 -32.33 49.94 27.79
CA PRO H 237 -33.53 50.44 28.47
C PRO H 237 -33.66 49.91 29.89
N LEU H 238 -34.04 50.79 30.82
CA LEU H 238 -34.26 50.40 32.21
C LEU H 238 -35.66 49.85 32.35
N GLU H 239 -35.77 48.53 32.54
CA GLU H 239 -37.08 47.89 32.46
C GLU H 239 -37.59 47.33 33.78
N ASN H 240 -38.91 47.44 33.94
CA ASN H 240 -39.64 46.83 35.04
C ASN H 240 -39.99 45.37 34.75
N SER H 241 -39.70 44.51 35.73
CA SER H 241 -40.10 43.12 35.68
C SER H 241 -41.03 42.85 36.85
N ILE H 242 -42.30 42.63 36.53
CA ILE H 242 -43.32 42.36 37.53
C ILE H 242 -43.05 41.04 38.24
N PRO H 243 -42.75 39.96 37.48
CA PRO H 243 -42.19 38.83 38.22
C PRO H 243 -40.74 39.12 38.57
N GLY H 244 -40.24 38.59 39.67
CA GLY H 244 -38.90 38.90 40.11
C GLY H 244 -38.87 40.23 40.86
N ASN H 245 -39.94 41.01 40.72
CA ASN H 245 -40.14 42.26 41.46
C ASN H 245 -38.95 43.21 41.31
N CYS H 246 -38.50 43.47 40.08
CA CYS H 246 -37.29 44.27 39.95
C CYS H 246 -37.29 45.26 38.80
N CYS H 247 -36.65 46.41 39.01
CA CYS H 247 -36.52 47.41 37.95
C CYS H 247 -35.08 47.56 37.50
N SER H 248 -34.65 46.69 36.60
CA SER H 248 -33.23 46.65 36.27
C SER H 248 -32.91 46.94 34.80
N ALA H 249 -31.66 47.27 34.55
CA ALA H 249 -31.10 47.34 33.20
C ALA H 249 -29.77 46.59 33.17
N LEU H 250 -29.68 45.56 32.33
CA LEU H 250 -28.46 44.76 32.26
C LEU H 250 -27.75 44.92 30.92
N PHE H 251 -26.55 45.49 30.99
CA PHE H 251 -25.66 45.57 29.83
C PHE H 251 -24.88 44.26 29.76
N LYS H 252 -25.14 43.45 28.75
CA LYS H 252 -24.53 42.13 28.68
C LYS H 252 -23.58 42.00 27.50
N ASN H 253 -23.54 43.03 26.65
CA ASN H 253 -22.58 43.04 25.54
C ASN H 253 -21.83 44.36 25.46
N LEU H 254 -21.01 44.62 26.47
CA LEU H 254 -20.18 45.82 26.49
C LEU H 254 -18.79 45.52 25.95
N LEU H 255 -18.18 46.52 25.33
CA LEU H 255 -16.85 46.37 24.75
C LEU H 255 -16.18 47.74 24.71
N LEU H 256 -14.91 47.77 25.10
CA LEU H 256 -14.15 49.02 25.07
C LEU H 256 -13.25 49.07 23.83
N LYS H 257 -13.54 50.01 22.94
CA LYS H 257 -12.80 50.13 21.68
C LYS H 257 -11.44 50.74 21.91
N LYS H 258 -11.39 51.87 22.60
CA LYS H 258 -10.12 52.54 22.85
C LYS H 258 -10.20 53.41 24.08
N ILE H 259 -9.06 53.61 24.74
CA ILE H 259 -9.02 54.45 25.93
C ILE H 259 -7.87 55.45 25.97
N LYS H 260 -8.10 56.60 26.60
CA LYS H 260 -7.07 57.61 26.75
C LYS H 260 -6.43 57.32 28.09
N ARG H 261 -5.15 56.99 28.04
CA ARG H 261 -4.33 56.66 29.21
C ARG H 261 -4.02 57.74 30.25
N CYS H 262 -3.83 58.97 29.83
CA CYS H 262 -3.54 60.06 30.76
C CYS H 262 -2.43 59.76 31.76
N SER H 269 2.68 52.21 36.54
CA SER H 269 2.01 53.44 36.88
C SER H 269 0.79 53.51 35.98
N VAL H 270 0.81 52.66 34.98
CA VAL H 270 -0.29 52.50 34.05
C VAL H 270 -1.42 51.78 34.73
N THR H 271 -1.04 50.86 35.59
CA THR H 271 -1.96 49.99 36.28
C THR H 271 -2.37 50.60 37.58
N GLU H 272 -2.22 51.91 37.67
CA GLU H 272 -2.63 52.62 38.85
C GLU H 272 -3.71 53.63 38.57
N GLU H 273 -4.00 53.86 37.30
CA GLU H 273 -5.00 54.83 36.95
C GLU H 273 -6.37 54.21 37.05
N LYS H 274 -7.08 54.93 38.03
CA LYS H 274 -8.43 54.49 38.33
C LYS H 274 -9.48 55.18 37.44
N CYS H 275 -10.26 54.36 36.75
CA CYS H 275 -11.33 54.85 35.89
C CYS H 275 -12.65 54.26 36.38
N ALA H 276 -13.75 54.73 35.82
CA ALA H 276 -15.06 54.19 36.21
C ALA H 276 -16.07 54.23 35.08
N VAL H 277 -17.11 53.42 35.19
CA VAL H 277 -18.20 53.47 34.24
C VAL H 277 -19.32 54.33 34.84
N LEU H 278 -19.82 55.26 34.04
CA LEU H 278 -20.88 56.16 34.47
C LEU H 278 -22.18 55.81 33.77
N PHE H 279 -23.21 55.50 34.57
CA PHE H 279 -24.51 55.14 34.06
C PHE H 279 -25.46 56.32 34.20
N SER H 280 -25.86 56.90 33.08
CA SER H 280 -26.70 58.10 33.08
C SER H 280 -28.05 57.79 32.47
N ALA H 281 -29.09 58.43 32.99
CA ALA H 281 -30.44 58.23 32.50
C ALA H 281 -31.29 59.49 32.71
N SER H 282 -32.43 59.56 32.06
CA SER H 282 -33.35 60.66 32.31
C SER H 282 -34.70 60.12 32.76
N PHE H 283 -35.32 60.80 33.72
CA PHE H 283 -36.56 60.33 34.31
C PHE H 283 -37.63 61.40 34.27
N THR H 284 -38.76 61.05 33.64
CA THR H 284 -39.85 61.99 33.44
C THR H 284 -40.93 61.93 34.52
N LEU H 285 -41.39 63.10 34.96
CA LEU H 285 -42.50 63.19 35.89
C LEU H 285 -43.14 64.56 35.72
N GLY H 286 -44.47 64.59 35.71
CA GLY H 286 -45.20 65.83 35.49
C GLY H 286 -45.05 66.33 34.07
N PRO H 291 -38.33 66.13 34.87
CA PRO H 291 -36.96 66.22 34.35
C PRO H 291 -35.88 65.94 35.41
N ILE H 292 -35.67 64.67 35.75
CA ILE H 292 -34.64 64.31 36.72
C ILE H 292 -33.53 63.50 36.07
N GLN H 293 -32.29 63.96 36.19
CA GLN H 293 -31.18 63.21 35.60
C GLN H 293 -30.59 62.25 36.62
N LEU H 294 -30.51 60.98 36.22
CA LEU H 294 -30.03 59.90 37.06
C LEU H 294 -28.58 59.58 36.75
N GLN H 295 -27.73 59.62 37.78
CA GLN H 295 -26.35 59.25 37.60
C GLN H 295 -25.92 58.19 38.59
N ALA H 296 -25.15 57.22 38.12
CA ALA H 296 -24.58 56.20 38.99
C ALA H 296 -23.16 55.91 38.59
N LEU H 297 -22.28 55.76 39.57
CA LEU H 297 -20.88 55.49 39.28
C LEU H 297 -20.52 54.10 39.79
N SER H 298 -19.82 53.33 38.96
CA SER H 298 -19.42 51.98 39.33
C SER H 298 -18.28 52.03 40.34
N LEU H 299 -17.87 50.86 40.83
CA LEU H 299 -16.66 50.77 41.63
C LEU H 299 -15.48 51.12 40.75
N PRO H 300 -14.38 51.59 41.36
CA PRO H 300 -13.19 51.89 40.56
C PRO H 300 -12.69 50.66 39.81
N LEU H 301 -12.24 50.85 38.58
CA LEU H 301 -11.69 49.75 37.80
C LEU H 301 -10.42 50.16 37.08
N VAL H 302 -9.55 49.19 36.82
CA VAL H 302 -8.29 49.43 36.12
C VAL H 302 -8.34 48.84 34.72
N VAL H 303 -8.11 49.69 33.72
CA VAL H 303 -8.12 49.25 32.33
C VAL H 303 -6.76 48.68 31.94
N ILE H 304 -6.77 47.51 31.31
CA ILE H 304 -5.54 46.88 30.83
C ILE H 304 -5.65 46.52 29.35
N VAL H 305 -4.52 46.22 28.72
CA VAL H 305 -4.50 45.90 27.30
C VAL H 305 -3.84 44.55 27.01
N HIS H 306 -3.44 43.85 28.07
CA HIS H 306 -2.81 42.53 27.93
C HIS H 306 -2.83 41.82 29.28
N GLY H 307 -2.82 40.48 29.24
CA GLY H 307 -2.91 39.69 30.46
C GLY H 307 -1.81 39.94 31.48
N ASN H 308 -0.62 40.28 31.00
CA ASN H 308 0.54 40.47 31.87
C ASN H 308 0.33 41.59 32.88
N GLN H 309 -0.48 42.58 32.53
CA GLN H 309 -0.74 43.71 33.40
C GLN H 309 -1.68 43.34 34.55
N ASP H 310 -2.42 42.24 34.37
CA ASP H 310 -3.46 41.84 35.32
C ASP H 310 -2.92 41.74 36.73
N ASN H 311 -1.76 41.12 36.86
CA ASN H 311 -1.19 40.82 38.15
C ASN H 311 -0.85 42.09 38.92
N ASN H 312 -0.58 43.18 38.20
CA ASN H 312 -0.40 44.46 38.86
C ASN H 312 -1.73 45.13 39.14
N ALA H 313 -2.64 45.03 38.17
CA ALA H 313 -3.91 45.74 38.25
C ALA H 313 -4.67 45.35 39.50
N LYS H 314 -4.70 44.05 39.78
CA LYS H 314 -5.42 43.52 40.93
C LYS H 314 -4.96 44.24 42.20
N ALA H 315 -3.65 44.42 42.32
CA ALA H 315 -3.09 45.05 43.52
C ALA H 315 -3.77 46.38 43.74
N THR H 316 -3.81 47.19 42.69
CA THR H 316 -4.40 48.52 42.78
C THR H 316 -5.82 48.36 43.30
N ILE H 317 -6.58 47.50 42.64
CA ILE H 317 -7.97 47.30 42.99
C ILE H 317 -8.04 46.79 44.41
N LEU H 318 -7.15 45.85 44.73
CA LEU H 318 -7.09 45.26 46.06
C LEU H 318 -6.92 46.36 47.10
N TRP H 319 -6.03 47.30 46.80
CA TRP H 319 -5.79 48.41 47.71
C TRP H 319 -7.03 49.28 47.84
N ASP H 320 -7.70 49.53 46.72
CA ASP H 320 -8.84 50.46 46.73
C ASP H 320 -10.11 49.88 47.33
N ASN H 321 -10.37 48.60 47.08
CA ASN H 321 -11.59 47.97 47.59
C ASN H 321 -11.60 47.96 49.11
N ALA H 322 -10.45 47.62 49.70
CA ALA H 322 -10.27 47.80 51.13
C ALA H 322 -9.74 49.21 51.39
N PHE H 323 -9.45 49.53 52.65
CA PHE H 323 -8.78 50.78 53.02
C PHE H 323 -9.49 52.06 52.54
N SER H 324 -10.70 51.93 52.01
CA SER H 324 -11.40 53.12 51.49
C SER H 324 -12.58 53.53 52.36
N GLU H 325 -12.63 54.82 52.70
CA GLU H 325 -13.71 55.36 53.50
C GLU H 325 -15.02 55.37 52.72
N MET H 326 -16.14 55.43 53.43
CA MET H 326 -17.44 55.32 52.79
C MET H 326 -17.78 56.56 51.97
N ASP H 327 -17.41 57.72 52.47
CA ASP H 327 -17.52 58.94 51.68
C ASP H 327 -16.16 59.55 51.38
N ARG H 328 -15.85 59.65 50.09
CA ARG H 328 -14.53 60.05 49.64
C ARG H 328 -14.60 60.75 48.30
N VAL H 329 -13.59 61.55 47.99
CA VAL H 329 -13.47 62.15 46.66
C VAL H 329 -12.84 61.12 45.73
N PRO H 330 -13.55 60.78 44.65
CA PRO H 330 -13.09 59.73 43.73
C PRO H 330 -11.76 60.08 43.07
N PHE H 331 -10.76 59.20 43.23
CA PHE H 331 -10.89 58.00 44.06
C PHE H 331 -9.78 57.93 45.09
N VAL H 332 -9.85 58.77 46.13
CA VAL H 332 -8.77 58.86 47.09
C VAL H 332 -8.77 57.71 48.09
N VAL H 333 -7.58 57.18 48.35
CA VAL H 333 -7.39 56.12 49.34
C VAL H 333 -6.07 56.38 50.08
N ALA H 334 -5.97 55.90 51.31
CA ALA H 334 -4.77 56.10 52.12
C ALA H 334 -3.53 55.54 51.45
N GLU H 335 -2.41 56.24 51.60
CA GLU H 335 -1.15 55.81 51.04
C GLU H 335 -0.47 54.83 52.00
N ARG H 336 -0.74 55.01 53.29
CA ARG H 336 -0.16 54.17 54.32
C ARG H 336 -1.25 53.64 55.25
N VAL H 337 -1.12 52.39 55.68
CA VAL H 337 -2.13 51.74 56.52
C VAL H 337 -1.50 50.79 57.56
N PRO H 338 -2.20 50.53 58.68
CA PRO H 338 -1.75 49.55 59.67
C PRO H 338 -1.51 48.15 59.08
N TRP H 339 -0.50 47.46 59.58
CA TRP H 339 -0.09 46.17 59.05
C TRP H 339 -1.12 45.05 59.23
N GLU H 340 -1.86 45.08 60.33
CA GLU H 340 -2.82 44.01 60.61
C GLU H 340 -4.07 44.14 59.75
N LYS H 341 -4.30 45.34 59.24
CA LYS H 341 -5.37 45.59 58.30
C LYS H 341 -5.01 44.85 57.03
N MET H 342 -3.75 44.98 56.65
CA MET H 342 -3.20 44.34 55.48
C MET H 342 -3.22 42.83 55.67
N CYS H 343 -3.00 42.39 56.90
CA CYS H 343 -3.02 40.96 57.21
C CYS H 343 -4.41 40.37 57.05
N GLU H 344 -5.42 41.10 57.49
CA GLU H 344 -6.80 40.61 57.36
C GLU H 344 -7.24 40.64 55.91
N THR H 345 -6.72 41.63 55.17
CA THR H 345 -7.04 41.73 53.75
C THR H 345 -6.43 40.53 53.01
N LEU H 346 -5.18 40.23 53.31
CA LEU H 346 -4.50 39.08 52.71
C LEU H 346 -5.15 37.76 53.08
N ASN H 347 -5.58 37.63 54.33
CA ASN H 347 -6.23 36.40 54.76
C ASN H 347 -7.56 36.22 54.03
N LEU H 348 -8.34 37.29 53.95
CA LEU H 348 -9.64 37.24 53.28
C LEU H 348 -9.49 36.90 51.79
N LYS H 349 -8.61 37.63 51.11
CA LYS H 349 -8.35 37.42 49.69
C LYS H 349 -7.85 36.00 49.44
N PHE H 350 -6.94 35.53 50.29
CA PHE H 350 -6.41 34.19 50.17
C PHE H 350 -7.53 33.15 50.27
N MET H 351 -8.31 33.22 51.34
CA MET H 351 -9.37 32.23 51.57
C MET H 351 -10.41 32.23 50.46
N ALA H 352 -10.83 33.43 50.05
CA ALA H 352 -11.86 33.53 49.02
C ALA H 352 -11.35 33.09 47.64
N GLU H 353 -10.16 33.54 47.26
CA GLU H 353 -9.61 33.24 45.94
C GLU H 353 -9.22 31.77 45.78
N VAL H 354 -8.53 31.24 46.78
CA VAL H 354 -8.12 29.83 46.74
C VAL H 354 -9.35 28.93 46.90
N GLY H 355 -10.24 29.31 47.81
CA GLY H 355 -11.46 28.57 48.02
C GLY H 355 -11.42 27.63 49.21
N THR H 356 -10.88 28.13 50.33
CA THR H 356 -10.82 27.33 51.54
C THR H 356 -11.26 28.13 52.76
N ASN H 357 -11.66 27.42 53.81
CA ASN H 357 -12.04 28.08 55.06
C ASN H 357 -10.85 28.07 56.02
N ARG H 358 -9.81 27.35 55.63
CA ARG H 358 -8.59 27.28 56.41
C ARG H 358 -7.66 28.41 56.01
N GLY H 359 -7.69 29.49 56.80
CA GLY H 359 -6.93 30.69 56.48
C GLY H 359 -5.50 30.68 56.94
N LEU H 360 -4.86 31.85 56.88
CA LEU H 360 -3.48 32.00 57.31
C LEU H 360 -3.37 32.03 58.82
N LEU H 361 -2.19 31.71 59.32
CA LEU H 361 -1.94 31.67 60.76
C LEU H 361 -1.00 32.79 61.17
N PRO H 362 -0.95 33.13 62.48
CA PRO H 362 -0.10 34.23 62.95
C PRO H 362 1.37 34.12 62.51
N GLU H 363 1.91 32.90 62.54
CA GLU H 363 3.28 32.69 62.10
C GLU H 363 3.47 33.09 60.65
N HIS H 364 2.50 32.71 59.81
CA HIS H 364 2.52 33.07 58.40
C HIS H 364 2.60 34.58 58.25
N PHE H 365 1.79 35.28 59.02
CA PHE H 365 1.79 36.73 58.99
C PHE H 365 3.13 37.30 59.45
N LEU H 366 3.80 36.59 60.36
CA LEU H 366 5.10 37.04 60.84
C LEU H 366 6.15 36.93 59.73
N PHE H 367 6.19 35.76 59.08
CA PHE H 367 7.18 35.51 58.04
C PHE H 367 6.89 36.35 56.80
N LEU H 368 5.62 36.72 56.63
CA LEU H 368 5.23 37.68 55.59
C LEU H 368 5.75 39.06 55.94
N ALA H 369 5.56 39.44 57.20
CA ALA H 369 5.97 40.74 57.71
C ALA H 369 7.46 40.98 57.50
N GLN H 370 8.30 40.05 57.93
CA GLN H 370 9.73 40.21 57.73
C GLN H 370 10.05 40.32 56.23
N LYS H 371 9.33 39.57 55.41
CA LYS H 371 9.55 39.57 53.97
C LYS H 371 9.31 40.96 53.38
N ILE H 372 8.17 41.56 53.68
CA ILE H 372 7.84 42.85 53.09
C ILE H 372 8.70 43.97 53.71
N PHE H 373 9.07 43.81 54.98
CA PHE H 373 9.80 44.86 55.69
C PHE H 373 11.32 44.74 55.60
N ASN H 374 11.80 43.61 55.10
CA ASN H 374 13.23 43.31 55.02
C ASN H 374 13.86 43.30 56.42
N ASP H 375 13.10 42.79 57.39
CA ASP H 375 13.53 42.72 58.78
C ASP H 375 13.76 41.26 59.16
N ASN H 376 14.26 41.00 60.37
CA ASN H 376 14.48 39.61 60.79
C ASN H 376 14.21 39.41 62.29
N SER H 377 13.18 40.09 62.80
CA SER H 377 12.74 39.91 64.18
C SER H 377 11.83 38.68 64.32
N LEU H 378 11.96 37.97 65.42
CA LEU H 378 11.18 36.74 65.61
C LEU H 378 10.06 36.95 66.63
N SER H 379 9.74 38.20 66.88
CA SER H 379 8.64 38.54 67.79
C SER H 379 7.55 39.21 66.97
N MET H 380 6.38 38.58 66.96
CA MET H 380 5.28 39.01 66.09
C MET H 380 4.70 40.38 66.43
N GLU H 381 4.87 40.83 67.66
CA GLU H 381 4.17 42.03 68.12
C GLU H 381 4.84 43.34 67.73
N ALA H 382 6.15 43.31 67.48
CA ALA H 382 6.84 44.51 67.03
C ALA H 382 6.27 44.97 65.69
N PHE H 383 6.03 44.02 64.79
CA PHE H 383 5.48 44.32 63.47
C PHE H 383 4.08 44.90 63.53
N GLN H 384 3.33 44.55 64.58
CA GLN H 384 1.91 44.87 64.66
C GLN H 384 1.67 46.37 64.61
N HIS H 385 2.59 47.14 65.21
CA HIS H 385 2.46 48.57 65.25
C HIS H 385 3.23 49.25 64.11
N ARG H 386 3.71 48.45 63.17
CA ARG H 386 4.35 48.99 61.97
C ARG H 386 3.25 49.36 60.99
N SER H 387 3.59 50.23 60.03
CA SER H 387 2.65 50.56 58.97
C SER H 387 3.24 50.21 57.60
N VAL H 388 2.37 49.82 56.68
CA VAL H 388 2.79 49.46 55.33
C VAL H 388 2.20 50.45 54.33
N SER H 389 3.01 50.84 53.35
CA SER H 389 2.57 51.81 52.35
C SER H 389 2.35 51.11 51.02
N TRP H 390 1.65 51.80 50.12
CA TRP H 390 1.39 51.27 48.78
C TRP H 390 2.70 50.95 48.07
N SER H 391 3.69 51.81 48.28
CA SER H 391 5.01 51.65 47.69
C SER H 391 5.65 50.35 48.18
N GLN H 392 5.58 50.13 49.49
CA GLN H 392 6.07 48.91 50.10
C GLN H 392 5.34 47.70 49.53
N PHE H 393 4.04 47.85 49.31
CA PHE H 393 3.20 46.76 48.85
C PHE H 393 3.49 46.30 47.43
N ASN H 394 3.43 47.21 46.46
CA ASN H 394 3.56 46.78 45.07
C ASN H 394 4.42 47.69 44.19
N LYS H 395 5.16 48.62 44.78
CA LYS H 395 5.99 49.49 43.97
C LYS H 395 7.47 49.44 44.33
N GLU H 396 7.81 48.69 45.38
CA GLU H 396 9.21 48.54 45.76
C GLU H 396 9.66 47.08 45.63
N ILE H 397 10.84 46.90 45.06
CA ILE H 397 11.39 45.58 44.78
C ILE H 397 11.99 44.92 46.03
N LEU H 398 11.71 43.63 46.22
CA LEU H 398 12.21 42.89 47.36
C LEU H 398 13.72 42.73 47.26
N LEU H 399 14.41 42.65 48.38
CA LEU H 399 15.87 42.63 48.38
C LEU H 399 16.37 41.27 47.90
N GLY H 400 17.21 41.30 46.87
CA GLY H 400 17.82 40.09 46.34
C GLY H 400 17.01 39.51 45.19
N ARG H 401 15.85 40.09 44.94
CA ARG H 401 14.88 39.53 44.00
C ARG H 401 14.44 40.56 42.95
N GLY H 402 13.66 40.11 41.99
CA GLY H 402 13.25 40.95 40.87
C GLY H 402 11.79 41.35 40.83
N PHE H 403 11.05 41.05 41.90
CA PHE H 403 9.62 41.30 41.91
C PHE H 403 9.18 42.02 43.18
N THR H 404 7.96 42.57 43.16
CA THR H 404 7.41 43.22 44.32
C THR H 404 6.84 42.19 45.28
N PHE H 405 6.49 42.63 46.48
CA PHE H 405 5.85 41.77 47.47
C PHE H 405 4.56 41.18 46.91
N TRP H 406 3.69 42.06 46.44
CA TRP H 406 2.39 41.65 45.92
C TRP H 406 2.50 40.67 44.77
N GLN H 407 3.44 40.91 43.86
CA GLN H 407 3.60 40.02 42.71
C GLN H 407 3.91 38.60 43.16
N TRP H 408 4.76 38.49 44.17
CA TRP H 408 5.12 37.20 44.74
C TRP H 408 3.92 36.54 45.40
N PHE H 409 3.21 37.33 46.20
CA PHE H 409 2.06 36.83 46.95
C PHE H 409 0.96 36.33 46.01
N ASP H 410 0.65 37.13 45.00
CA ASP H 410 -0.34 36.77 43.99
C ASP H 410 0.09 35.54 43.21
N GLY H 411 1.39 35.43 42.94
CA GLY H 411 1.91 34.23 42.30
C GLY H 411 1.58 33.01 43.13
N VAL H 412 1.79 33.15 44.44
CA VAL H 412 1.47 32.08 45.37
C VAL H 412 -0.04 31.79 45.36
N LEU H 413 -0.84 32.84 45.26
CA LEU H 413 -2.30 32.72 45.17
C LEU H 413 -2.69 31.86 43.98
N ASP H 414 -2.09 32.15 42.84
CA ASP H 414 -2.37 31.43 41.60
C ASP H 414 -2.01 29.96 41.77
N LEU H 415 -0.77 29.71 42.19
CA LEU H 415 -0.30 28.34 42.36
C LEU H 415 -1.20 27.53 43.29
N THR H 416 -1.49 28.10 44.46
CA THR H 416 -2.28 27.43 45.48
C THR H 416 -3.71 27.20 45.01
N LYS H 417 -4.25 28.17 44.27
CA LYS H 417 -5.61 28.02 43.75
C LYS H 417 -5.69 26.87 42.76
N ARG H 418 -4.84 26.91 41.74
CA ARG H 418 -4.92 25.91 40.69
C ARG H 418 -4.49 24.50 41.11
N CYS H 419 -3.40 24.38 41.87
CA CYS H 419 -2.85 23.04 42.14
C CYS H 419 -2.76 22.59 43.59
N LEU H 420 -3.05 23.47 44.55
CA LEU H 420 -2.79 23.14 45.96
C LEU H 420 -3.95 23.33 46.94
N ARG H 421 -5.19 23.36 46.44
CA ARG H 421 -6.33 23.66 47.32
C ARG H 421 -6.62 22.53 48.31
N SER H 422 -6.68 21.30 47.81
CA SER H 422 -6.91 20.15 48.66
C SER H 422 -5.76 19.94 49.63
N TYR H 423 -4.54 20.12 49.12
CA TYR H 423 -3.34 19.99 49.94
C TYR H 423 -3.35 20.99 51.08
N TRP H 424 -3.75 22.23 50.76
CA TRP H 424 -3.76 23.30 51.75
C TRP H 424 -4.84 23.10 52.81
N SER H 425 -6.04 22.71 52.40
CA SER H 425 -7.13 22.54 53.35
C SER H 425 -6.84 21.40 54.30
N ASP H 426 -6.11 20.40 53.82
CA ASP H 426 -5.69 19.29 54.64
C ASP H 426 -4.59 19.70 55.62
N ARG H 427 -4.10 20.93 55.48
CA ARG H 427 -3.09 21.52 56.35
C ARG H 427 -1.73 20.84 56.16
N LEU H 428 -1.52 20.31 54.95
CA LEU H 428 -0.27 19.63 54.61
C LEU H 428 0.85 20.61 54.30
N ILE H 429 0.47 21.85 54.00
CA ILE H 429 1.45 22.85 53.58
C ILE H 429 1.70 23.86 54.68
N ILE H 430 2.96 23.93 55.12
CA ILE H 430 3.35 24.94 56.09
C ILE H 430 3.41 26.28 55.37
N GLY H 431 3.95 26.25 54.16
CA GLY H 431 3.91 27.38 53.24
C GLY H 431 4.77 28.59 53.52
N PHE H 432 4.33 29.43 54.46
CA PHE H 432 4.98 30.73 54.68
C PHE H 432 6.02 30.66 55.79
N ILE H 433 7.24 30.24 55.45
CA ILE H 433 8.31 30.04 56.42
C ILE H 433 9.67 30.38 55.82
N SER H 434 10.47 31.16 56.55
CA SER H 434 11.86 31.38 56.15
C SER H 434 12.57 30.04 56.28
N LYS H 435 13.53 29.76 55.40
CA LYS H 435 14.20 28.45 55.46
C LYS H 435 15.09 28.32 56.69
N GLN H 436 15.27 29.41 57.43
CA GLN H 436 16.08 29.38 58.65
C GLN H 436 15.29 28.70 59.77
N TYR H 437 14.01 29.07 59.88
CA TYR H 437 13.12 28.44 60.84
C TYR H 437 12.96 26.98 60.45
N VAL H 438 13.00 26.73 59.14
CA VAL H 438 12.98 25.38 58.58
C VAL H 438 14.19 24.60 59.09
N THR H 439 15.37 25.23 59.05
CA THR H 439 16.58 24.59 59.57
C THR H 439 16.41 24.25 61.04
N SER H 440 15.96 25.23 61.80
CA SER H 440 15.73 25.05 63.24
C SER H 440 14.82 23.85 63.52
N LEU H 441 13.72 23.78 62.81
CA LEU H 441 12.75 22.69 63.00
C LEU H 441 13.31 21.34 62.57
N LEU H 442 13.89 21.29 61.38
CA LEU H 442 14.24 20.02 60.74
C LEU H 442 15.52 19.40 61.26
N LEU H 443 16.43 20.22 61.78
CA LEU H 443 17.72 19.72 62.25
C LEU H 443 17.56 18.70 63.38
N ASN H 444 16.56 18.91 64.24
CA ASN H 444 16.35 18.02 65.39
C ASN H 444 15.43 16.84 65.05
N GLU H 445 15.11 16.68 63.77
CA GLU H 445 14.18 15.64 63.32
C GLU H 445 14.92 14.44 62.73
N PRO H 446 14.28 13.26 62.79
CA PRO H 446 14.83 12.01 62.24
C PRO H 446 15.08 12.07 60.73
N ASP H 447 15.83 11.11 60.22
CA ASP H 447 16.13 11.05 58.79
C ASP H 447 14.87 10.81 57.95
N GLY H 448 14.62 11.68 56.98
CA GLY H 448 13.49 11.53 56.09
C GLY H 448 12.28 12.37 56.42
N THR H 449 12.37 13.19 57.47
CA THR H 449 11.31 14.13 57.80
C THR H 449 11.36 15.33 56.86
N PHE H 450 10.21 15.74 56.34
CA PHE H 450 10.18 16.85 55.38
C PHE H 450 9.01 17.80 55.60
N LEU H 451 9.10 18.96 54.95
CA LEU H 451 8.03 19.95 54.96
C LEU H 451 8.00 20.72 53.64
N LEU H 452 6.87 21.34 53.36
CA LEU H 452 6.67 22.03 52.08
C LEU H 452 6.58 23.53 52.27
N ARG H 453 7.39 24.27 51.50
CA ARG H 453 7.49 25.71 51.66
C ARG H 453 7.33 26.43 50.32
N PHE H 454 6.75 27.63 50.31
CA PHE H 454 6.69 28.37 49.06
C PHE H 454 8.05 28.97 48.75
N SER H 455 8.46 28.88 47.48
CA SER H 455 9.76 29.38 47.06
C SER H 455 9.82 30.89 47.08
N ASP H 456 10.88 31.42 47.67
CA ASP H 456 11.07 32.86 47.77
C ASP H 456 11.82 33.42 46.55
N SER H 457 12.58 32.55 45.87
CA SER H 457 13.35 32.99 44.72
C SER H 457 12.47 33.24 43.49
N GLU H 458 11.59 32.31 43.19
CA GLU H 458 10.72 32.42 42.01
C GLU H 458 9.27 32.65 42.40
N ILE H 459 8.48 33.11 41.43
CA ILE H 459 7.06 33.38 41.63
C ILE H 459 6.20 32.16 41.31
N GLY H 460 5.31 31.81 42.24
CA GLY H 460 4.40 30.70 42.05
C GLY H 460 5.10 29.35 42.05
N GLY H 461 5.92 29.11 43.07
CA GLY H 461 6.64 27.86 43.17
C GLY H 461 6.62 27.31 44.58
N ILE H 462 6.72 25.99 44.69
CA ILE H 462 6.74 25.33 45.98
C ILE H 462 7.87 24.29 46.03
N THR H 463 8.56 24.26 47.17
CA THR H 463 9.75 23.46 47.33
C THR H 463 9.64 22.50 48.51
N ILE H 464 10.22 21.32 48.31
CA ILE H 464 10.34 20.31 49.36
C ILE H 464 11.63 20.47 50.15
N ALA H 465 11.52 20.63 51.46
CA ALA H 465 12.70 20.70 52.32
C ALA H 465 12.75 19.48 53.24
N HIS H 466 13.81 18.69 53.14
CA HIS H 466 13.88 17.47 53.95
C HIS H 466 15.26 17.27 54.55
N VAL H 467 15.37 16.40 55.54
CA VAL H 467 16.64 16.21 56.22
C VAL H 467 17.22 14.81 55.96
N ILE H 468 18.51 14.77 55.63
CA ILE H 468 19.20 13.51 55.42
C ILE H 468 20.39 13.35 56.36
N GLY H 473 27.91 10.51 57.47
CA GLY H 473 27.69 11.69 56.65
C GLY H 473 27.14 12.86 57.45
N SER H 474 26.61 12.55 58.63
CA SER H 474 26.05 13.56 59.53
C SER H 474 24.64 13.95 59.13
N PRO H 475 24.02 14.91 59.95
CA PRO H 475 22.68 15.28 59.49
C PRO H 475 22.62 16.64 58.79
N GLN H 476 22.02 16.67 57.61
CA GLN H 476 21.89 17.91 56.85
C GLN H 476 20.48 18.06 56.30
N ILE H 477 20.25 19.09 55.50
CA ILE H 477 18.95 19.33 54.91
C ILE H 477 19.06 19.77 53.45
N GLU H 478 18.21 19.17 52.64
CA GLU H 478 18.18 19.35 51.19
C GLU H 478 16.92 20.09 50.75
N ASN H 479 17.14 21.11 49.92
CA ASN H 479 16.09 21.91 49.32
C ASN H 479 15.91 21.56 47.85
N ILE H 480 14.73 21.02 47.52
CA ILE H 480 14.45 20.55 46.16
C ILE H 480 13.96 21.72 45.30
N GLN H 481 14.35 21.70 44.02
CA GLN H 481 13.93 22.71 43.06
C GLN H 481 12.42 22.94 43.08
N PRO H 482 11.99 24.20 43.13
CA PRO H 482 10.58 24.57 43.27
C PRO H 482 9.70 24.07 42.11
N PHE H 483 8.51 23.58 42.44
CA PHE H 483 7.56 23.14 41.43
C PHE H 483 6.69 24.31 40.96
N SER H 484 6.69 24.53 39.65
CA SER H 484 5.77 25.52 39.08
C SER H 484 4.40 24.88 38.89
N ALA H 485 3.41 25.71 38.55
CA ALA H 485 2.07 25.21 38.28
C ALA H 485 2.10 24.24 37.11
N LYS H 486 2.97 24.53 36.14
CA LYS H 486 3.19 23.66 35.01
C LYS H 486 3.68 22.29 35.47
N ASP H 487 4.69 22.30 36.34
CA ASP H 487 5.29 21.08 36.85
C ASP H 487 4.26 20.21 37.57
N LEU H 488 3.41 20.85 38.35
CA LEU H 488 2.37 20.14 39.10
C LEU H 488 1.24 19.68 38.19
N SER H 489 1.08 20.38 37.06
CA SER H 489 0.10 19.96 36.05
C SER H 489 0.59 18.70 35.35
N ILE H 490 1.90 18.61 35.16
CA ILE H 490 2.50 17.43 34.54
C ILE H 490 2.39 16.22 35.48
N ARG H 491 2.73 16.44 36.74
CA ARG H 491 2.56 15.43 37.79
C ARG H 491 2.24 16.12 39.10
N SER H 492 1.09 15.77 39.68
CA SER H 492 0.61 16.46 40.87
C SER H 492 1.61 16.33 42.01
N LEU H 493 1.53 17.26 42.96
CA LEU H 493 2.42 17.28 44.10
C LEU H 493 2.35 15.98 44.92
N GLY H 494 1.16 15.42 45.08
CA GLY H 494 0.98 14.20 45.85
C GLY H 494 1.77 12.99 45.36
N ASP H 495 1.54 12.60 44.10
CA ASP H 495 2.24 11.45 43.54
C ASP H 495 3.72 11.76 43.40
N ARG H 496 4.04 13.04 43.20
CA ARG H 496 5.43 13.46 43.18
C ARG H 496 6.08 13.08 44.51
N ILE H 497 5.39 13.40 45.61
CA ILE H 497 5.89 13.08 46.94
C ILE H 497 5.94 11.56 47.14
N ARG H 498 4.96 10.85 46.60
CA ARG H 498 4.94 9.40 46.71
C ARG H 498 6.15 8.77 46.01
N ASP H 499 6.57 9.41 44.93
CA ASP H 499 7.70 8.92 44.14
C ASP H 499 8.96 8.89 44.97
N LEU H 500 9.17 9.94 45.78
CA LEU H 500 10.36 10.02 46.62
C LEU H 500 10.19 9.13 47.84
N ALA H 501 10.87 7.99 47.84
CA ALA H 501 10.83 7.05 48.95
C ALA H 501 11.69 7.54 50.12
N GLN H 502 12.63 8.43 49.84
CA GLN H 502 13.53 8.96 50.86
C GLN H 502 12.76 9.81 51.86
N LEU H 503 11.62 10.33 51.41
CA LEU H 503 10.73 11.09 52.28
C LEU H 503 9.87 10.12 53.10
N LYS H 504 10.07 10.07 54.41
CA LYS H 504 9.34 9.10 55.23
C LYS H 504 8.20 9.74 56.03
N ASN H 505 8.42 10.93 56.55
CA ASN H 505 7.45 11.55 57.45
C ASN H 505 7.22 13.04 57.20
N LEU H 506 5.95 13.43 57.16
CA LEU H 506 5.61 14.83 57.06
C LEU H 506 5.63 15.47 58.45
N TYR H 507 6.27 16.63 58.55
CA TYR H 507 6.44 17.31 59.83
C TYR H 507 5.09 17.73 60.41
N PRO H 508 4.89 17.48 61.71
CA PRO H 508 5.79 16.73 62.59
C PRO H 508 5.36 15.27 62.83
N LYS H 509 6.29 14.33 62.71
CA LYS H 509 6.04 12.92 62.99
C LYS H 509 4.77 12.34 62.36
N LYS H 510 4.37 12.82 61.20
CA LYS H 510 3.21 12.25 60.53
C LYS H 510 3.59 11.45 59.29
N PRO H 511 3.10 10.21 59.20
CA PRO H 511 3.38 9.33 58.05
C PRO H 511 2.83 9.89 56.75
N LYS H 512 3.67 9.92 55.73
CA LYS H 512 3.29 10.47 54.43
C LYS H 512 2.23 9.63 53.72
N ASP H 513 2.22 8.33 53.97
CA ASP H 513 1.35 7.43 53.21
C ASP H 513 -0.06 7.36 53.78
N GLU H 514 -0.32 8.16 54.81
CA GLU H 514 -1.65 8.25 55.38
C GLU H 514 -2.30 9.59 55.02
N ALA H 515 -1.51 10.65 55.11
CA ALA H 515 -1.99 12.00 54.86
C ALA H 515 -1.94 12.35 53.38
N PHE H 516 -1.56 11.38 52.55
CA PHE H 516 -1.47 11.60 51.11
C PHE H 516 -2.15 10.49 50.32
N ARG H 517 -2.91 9.64 51.00
CA ARG H 517 -3.56 8.49 50.36
C ARG H 517 -4.63 8.95 49.38
N SER H 518 -5.24 10.08 49.69
CA SER H 518 -6.32 10.57 48.87
C SER H 518 -5.82 11.33 47.62
N HIS H 519 -4.63 11.92 47.69
CA HIS H 519 -4.07 12.66 46.56
C HIS H 519 -3.41 11.72 45.56
N TYR H 520 -2.95 10.57 46.05
CA TYR H 520 -2.41 9.53 45.18
C TYR H 520 -3.47 9.06 44.17
N LYS H 521 -3.07 8.76 42.93
CA LYS H 521 -3.98 8.17 41.95
C LYS H 521 -3.65 6.71 41.73
N PRO H 522 -4.69 5.86 41.67
CA PRO H 522 -4.59 4.41 41.54
C PRO H 522 -3.96 3.99 40.22
N GLU H 523 -3.03 3.04 40.25
CA GLU H 523 -2.37 2.62 39.02
C GLU H 523 -3.30 1.87 38.05
N GLN H 524 -3.20 2.23 36.78
CA GLN H 524 -3.94 1.57 35.70
C GLN H 524 -3.10 0.52 34.99
N MET H 525 -2.60 -0.48 35.70
CA MET H 525 -1.74 -1.47 35.08
C MET H 525 -2.55 -2.39 34.15
N GLY H 526 -1.90 -2.82 33.07
CA GLY H 526 -2.56 -3.63 32.06
C GLY H 526 -2.40 -3.05 30.66
N GLY H 529 -3.67 -1.81 28.11
CA GLY H 529 -4.81 -2.33 27.37
C GLY H 529 -5.80 -1.26 27.00
N ARG H 530 -6.21 -1.20 25.74
CA ARG H 530 -5.94 -2.23 24.72
C ARG H 530 -5.41 -1.67 23.41
N GLY H 531 -4.24 -2.14 22.98
CA GLY H 531 -3.58 -3.27 23.62
C GLY H 531 -2.20 -2.93 24.10
N VAL H 533 0.62 -1.50 27.04
CA VAL H 533 0.97 -1.35 28.45
C VAL H 533 1.18 0.14 28.73
N PRO H 534 0.61 0.64 29.83
CA PRO H 534 0.77 2.08 30.07
C PRO H 534 2.17 2.43 30.57
N ALA H 535 2.70 3.55 30.09
CA ALA H 535 3.97 4.07 30.56
C ALA H 535 3.73 5.31 31.41
N THR H 536 4.24 5.29 32.63
CA THR H 536 4.02 6.39 33.57
C THR H 536 5.33 7.15 33.78
N ILE H 537 5.22 8.39 34.24
CA ILE H 537 6.41 9.20 34.51
C ILE H 537 6.59 9.34 36.01
N LYS H 538 7.83 9.19 36.47
CA LYS H 538 8.11 9.36 37.89
C LYS H 538 9.19 10.42 38.11
N MET H 539 9.08 11.11 39.24
CA MET H 539 10.09 12.08 39.63
C MET H 539 11.18 11.42 40.46
N THR H 540 12.43 11.77 40.21
CA THR H 540 13.54 11.26 41.01
C THR H 540 14.60 12.34 41.20
N VAL H 541 15.24 12.33 42.38
CA VAL H 541 16.31 13.27 42.67
C VAL H 541 17.40 12.66 43.55
N GLU H 542 18.66 12.93 43.19
CA GLU H 542 19.82 12.53 43.99
C GLU H 542 21.10 13.05 43.34
#